data_5DXA
#
_entry.id   5DXA
#
_cell.length_a   75.179
_cell.length_b   98.693
_cell.length_c   207.483
_cell.angle_alpha   90.000
_cell.angle_beta   90.000
_cell.angle_gamma   90.000
#
_symmetry.space_group_name_H-M   'P 21 21 2'
#
loop_
_entity.id
_entity.type
_entity.pdbx_description
1 polymer 'Histone-arginine methyltransferase CARM1'
2 polymer 'methylated PABP1 peptide'
3 non-polymer SINEFUNGIN
4 non-polymer GLYCEROL
5 water water
#
loop_
_entity_poly.entity_id
_entity_poly.type
_entity_poly.pdbx_seq_one_letter_code
_entity_poly.pdbx_strand_id
1 'polypeptide(L)'
;SIARSVFSERTEESSAVQYFQFYGYLSQQQNMMQDYVRTGTYQRAILQNHTDFKDKIVLDVGCGSGILSFFAAQAGARKI
YAVEASTMAQHAEVLVKSNNLTDRIVVIPGKVEEVSLPEQVDIIISEPMGYMLFNERMLESYLHAKKYLKPSGNMFPTIG
DVHLAPFTDEQLYMEQFTKANFWYQPSFHGVDLSALRGAAVDEYFRQPVVDTFDIRILMAKSVKYTVNFLEAKEGDLHRI
EIPFKFHMLHSGLVHGLAFWFDVAFIGSIMTVWLSTAPTEPLTHWYQVRCLFQSPLFAKAGDTLSGTCLLIANKRQSYDI
SIVAQVDQTGSKSSNLLDLKNPFFRYTGT
;
A,B,C,D
2 'polypeptide(L)' NMPGAI(DA2)PAAP(NMM)PPFSTM(NH2) F,G,I
#
loop_
_chem_comp.id
_chem_comp.type
_chem_comp.name
_chem_comp.formula
GOL non-polymer GLYCEROL 'C3 H8 O3'
NH2 non-polymer 'AMINO GROUP' 'H2 N'
SFG non-polymer SINEFUNGIN 'C15 H23 N7 O5'
#
# COMPACT_ATOMS: atom_id res chain seq x y z
N ARG A 4 -28.74 38.36 -10.73
CA ARG A 4 -28.29 37.30 -11.66
C ARG A 4 -28.53 35.90 -11.08
N SER A 5 -28.07 35.69 -9.85
CA SER A 5 -28.35 34.45 -9.10
C SER A 5 -28.45 34.84 -7.64
N VAL A 6 -29.36 34.22 -6.90
CA VAL A 6 -29.43 34.43 -5.46
C VAL A 6 -28.05 34.15 -4.80
N PHE A 7 -27.35 33.11 -5.26
CA PHE A 7 -26.06 32.74 -4.71
C PHE A 7 -25.01 33.82 -4.94
N SER A 8 -24.85 34.19 -6.21
CA SER A 8 -23.81 35.16 -6.57
C SER A 8 -24.09 36.54 -5.96
N GLU A 9 -25.36 36.83 -5.70
CA GLU A 9 -25.72 38.09 -5.04
C GLU A 9 -25.12 38.19 -3.64
N ARG A 10 -25.26 37.10 -2.88
CA ARG A 10 -24.85 37.06 -1.48
CA ARG A 10 -24.85 37.06 -1.48
C ARG A 10 -23.38 36.61 -1.30
N THR A 11 -22.67 36.39 -2.40
CA THR A 11 -21.33 35.79 -2.30
C THR A 11 -20.27 36.48 -3.16
N GLU A 12 -19.18 36.89 -2.54
CA GLU A 12 -18.02 37.38 -3.27
C GLU A 12 -17.41 36.24 -4.08
N GLU A 13 -17.18 36.49 -5.36
CA GLU A 13 -16.66 35.44 -6.26
C GLU A 13 -15.38 34.81 -5.70
N SER A 14 -14.54 35.64 -5.10
CA SER A 14 -13.27 35.17 -4.59
C SER A 14 -13.46 34.09 -3.52
N SER A 15 -14.42 34.31 -2.63
CA SER A 15 -14.77 33.35 -1.60
C SER A 15 -15.33 32.05 -2.23
N ALA A 16 -16.24 32.21 -3.18
CA ALA A 16 -16.89 31.07 -3.83
C ALA A 16 -15.90 30.19 -4.59
N VAL A 17 -14.97 30.82 -5.29
CA VAL A 17 -13.98 30.07 -6.04
C VAL A 17 -13.19 29.12 -5.12
N GLN A 18 -12.64 29.66 -4.04
CA GLN A 18 -11.93 28.87 -3.05
C GLN A 18 -12.79 27.77 -2.45
N TYR A 19 -13.99 28.18 -2.09
CA TYR A 19 -14.94 27.27 -1.44
C TYR A 19 -15.18 26.03 -2.30
N PHE A 20 -15.50 26.25 -3.56
CA PHE A 20 -15.78 25.12 -4.45
C PHE A 20 -14.52 24.37 -4.87
N GLN A 21 -13.38 25.06 -4.96
CA GLN A 21 -12.12 24.37 -5.17
C GLN A 21 -11.83 23.41 -4.03
N PHE A 22 -12.09 23.84 -2.82
CA PHE A 22 -11.85 23.00 -1.66
C PHE A 22 -12.68 21.72 -1.78
N TYR A 23 -13.98 21.88 -2.04
CA TYR A 23 -14.87 20.73 -2.13
C TYR A 23 -14.64 19.88 -3.39
N GLY A 24 -13.95 20.45 -4.38
CA GLY A 24 -13.52 19.70 -5.55
C GLY A 24 -12.50 18.61 -5.26
N TYR A 25 -11.84 18.65 -4.11
CA TYR A 25 -10.81 17.66 -3.81
C TYR A 25 -11.38 16.38 -3.25
N LEU A 26 -11.02 15.25 -3.86
CA LEU A 26 -11.39 13.94 -3.31
C LEU A 26 -10.98 13.77 -1.84
N SER A 27 -9.83 14.32 -1.45
CA SER A 27 -9.43 14.21 -0.04
C SER A 27 -10.36 14.91 0.92
N GLN A 28 -10.93 16.04 0.49
CA GLN A 28 -11.86 16.78 1.33
C GLN A 28 -13.23 16.11 1.43
N GLN A 29 -13.66 15.52 0.33
CA GLN A 29 -14.86 14.68 0.34
C GLN A 29 -14.62 13.48 1.23
N GLN A 30 -13.43 12.94 1.11
CA GLN A 30 -13.05 11.80 1.91
C GLN A 30 -12.99 12.11 3.38
N ASN A 31 -12.60 13.34 3.74
CA ASN A 31 -12.53 13.78 5.15
C ASN A 31 -13.91 13.73 5.83
N MET A 32 -14.94 14.17 5.10
CA MET A 32 -16.31 14.09 5.58
C MET A 32 -16.78 12.66 5.61
N MET A 33 -16.54 11.92 4.53
CA MET A 33 -17.00 10.55 4.43
C MET A 33 -16.54 9.69 5.57
N GLN A 34 -15.27 9.85 5.95
CA GLN A 34 -14.64 9.06 7.03
C GLN A 34 -15.08 9.44 8.42
N ASP A 35 -15.74 10.58 8.57
CA ASP A 35 -16.40 10.90 9.83
C ASP A 35 -17.53 9.87 9.98
N TYR A 36 -17.30 8.89 10.85
CA TYR A 36 -18.19 7.75 10.92
C TYR A 36 -19.52 8.10 11.58
N VAL A 37 -19.45 8.91 12.61
CA VAL A 37 -20.64 9.39 13.26
C VAL A 37 -21.51 10.14 12.24
N ARG A 38 -20.89 10.96 11.40
CA ARG A 38 -21.61 11.78 10.45
C ARG A 38 -22.28 10.89 9.39
N THR A 39 -21.45 10.11 8.71
CA THR A 39 -21.88 9.33 7.56
C THR A 39 -22.82 8.19 7.99
N GLY A 40 -22.50 7.56 9.10
CA GLY A 40 -23.25 6.46 9.64
C GLY A 40 -24.63 6.86 10.12
N THR A 41 -24.73 8.01 10.76
CA THR A 41 -26.03 8.52 11.20
C THR A 41 -26.91 8.93 10.01
N TYR A 42 -26.32 9.52 8.98
CA TYR A 42 -27.10 9.88 7.81
C TYR A 42 -27.71 8.60 7.19
N GLN A 43 -26.87 7.58 7.04
CA GLN A 43 -27.28 6.30 6.51
C GLN A 43 -28.42 5.70 7.35
N ARG A 44 -28.21 5.64 8.66
N ARG A 44 -28.22 5.68 8.66
CA ARG A 44 -29.22 5.11 9.57
CA ARG A 44 -29.21 5.11 9.56
C ARG A 44 -30.51 5.90 9.44
C ARG A 44 -30.52 5.90 9.56
N ALA A 45 -30.42 7.22 9.49
CA ALA A 45 -31.61 8.09 9.42
C ALA A 45 -32.47 7.81 8.20
N ILE A 46 -31.81 7.57 7.07
CA ILE A 46 -32.48 7.37 5.78
C ILE A 46 -33.09 5.94 5.69
N LEU A 47 -32.26 4.91 5.95
CA LEU A 47 -32.67 3.51 5.87
C LEU A 47 -33.73 3.14 6.90
N GLN A 48 -33.60 3.62 8.13
CA GLN A 48 -34.61 3.34 9.15
C GLN A 48 -35.91 4.10 8.93
N ASN A 49 -35.88 5.12 8.07
CA ASN A 49 -37.11 5.81 7.64
C ASN A 49 -37.38 5.52 6.16
N HIS A 50 -37.25 4.25 5.80
CA HIS A 50 -37.32 3.76 4.43
C HIS A 50 -38.63 4.12 3.72
N THR A 51 -39.68 4.37 4.49
CA THR A 51 -40.95 4.78 3.89
C THR A 51 -40.98 6.24 3.48
N ASP A 52 -40.06 7.05 3.99
CA ASP A 52 -39.96 8.42 3.49
C ASP A 52 -39.19 8.43 2.19
N PHE A 53 -38.62 7.31 1.83
CA PHE A 53 -37.81 7.20 0.61
C PHE A 53 -38.36 6.25 -0.47
N LYS A 54 -39.06 5.18 -0.05
CA LYS A 54 -39.52 4.16 -1.00
C LYS A 54 -40.35 4.72 -2.14
N ASP A 55 -39.87 4.51 -3.36
CA ASP A 55 -40.45 5.04 -4.61
C ASP A 55 -40.64 6.57 -4.65
N LYS A 56 -39.83 7.28 -3.89
CA LYS A 56 -39.97 8.73 -3.80
C LYS A 56 -39.01 9.44 -4.72
N ILE A 57 -39.30 10.72 -4.94
CA ILE A 57 -38.43 11.61 -5.67
C ILE A 57 -37.63 12.38 -4.61
N VAL A 58 -36.32 12.47 -4.81
CA VAL A 58 -35.39 13.02 -3.81
C VAL A 58 -34.47 14.05 -4.45
N LEU A 59 -34.21 15.15 -3.73
CA LEU A 59 -33.15 16.10 -4.07
C LEU A 59 -32.02 16.04 -3.01
N ASP A 60 -30.78 15.88 -3.47
CA ASP A 60 -29.59 15.87 -2.60
C ASP A 60 -28.86 17.17 -2.87
N VAL A 61 -28.88 18.09 -1.91
CA VAL A 61 -28.34 19.43 -2.13
C VAL A 61 -26.87 19.41 -1.77
N GLY A 62 -26.01 19.55 -2.80
CA GLY A 62 -24.57 19.47 -2.55
C GLY A 62 -24.13 18.04 -2.29
N CYS A 63 -24.28 17.20 -3.31
CA CYS A 63 -24.14 15.77 -3.16
C CYS A 63 -22.70 15.30 -2.94
N GLY A 64 -21.73 16.12 -3.37
CA GLY A 64 -20.32 15.78 -3.22
C GLY A 64 -20.10 14.48 -3.97
N SER A 65 -19.59 13.46 -3.27
CA SER A 65 -19.30 12.16 -3.88
C SER A 65 -20.55 11.47 -4.44
N GLY A 66 -21.68 11.76 -3.80
CA GLY A 66 -22.97 11.13 -4.08
C GLY A 66 -23.44 10.30 -2.91
N ILE A 67 -22.58 10.17 -1.90
CA ILE A 67 -22.81 9.23 -0.82
C ILE A 67 -24.23 9.21 -0.25
N LEU A 68 -24.82 10.38 0.01
CA LEU A 68 -26.17 10.44 0.56
C LEU A 68 -27.21 9.99 -0.47
N SER A 69 -26.97 10.29 -1.73
CA SER A 69 -27.84 9.82 -2.80
C SER A 69 -27.80 8.30 -2.95
N PHE A 70 -26.65 7.68 -2.74
CA PHE A 70 -26.58 6.22 -2.72
C PHE A 70 -27.36 5.65 -1.56
N PHE A 71 -27.39 6.36 -0.43
CA PHE A 71 -28.17 5.91 0.70
C PHE A 71 -29.67 6.02 0.43
N ALA A 72 -30.12 7.12 -0.18
CA ALA A 72 -31.51 7.22 -0.61
C ALA A 72 -31.91 6.05 -1.56
N ALA A 73 -31.03 5.73 -2.50
CA ALA A 73 -31.17 4.53 -3.37
C ALA A 73 -31.22 3.20 -2.62
N GLN A 74 -30.38 3.03 -1.60
CA GLN A 74 -30.43 1.84 -0.78
C GLN A 74 -31.78 1.74 -0.07
N ALA A 75 -32.39 2.88 0.22
CA ALA A 75 -33.69 2.93 0.86
C ALA A 75 -34.89 2.85 -0.14
N GLY A 76 -34.60 2.65 -1.42
CA GLY A 76 -35.65 2.41 -2.42
C GLY A 76 -36.17 3.60 -3.23
N ALA A 77 -35.50 4.75 -3.16
CA ALA A 77 -36.00 5.94 -3.87
C ALA A 77 -36.08 5.64 -5.35
N ARG A 78 -37.08 6.25 -6.01
CA ARG A 78 -37.28 6.05 -7.43
C ARG A 78 -36.35 6.94 -8.25
N LYS A 79 -36.23 8.18 -7.83
CA LYS A 79 -35.49 9.18 -8.59
C LYS A 79 -34.83 10.18 -7.62
N ILE A 80 -33.52 10.32 -7.74
CA ILE A 80 -32.75 11.18 -6.87
C ILE A 80 -31.99 12.17 -7.77
N TYR A 81 -32.26 13.46 -7.58
CA TYR A 81 -31.48 14.49 -8.28
C TYR A 81 -30.38 14.96 -7.35
N ALA A 82 -29.14 14.82 -7.80
CA ALA A 82 -27.96 15.08 -6.98
C ALA A 82 -27.25 16.29 -7.51
N VAL A 83 -27.39 17.40 -6.79
CA VAL A 83 -26.88 18.68 -7.29
C VAL A 83 -25.55 18.95 -6.60
N GLU A 84 -24.53 19.29 -7.40
CA GLU A 84 -23.19 19.58 -6.86
C GLU A 84 -22.48 20.67 -7.66
N ALA A 85 -22.07 21.70 -6.94
CA ALA A 85 -21.57 22.90 -7.54
C ALA A 85 -20.10 22.78 -7.90
N SER A 86 -19.37 21.99 -7.13
CA SER A 86 -17.94 21.83 -7.38
C SER A 86 -17.68 20.82 -8.51
N THR A 87 -16.42 20.72 -8.92
CA THR A 87 -16.03 19.75 -9.95
C THR A 87 -16.10 18.32 -9.40
N MET A 88 -16.39 18.15 -8.12
CA MET A 88 -16.74 16.82 -7.61
C MET A 88 -17.94 16.19 -8.36
N ALA A 89 -18.76 17.00 -9.00
CA ALA A 89 -19.92 16.49 -9.72
C ALA A 89 -19.51 15.43 -10.73
N GLN A 90 -18.39 15.66 -11.42
CA GLN A 90 -17.89 14.74 -12.43
C GLN A 90 -17.55 13.38 -11.83
N HIS A 91 -16.99 13.40 -10.63
CA HIS A 91 -16.62 12.18 -9.94
C HIS A 91 -17.87 11.45 -9.44
N ALA A 92 -18.85 12.21 -8.95
CA ALA A 92 -20.11 11.60 -8.55
C ALA A 92 -20.76 10.86 -9.73
N GLU A 93 -20.71 11.49 -10.90
CA GLU A 93 -21.29 10.93 -12.11
C GLU A 93 -20.64 9.59 -12.41
N VAL A 94 -19.32 9.52 -12.25
CA VAL A 94 -18.57 8.29 -12.52
C VAL A 94 -19.00 7.18 -11.58
N LEU A 95 -19.18 7.51 -10.32
CA LEU A 95 -19.75 6.57 -9.37
C LEU A 95 -21.19 6.13 -9.71
N VAL A 96 -22.05 7.02 -10.18
CA VAL A 96 -23.43 6.62 -10.48
C VAL A 96 -23.44 5.52 -11.54
N LYS A 97 -22.64 5.72 -12.61
CA LYS A 97 -22.46 4.73 -13.65
C LYS A 97 -21.86 3.42 -13.12
N SER A 98 -20.80 3.51 -12.35
CA SER A 98 -20.08 2.29 -11.97
C SER A 98 -20.83 1.51 -10.91
N ASN A 99 -21.78 2.15 -10.25
CA ASN A 99 -22.66 1.47 -9.30
C ASN A 99 -23.97 1.08 -9.96
N ASN A 100 -24.08 1.33 -11.26
CA ASN A 100 -25.19 0.85 -12.08
C ASN A 100 -26.53 1.45 -11.65
N LEU A 101 -26.50 2.75 -11.33
CA LEU A 101 -27.67 3.47 -10.86
C LEU A 101 -28.05 4.66 -11.73
N THR A 102 -27.69 4.60 -13.01
CA THR A 102 -28.02 5.63 -13.99
C THR A 102 -29.52 5.91 -14.14
N ASP A 103 -30.36 4.89 -13.99
CA ASP A 103 -31.82 5.07 -14.09
C ASP A 103 -32.43 5.79 -12.89
N ARG A 104 -31.66 5.92 -11.82
CA ARG A 104 -32.24 6.33 -10.55
C ARG A 104 -31.59 7.59 -9.92
N ILE A 105 -30.29 7.80 -10.18
CA ILE A 105 -29.60 9.01 -9.74
C ILE A 105 -29.17 9.84 -10.92
N VAL A 106 -29.58 11.11 -10.92
CA VAL A 106 -29.23 12.03 -11.96
C VAL A 106 -28.41 13.13 -11.29
N VAL A 107 -27.14 13.24 -11.68
CA VAL A 107 -26.26 14.22 -11.10
C VAL A 107 -26.40 15.48 -11.91
N ILE A 108 -26.65 16.60 -11.25
CA ILE A 108 -26.79 17.89 -11.91
C ILE A 108 -25.66 18.82 -11.45
N PRO A 109 -24.67 19.06 -12.33
CA PRO A 109 -23.59 19.98 -11.97
C PRO A 109 -24.13 21.37 -11.78
N GLY A 110 -23.74 22.02 -10.69
CA GLY A 110 -24.03 23.44 -10.54
C GLY A 110 -24.56 23.79 -9.18
N LYS A 111 -24.93 25.05 -9.04
CA LYS A 111 -25.37 25.55 -7.78
C LYS A 111 -26.86 25.27 -7.69
N VAL A 112 -27.34 24.87 -6.54
CA VAL A 112 -28.74 24.62 -6.39
C VAL A 112 -29.55 25.91 -6.65
N GLU A 113 -28.95 27.09 -6.44
CA GLU A 113 -29.64 28.35 -6.72
C GLU A 113 -29.75 28.65 -8.21
N GLU A 114 -29.03 27.90 -9.04
CA GLU A 114 -28.97 28.19 -10.45
C GLU A 114 -29.39 27.07 -11.40
N VAL A 115 -29.48 25.83 -10.96
CA VAL A 115 -29.78 24.73 -11.89
C VAL A 115 -31.30 24.62 -12.15
N SER A 116 -31.69 23.72 -13.05
CA SER A 116 -33.10 23.31 -13.23
C SER A 116 -33.31 21.87 -12.83
N LEU A 117 -34.37 21.61 -12.07
CA LEU A 117 -34.88 20.23 -11.85
C LEU A 117 -36.06 19.95 -12.79
N PRO A 118 -36.18 18.71 -13.28
CA PRO A 118 -37.30 18.42 -14.17
C PRO A 118 -38.63 18.39 -13.44
N GLU A 119 -38.63 17.96 -12.17
CA GLU A 119 -39.87 17.82 -11.37
C GLU A 119 -39.66 18.25 -9.90
N GLN A 120 -40.77 18.36 -9.18
CA GLN A 120 -40.72 18.65 -7.75
C GLN A 120 -40.39 17.35 -7.01
N VAL A 121 -40.05 17.46 -5.72
CA VAL A 121 -39.61 16.27 -4.99
C VAL A 121 -40.40 16.05 -3.72
N ASP A 122 -40.34 14.83 -3.24
CA ASP A 122 -40.97 14.47 -1.98
C ASP A 122 -40.13 14.82 -0.76
N ILE A 123 -38.82 14.79 -0.92
CA ILE A 123 -37.92 14.99 0.20
C ILE A 123 -36.57 15.54 -0.28
N ILE A 124 -36.03 16.49 0.48
CA ILE A 124 -34.68 17.06 0.23
C ILE A 124 -33.77 16.50 1.31
N ILE A 125 -32.65 15.94 0.90
CA ILE A 125 -31.60 15.57 1.86
C ILE A 125 -30.39 16.44 1.63
N SER A 126 -29.68 16.76 2.72
CA SER A 126 -28.48 17.53 2.65
C SER A 126 -27.60 17.38 3.91
N GLU A 127 -26.30 17.62 3.72
CA GLU A 127 -25.41 17.87 4.86
C GLU A 127 -24.74 19.19 4.59
N PRO A 128 -25.36 20.27 5.05
CA PRO A 128 -24.88 21.61 4.81
C PRO A 128 -24.41 22.33 6.06
N MET A 129 -24.15 21.59 7.13
CA MET A 129 -23.79 22.14 8.41
C MET A 129 -22.30 22.48 8.45
N GLY A 130 -22.00 23.73 8.81
CA GLY A 130 -20.63 24.16 9.04
C GLY A 130 -20.29 24.09 10.51
N TYR A 131 -19.06 24.42 10.85
CA TYR A 131 -18.75 24.50 12.27
C TYR A 131 -19.60 25.65 12.82
N MET A 132 -20.02 25.48 14.05
CA MET A 132 -20.96 26.37 14.69
C MET A 132 -22.33 26.40 13.98
N LEU A 133 -22.61 25.31 13.25
CA LEU A 133 -23.78 25.14 12.40
C LEU A 133 -23.84 26.00 11.14
N PHE A 134 -23.66 27.31 11.31
CA PHE A 134 -23.97 28.32 10.30
C PHE A 134 -22.86 28.67 9.34
N ASN A 135 -21.62 28.38 9.71
CA ASN A 135 -20.50 28.68 8.82
C ASN A 135 -20.67 28.02 7.44
N GLU A 136 -20.15 28.69 6.41
CA GLU A 136 -20.33 28.37 4.98
C GLU A 136 -21.61 28.95 4.36
N ARG A 137 -22.61 29.28 5.16
CA ARG A 137 -23.92 29.75 4.65
C ARG A 137 -24.63 28.76 3.74
N MET A 138 -24.30 27.48 3.87
CA MET A 138 -24.91 26.49 3.04
C MET A 138 -26.33 26.17 3.52
N LEU A 139 -26.62 26.45 4.78
CA LEU A 139 -28.01 26.29 5.25
C LEU A 139 -28.96 27.12 4.39
N GLU A 140 -28.48 28.21 3.81
CA GLU A 140 -29.33 29.03 2.99
C GLU A 140 -29.63 28.37 1.67
N SER A 141 -28.64 27.66 1.13
CA SER A 141 -28.81 26.86 -0.07
C SER A 141 -29.86 25.75 0.15
N TYR A 142 -29.80 25.16 1.33
CA TYR A 142 -30.68 24.08 1.70
C TYR A 142 -32.15 24.59 1.81
N LEU A 143 -32.34 25.74 2.45
CA LEU A 143 -33.64 26.40 2.51
C LEU A 143 -34.12 26.90 1.15
N HIS A 144 -33.20 27.41 0.37
CA HIS A 144 -33.48 27.85 -0.97
C HIS A 144 -34.07 26.73 -1.81
N ALA A 145 -33.55 25.52 -1.59
CA ALA A 145 -33.94 24.34 -2.30
C ALA A 145 -35.41 23.98 -2.12
N LYS A 146 -36.08 24.51 -1.09
CA LYS A 146 -37.51 24.20 -0.85
C LYS A 146 -38.42 24.70 -1.98
N LYS A 147 -37.87 25.47 -2.92
CA LYS A 147 -38.61 25.84 -4.10
C LYS A 147 -38.88 24.62 -4.96
N TYR A 148 -38.11 23.52 -4.77
CA TYR A 148 -38.37 22.23 -5.43
C TYR A 148 -39.21 21.21 -4.65
N LEU A 149 -39.63 21.58 -3.46
CA LEU A 149 -40.19 20.63 -2.55
C LEU A 149 -41.70 20.60 -2.77
N LYS A 150 -42.24 19.44 -3.08
CA LYS A 150 -43.71 19.31 -3.14
C LYS A 150 -44.37 19.79 -1.83
N PRO A 151 -45.57 20.39 -1.94
CA PRO A 151 -46.30 20.74 -0.73
C PRO A 151 -46.34 19.56 0.25
N SER A 152 -46.06 19.82 1.51
CA SER A 152 -45.96 18.78 2.51
C SER A 152 -44.79 17.78 2.35
N GLY A 153 -43.80 18.12 1.54
CA GLY A 153 -42.58 17.33 1.48
C GLY A 153 -41.75 17.49 2.74
N ASN A 154 -40.77 16.61 2.90
CA ASN A 154 -39.98 16.58 4.12
C ASN A 154 -38.53 17.05 3.84
N MET A 155 -37.81 17.37 4.93
CA MET A 155 -36.39 17.69 4.87
CA MET A 155 -36.39 17.80 4.95
C MET A 155 -35.62 16.90 5.90
N PHE A 156 -34.48 16.36 5.44
CA PHE A 156 -33.59 15.49 6.22
C PHE A 156 -32.21 16.12 6.07
N PRO A 157 -31.73 16.87 7.07
CA PRO A 157 -32.35 17.02 8.38
C PRO A 157 -33.50 18.00 8.44
N THR A 158 -34.35 17.81 9.45
CA THR A 158 -35.56 18.58 9.64
C THR A 158 -35.40 19.82 10.52
N ILE A 159 -34.70 19.67 11.65
CA ILE A 159 -34.41 20.84 12.50
C ILE A 159 -32.95 20.82 12.90
N GLY A 160 -32.44 21.98 13.28
CA GLY A 160 -31.10 22.12 13.87
C GLY A 160 -31.06 22.96 15.14
N ASP A 161 -30.41 22.45 16.18
CA ASP A 161 -30.21 23.17 17.42
C ASP A 161 -28.75 23.56 17.58
N VAL A 162 -28.53 24.85 17.82
N VAL A 162 -28.49 24.85 17.82
CA VAL A 162 -27.26 25.34 18.29
CA VAL A 162 -27.17 25.29 18.23
C VAL A 162 -27.33 25.41 19.80
C VAL A 162 -27.21 25.58 19.73
N HIS A 163 -26.30 24.94 20.47
CA HIS A 163 -26.15 25.11 21.90
C HIS A 163 -24.99 26.07 22.18
N LEU A 164 -25.18 26.93 23.17
CA LEU A 164 -24.10 27.77 23.68
CA LEU A 164 -24.17 27.86 23.70
C LEU A 164 -24.06 27.64 25.20
N ALA A 165 -22.86 27.72 25.76
CA ALA A 165 -22.71 27.61 27.23
C ALA A 165 -21.42 28.29 27.67
N PRO A 166 -21.41 28.88 28.89
CA PRO A 166 -20.16 29.56 29.24
C PRO A 166 -19.08 28.56 29.71
N PHE A 167 -17.81 28.92 29.53
CA PHE A 167 -16.71 28.08 30.00
C PHE A 167 -15.61 28.85 30.71
N THR A 168 -14.82 28.08 31.46
CA THR A 168 -13.61 28.57 32.09
C THR A 168 -12.50 27.67 31.60
N ASP A 169 -11.46 28.30 31.09
CA ASP A 169 -10.30 27.62 30.63
C ASP A 169 -9.10 28.60 30.65
N GLU A 170 -8.48 28.70 31.82
CA GLU A 170 -7.47 29.71 32.05
C GLU A 170 -6.28 29.57 31.09
N GLN A 171 -5.89 28.35 30.80
CA GLN A 171 -4.74 28.12 29.93
C GLN A 171 -5.02 28.53 28.50
N LEU A 172 -6.23 28.22 28.00
CA LEU A 172 -6.63 28.66 26.68
C LEU A 172 -6.52 30.15 26.60
N TYR A 173 -7.03 30.84 27.63
CA TYR A 173 -7.00 32.31 27.65
C TYR A 173 -5.55 32.88 27.63
N MET A 174 -4.66 32.28 28.42
CA MET A 174 -3.31 32.81 28.61
C MET A 174 -2.46 32.60 27.34
N GLU A 175 -2.65 31.46 26.68
N GLU A 175 -2.64 31.45 26.70
CA GLU A 175 -2.02 31.20 25.37
CA GLU A 175 -2.12 31.15 25.36
C GLU A 175 -2.12 32.38 24.38
C GLU A 175 -2.13 32.37 24.41
N GLN A 176 -3.24 33.11 24.39
CA GLN A 176 -3.38 34.24 23.49
C GLN A 176 -2.35 35.31 23.76
N PHE A 177 -2.11 35.57 25.04
CA PHE A 177 -1.13 36.56 25.43
C PHE A 177 0.29 36.08 25.21
N THR A 178 0.57 34.81 25.51
N THR A 178 0.55 34.83 25.53
CA THR A 178 1.92 34.28 25.30
CA THR A 178 1.86 34.23 25.30
C THR A 178 2.27 34.37 23.83
C THR A 178 2.25 34.39 23.84
N LYS A 179 1.31 34.06 22.97
CA LYS A 179 1.49 34.25 21.52
C LYS A 179 1.68 35.70 21.17
N ALA A 180 0.78 36.57 21.63
CA ALA A 180 0.92 37.99 21.27
C ALA A 180 2.22 38.66 21.78
N ASN A 181 2.78 38.13 22.86
CA ASN A 181 3.94 38.79 23.50
C ASN A 181 5.22 38.63 22.73
N PHE A 182 5.23 37.77 21.70
CA PHE A 182 6.26 37.86 20.67
C PHE A 182 6.54 39.31 20.30
N TRP A 183 5.49 40.13 20.21
CA TRP A 183 5.67 41.53 19.77
C TRP A 183 6.12 42.43 20.91
N TYR A 184 6.05 41.98 22.16
CA TYR A 184 6.43 42.85 23.26
C TYR A 184 7.92 42.70 23.53
N GLN A 185 8.74 43.05 22.56
CA GLN A 185 10.18 43.09 22.80
C GLN A 185 10.81 44.28 22.19
N PRO A 186 11.63 44.99 22.98
CA PRO A 186 12.17 46.27 22.56
C PRO A 186 13.29 46.14 21.55
N SER A 187 13.85 44.95 21.40
CA SER A 187 14.97 44.73 20.46
C SER A 187 14.99 43.32 19.88
N PHE A 188 14.04 43.07 19.00
CA PHE A 188 14.05 41.89 18.14
C PHE A 188 14.99 42.23 16.98
N HIS A 189 16.20 41.68 17.03
CA HIS A 189 17.22 42.04 16.06
C HIS A 189 17.34 43.55 15.95
N GLY A 190 17.30 44.23 17.08
CA GLY A 190 17.46 45.66 17.14
C GLY A 190 16.22 46.48 16.86
N VAL A 191 15.06 45.83 16.80
CA VAL A 191 13.84 46.52 16.42
C VAL A 191 12.89 46.40 17.58
N ASP A 192 12.26 47.51 17.91
CA ASP A 192 11.26 47.52 18.95
C ASP A 192 9.92 47.22 18.31
N LEU A 193 9.32 46.08 18.70
CA LEU A 193 8.06 45.59 18.09
C LEU A 193 6.85 45.88 18.93
N SER A 194 7.11 46.47 20.09
CA SER A 194 6.13 46.61 21.18
CA SER A 194 6.12 46.55 21.17
C SER A 194 4.82 47.23 20.77
N ALA A 195 4.89 48.20 19.87
CA ALA A 195 3.69 48.96 19.47
C ALA A 195 2.61 48.13 18.75
N LEU A 196 2.96 46.91 18.35
CA LEU A 196 2.01 46.05 17.69
C LEU A 196 1.44 44.98 18.62
N ARG A 197 1.84 45.00 19.88
CA ARG A 197 1.39 43.94 20.80
C ARG A 197 -0.12 43.90 20.90
N GLY A 198 -0.74 45.09 21.03
CA GLY A 198 -2.19 45.21 21.19
C GLY A 198 -2.93 44.73 19.94
N ALA A 199 -2.39 45.08 18.77
CA ALA A 199 -2.97 44.60 17.54
C ALA A 199 -2.80 43.09 17.41
N ALA A 200 -1.72 42.51 17.91
CA ALA A 200 -1.58 41.05 17.86
C ALA A 200 -2.61 40.35 18.78
N VAL A 201 -2.82 40.91 19.96
CA VAL A 201 -3.82 40.35 20.88
C VAL A 201 -5.22 40.40 20.23
N ASP A 202 -5.54 41.52 19.61
CA ASP A 202 -6.84 41.70 19.03
C ASP A 202 -7.04 40.65 17.94
N GLU A 203 -6.02 40.44 17.12
CA GLU A 203 -6.09 39.46 16.07
C GLU A 203 -6.35 38.04 16.61
N TYR A 204 -5.59 37.61 17.63
CA TYR A 204 -5.83 36.27 18.14
C TYR A 204 -7.23 36.13 18.74
N PHE A 205 -7.73 37.17 19.39
CA PHE A 205 -8.99 37.06 20.09
C PHE A 205 -10.17 37.10 19.12
N ARG A 206 -9.95 37.60 17.91
CA ARG A 206 -10.97 37.59 16.87
C ARG A 206 -11.20 36.22 16.21
N GLN A 207 -10.36 35.23 16.53
CA GLN A 207 -10.50 33.90 15.97
C GLN A 207 -11.27 32.94 16.87
N PRO A 208 -12.36 32.38 16.36
CA PRO A 208 -12.96 31.29 17.14
C PRO A 208 -12.03 30.10 17.18
N VAL A 209 -12.07 29.37 18.28
CA VAL A 209 -11.18 28.25 18.55
C VAL A 209 -11.90 26.95 18.31
N VAL A 210 -11.45 26.22 17.30
CA VAL A 210 -11.95 24.89 16.96
C VAL A 210 -11.10 23.81 17.59
N ASP A 211 -11.71 23.08 18.51
N ASP A 211 -11.75 23.00 18.42
CA ASP A 211 -11.08 21.94 19.14
CA ASP A 211 -11.07 22.10 19.29
C ASP A 211 -12.11 21.39 20.12
C ASP A 211 -12.13 21.33 20.06
N THR A 212 -11.73 20.41 20.93
CA THR A 212 -12.67 19.78 21.82
C THR A 212 -12.19 20.02 23.25
N PHE A 213 -12.96 19.57 24.24
CA PHE A 213 -12.64 19.89 25.60
C PHE A 213 -13.45 19.03 26.52
N ASP A 214 -12.94 18.88 27.74
CA ASP A 214 -13.67 18.18 28.79
C ASP A 214 -14.86 18.99 29.24
N ILE A 215 -16.00 18.32 29.39
CA ILE A 215 -17.24 19.00 29.75
C ILE A 215 -17.15 19.72 31.10
N ARG A 216 -16.18 19.33 31.92
CA ARG A 216 -15.97 20.00 33.20
C ARG A 216 -15.73 21.50 33.08
N ILE A 217 -15.31 21.98 31.92
CA ILE A 217 -15.08 23.41 31.77
C ILE A 217 -16.37 24.22 31.66
N LEU A 218 -17.49 23.57 31.40
CA LEU A 218 -18.75 24.28 31.23
C LEU A 218 -19.31 24.71 32.59
N MET A 219 -19.78 25.93 32.68
CA MET A 219 -20.16 26.53 33.96
C MET A 219 -21.67 26.71 34.18
N ALA A 220 -22.48 26.42 33.17
CA ALA A 220 -23.94 26.42 33.30
C ALA A 220 -24.52 25.55 32.18
N LYS A 221 -25.78 25.16 32.36
CA LYS A 221 -26.46 24.36 31.36
C LYS A 221 -26.64 25.22 30.11
N SER A 222 -26.56 24.59 28.96
CA SER A 222 -26.54 25.29 27.68
C SER A 222 -27.86 25.95 27.37
N VAL A 223 -27.85 27.03 26.59
CA VAL A 223 -29.09 27.51 25.97
C VAL A 223 -29.05 27.11 24.52
N LYS A 224 -30.23 26.92 23.93
CA LYS A 224 -30.28 26.50 22.57
C LYS A 224 -31.12 27.42 21.71
N TYR A 225 -30.76 27.44 20.43
CA TYR A 225 -31.43 28.22 19.43
C TYR A 225 -31.68 27.28 18.29
N THR A 226 -32.92 27.25 17.82
CA THR A 226 -33.40 26.17 16.98
C THR A 226 -33.85 26.74 15.67
N VAL A 227 -33.54 26.03 14.61
CA VAL A 227 -33.95 26.39 13.28
C VAL A 227 -34.74 25.20 12.78
N ASN A 228 -35.97 25.46 12.37
CA ASN A 228 -36.78 24.45 11.78
C ASN A 228 -36.71 24.61 10.30
N PHE A 229 -36.15 23.62 9.63
CA PHE A 229 -35.79 23.77 8.22
C PHE A 229 -37.02 23.68 7.35
N LEU A 230 -38.08 23.10 7.91
CA LEU A 230 -39.37 23.08 7.20
C LEU A 230 -39.99 24.47 7.07
N GLU A 231 -39.80 25.31 8.08
CA GLU A 231 -40.48 26.59 8.14
C GLU A 231 -39.60 27.75 7.75
N ALA A 232 -38.29 27.62 7.99
CA ALA A 232 -37.41 28.78 7.91
C ALA A 232 -37.21 29.31 6.50
N LYS A 233 -36.99 30.62 6.40
CA LYS A 233 -36.69 31.30 5.14
C LYS A 233 -35.20 31.67 5.08
N GLU A 234 -34.63 31.72 3.87
CA GLU A 234 -33.21 32.04 3.70
C GLU A 234 -32.91 33.29 4.53
N GLY A 235 -33.75 34.30 4.33
CA GLY A 235 -33.64 35.59 5.00
C GLY A 235 -33.53 35.52 6.50
N ASP A 236 -34.08 34.47 7.10
CA ASP A 236 -33.95 34.29 8.55
C ASP A 236 -32.53 34.01 9.05
N LEU A 237 -31.61 33.65 8.18
CA LEU A 237 -30.24 33.34 8.63
C LEU A 237 -29.24 34.48 8.37
N HIS A 238 -29.75 35.62 7.92
CA HIS A 238 -28.90 36.78 7.67
C HIS A 238 -28.49 37.46 8.97
N ARG A 239 -29.36 37.42 9.97
CA ARG A 239 -29.12 38.08 11.23
C ARG A 239 -29.67 37.15 12.26
N ILE A 240 -28.78 36.49 12.98
CA ILE A 240 -29.18 35.49 13.95
C ILE A 240 -28.87 36.00 15.36
N GLU A 241 -29.90 36.28 16.15
CA GLU A 241 -29.73 36.84 17.48
C GLU A 241 -30.06 35.79 18.49
N ILE A 242 -29.08 35.46 19.33
CA ILE A 242 -29.27 34.44 20.31
C ILE A 242 -29.14 35.05 21.70
N PRO A 243 -30.27 35.34 22.35
CA PRO A 243 -30.23 35.82 23.73
C PRO A 243 -29.84 34.72 24.70
N PHE A 244 -29.26 35.08 25.83
CA PHE A 244 -28.99 34.08 26.82
C PHE A 244 -29.04 34.64 28.23
N LYS A 245 -29.48 33.78 29.14
CA LYS A 245 -29.45 34.06 30.56
C LYS A 245 -28.95 32.80 31.24
N PHE A 246 -27.67 32.72 31.50
CA PHE A 246 -27.15 31.52 32.12
C PHE A 246 -27.30 31.59 33.64
N HIS A 247 -27.69 30.48 34.22
CA HIS A 247 -27.73 30.38 35.66
C HIS A 247 -26.48 29.58 36.08
N MET A 248 -25.55 30.27 36.70
CA MET A 248 -24.22 29.72 36.88
C MET A 248 -24.23 28.57 37.90
N LEU A 249 -23.87 27.38 37.43
CA LEU A 249 -23.70 26.19 38.29
C LEU A 249 -22.39 26.17 39.03
N HIS A 250 -21.39 26.92 38.55
CA HIS A 250 -20.06 26.95 39.17
C HIS A 250 -19.52 28.34 39.22
N SER A 251 -18.64 28.56 40.18
CA SER A 251 -17.99 29.84 40.40
C SER A 251 -16.60 29.80 39.79
N GLY A 252 -16.26 30.82 39.01
CA GLY A 252 -14.92 30.97 38.45
C GLY A 252 -14.88 32.14 37.50
N LEU A 253 -13.79 32.24 36.74
CA LEU A 253 -13.64 33.22 35.68
C LEU A 253 -14.25 32.66 34.41
N VAL A 254 -15.24 33.35 33.86
CA VAL A 254 -15.83 32.95 32.58
C VAL A 254 -14.95 33.52 31.50
N HIS A 255 -14.37 32.65 30.69
CA HIS A 255 -13.42 33.07 29.66
C HIS A 255 -14.01 33.18 28.27
N GLY A 256 -15.27 32.76 28.11
CA GLY A 256 -15.95 32.82 26.81
C GLY A 256 -17.16 31.90 26.72
N LEU A 257 -17.73 31.76 25.51
CA LEU A 257 -18.80 30.79 25.25
C LEU A 257 -18.38 29.64 24.34
N ALA A 258 -18.86 28.46 24.67
CA ALA A 258 -18.70 27.26 23.84
C ALA A 258 -19.93 26.99 23.00
N PHE A 259 -19.71 26.56 21.77
CA PHE A 259 -20.77 26.31 20.80
C PHE A 259 -20.69 24.89 20.28
N TRP A 260 -21.84 24.21 20.24
CA TRP A 260 -21.99 22.99 19.43
C TRP A 260 -23.40 22.91 18.79
N PHE A 261 -23.69 21.84 18.08
CA PHE A 261 -24.99 21.70 17.44
C PHE A 261 -25.42 20.27 17.22
N ASP A 262 -26.73 20.09 17.14
CA ASP A 262 -27.35 18.81 16.82
C ASP A 262 -28.30 19.03 15.66
N VAL A 263 -28.50 18.03 14.82
CA VAL A 263 -29.61 18.06 13.84
C VAL A 263 -30.47 16.82 14.04
N ALA A 264 -31.78 16.98 13.78
CA ALA A 264 -32.72 15.87 13.86
C ALA A 264 -33.32 15.59 12.50
N PHE A 265 -33.30 14.32 12.15
CA PHE A 265 -33.99 13.78 11.01
C PHE A 265 -35.38 13.27 11.54
N ILE A 266 -36.44 14.01 11.26
CA ILE A 266 -37.77 13.65 11.78
C ILE A 266 -38.52 12.88 10.70
N GLY A 267 -38.42 11.55 10.76
CA GLY A 267 -39.05 10.69 9.77
C GLY A 267 -40.41 10.15 10.21
N SER A 268 -41.09 9.49 9.28
CA SER A 268 -42.36 8.82 9.57
C SER A 268 -42.22 7.70 10.59
N ILE A 269 -41.14 6.92 10.50
CA ILE A 269 -40.93 5.81 11.40
C ILE A 269 -40.23 6.27 12.68
N MET A 270 -39.17 7.07 12.54
CA MET A 270 -38.49 7.57 13.75
C MET A 270 -37.73 8.87 13.52
N THR A 271 -37.39 9.51 14.63
CA THR A 271 -36.48 10.64 14.63
C THR A 271 -35.12 10.12 14.99
N VAL A 272 -34.14 10.39 14.16
CA VAL A 272 -32.74 10.14 14.46
C VAL A 272 -31.97 11.46 14.60
N TRP A 273 -31.09 11.49 15.58
CA TRP A 273 -30.32 12.70 15.91
C TRP A 273 -28.84 12.54 15.58
N LEU A 274 -28.27 13.58 14.99
CA LEU A 274 -26.82 13.69 14.84
C LEU A 274 -26.33 14.81 15.78
N SER A 275 -25.55 14.45 16.78
CA SER A 275 -25.06 15.42 17.76
C SER A 275 -23.55 15.61 17.70
N THR A 276 -23.14 16.88 17.70
CA THR A 276 -21.71 17.25 17.82
C THR A 276 -21.37 17.77 19.22
N ALA A 277 -22.21 17.41 20.18
CA ALA A 277 -21.99 17.84 21.55
C ALA A 277 -20.67 17.28 22.18
N PRO A 278 -20.08 18.02 23.13
CA PRO A 278 -18.83 17.58 23.80
C PRO A 278 -18.98 16.32 24.63
N THR A 279 -20.22 15.96 24.93
CA THR A 279 -20.56 14.72 25.61
C THR A 279 -20.63 13.54 24.64
N GLU A 280 -20.49 13.78 23.34
CA GLU A 280 -20.70 12.72 22.37
C GLU A 280 -19.39 12.46 21.73
N PRO A 281 -19.22 11.26 21.15
CA PRO A 281 -17.96 11.06 20.46
C PRO A 281 -17.68 12.17 19.44
N LEU A 282 -16.39 12.33 19.15
CA LEU A 282 -15.90 13.45 18.37
C LEU A 282 -16.26 13.33 16.89
N THR A 283 -16.53 14.46 16.25
CA THR A 283 -16.80 14.53 14.78
C THR A 283 -15.82 15.50 14.18
N HIS A 284 -15.82 15.60 12.85
CA HIS A 284 -14.94 16.55 12.21
C HIS A 284 -15.34 18.00 12.45
N TRP A 285 -16.45 18.20 13.15
CA TRP A 285 -16.88 19.54 13.51
C TRP A 285 -16.33 20.00 14.86
N TYR A 286 -15.81 19.07 15.64
CA TYR A 286 -15.29 19.36 16.97
C TYR A 286 -16.28 20.21 17.73
N GLN A 287 -15.79 21.23 18.42
CA GLN A 287 -16.65 22.26 18.98
C GLN A 287 -15.97 23.59 18.78
N VAL A 288 -16.69 24.67 19.07
CA VAL A 288 -16.12 25.99 18.86
C VAL A 288 -16.30 26.88 20.09
N ARG A 289 -15.25 27.60 20.41
CA ARG A 289 -15.21 28.46 21.56
C ARG A 289 -14.84 29.85 21.19
N CYS A 290 -15.63 30.80 21.67
CA CYS A 290 -15.37 32.20 21.43
C CYS A 290 -14.91 32.83 22.73
N LEU A 291 -13.67 33.30 22.76
CA LEU A 291 -13.11 33.90 23.96
C LEU A 291 -13.63 35.31 24.22
N PHE A 292 -13.66 35.64 25.51
CA PHE A 292 -13.88 37.02 25.91
C PHE A 292 -12.50 37.62 26.15
N GLN A 293 -12.20 38.78 25.57
CA GLN A 293 -10.85 39.35 25.81
C GLN A 293 -10.71 39.86 27.24
N SER A 294 -11.81 40.29 27.84
CA SER A 294 -11.87 40.44 29.29
C SER A 294 -12.81 39.40 29.81
N PRO A 295 -12.28 38.44 30.60
CA PRO A 295 -13.13 37.46 31.25
C PRO A 295 -13.96 38.06 32.38
N LEU A 296 -14.95 37.32 32.82
CA LEU A 296 -15.87 37.80 33.83
C LEU A 296 -15.90 36.86 35.02
N PHE A 297 -15.85 37.39 36.25
CA PHE A 297 -16.04 36.58 37.48
C PHE A 297 -17.51 36.39 37.77
N ALA A 298 -17.87 35.16 38.06
CA ALA A 298 -19.23 34.83 38.44
C ALA A 298 -19.17 33.78 39.53
N LYS A 299 -20.13 33.82 40.43
CA LYS A 299 -20.22 32.82 41.46
C LYS A 299 -21.45 31.99 41.19
N ALA A 300 -21.43 30.74 41.64
CA ALA A 300 -22.52 29.83 41.37
C ALA A 300 -23.76 30.55 41.86
N GLY A 301 -24.81 30.56 41.06
CA GLY A 301 -26.05 31.20 41.45
C GLY A 301 -26.26 32.51 40.75
N ASP A 302 -25.17 33.13 40.30
CA ASP A 302 -25.30 34.36 39.53
C ASP A 302 -25.95 34.07 38.17
N THR A 303 -26.32 35.14 37.48
CA THR A 303 -26.83 35.06 36.13
C THR A 303 -25.87 35.76 35.16
N LEU A 304 -25.49 35.05 34.10
CA LEU A 304 -24.67 35.62 33.03
C LEU A 304 -25.61 35.86 31.87
N SER A 305 -25.90 37.12 31.61
CA SER A 305 -26.90 37.45 30.61
C SER A 305 -26.26 38.23 29.49
N GLY A 306 -26.82 38.07 28.31
CA GLY A 306 -26.36 38.80 27.18
C GLY A 306 -26.96 38.32 25.87
N THR A 307 -26.24 38.61 24.80
CA THR A 307 -26.66 38.32 23.45
C THR A 307 -25.45 37.90 22.63
N CYS A 308 -25.64 36.88 21.80
CA CYS A 308 -24.73 36.49 20.72
C CYS A 308 -25.43 36.79 19.39
N LEU A 309 -24.82 37.66 18.60
CA LEU A 309 -25.39 38.09 17.32
C LEU A 309 -24.49 37.69 16.17
N LEU A 310 -25.04 36.92 15.23
N LEU A 310 -25.03 36.89 15.25
CA LEU A 310 -24.29 36.52 14.05
CA LEU A 310 -24.29 36.48 14.05
C LEU A 310 -24.86 37.22 12.84
C LEU A 310 -24.85 37.22 12.84
N ILE A 311 -24.01 37.96 12.16
CA ILE A 311 -24.40 38.75 11.03
C ILE A 311 -23.70 38.17 9.84
N ALA A 312 -24.48 37.67 8.89
CA ALA A 312 -23.97 37.00 7.73
C ALA A 312 -23.17 37.96 6.85
N ASN A 313 -22.11 37.49 6.25
CA ASN A 313 -21.29 38.33 5.37
C ASN A 313 -21.13 37.69 4.02
N LYS A 314 -20.63 38.45 3.07
CA LYS A 314 -20.43 37.95 1.73
C LYS A 314 -19.28 36.97 1.57
N ARG A 315 -18.55 36.65 2.64
CA ARG A 315 -17.54 35.61 2.52
C ARG A 315 -18.02 34.27 3.03
N GLN A 316 -19.33 34.01 2.91
CA GLN A 316 -19.89 32.71 3.27
C GLN A 316 -19.69 32.39 4.74
N SER A 317 -19.69 33.42 5.57
CA SER A 317 -19.58 33.22 7.02
C SER A 317 -20.36 34.30 7.77
N TYR A 318 -20.04 34.47 9.05
CA TYR A 318 -20.64 35.48 9.86
C TYR A 318 -19.64 36.29 10.62
N ASP A 319 -20.02 37.55 10.85
CA ASP A 319 -19.41 38.39 11.86
C ASP A 319 -20.14 38.14 13.17
N ILE A 320 -19.38 37.73 14.17
CA ILE A 320 -19.95 37.33 15.45
C ILE A 320 -19.72 38.46 16.45
N SER A 321 -20.76 38.74 17.21
CA SER A 321 -20.69 39.72 18.24
C SER A 321 -21.32 39.15 19.48
N ILE A 322 -20.51 39.09 20.54
CA ILE A 322 -20.96 38.59 21.80
C ILE A 322 -20.81 39.65 22.87
N VAL A 323 -21.90 39.92 23.57
N VAL A 323 -21.91 39.96 23.55
CA VAL A 323 -21.92 40.89 24.67
CA VAL A 323 -21.93 40.88 24.68
C VAL A 323 -22.56 40.22 25.88
C VAL A 323 -22.50 40.13 25.85
N ALA A 324 -21.92 40.34 27.04
CA ALA A 324 -22.37 39.60 28.21
C ALA A 324 -22.05 40.33 29.47
N GLN A 325 -22.82 40.04 30.51
CA GLN A 325 -22.60 40.62 31.81
C GLN A 325 -23.07 39.71 32.92
N VAL A 326 -22.48 39.92 34.08
CA VAL A 326 -22.87 39.26 35.29
C VAL A 326 -23.87 40.20 35.95
N ASP A 327 -25.11 39.76 36.07
CA ASP A 327 -26.20 40.66 36.46
C ASP A 327 -26.00 41.19 37.84
N GLN A 328 -25.49 40.34 38.74
CA GLN A 328 -25.28 40.70 40.14
C GLN A 328 -24.23 41.78 40.35
N THR A 329 -23.25 41.88 39.45
CA THR A 329 -22.17 42.87 39.59
C THR A 329 -22.09 43.97 38.53
N GLY A 330 -22.65 43.73 37.35
CA GLY A 330 -22.60 44.68 36.25
C GLY A 330 -21.33 44.67 35.42
N SER A 331 -20.37 43.83 35.78
CA SER A 331 -19.18 43.68 34.98
C SER A 331 -19.57 43.12 33.60
N LYS A 332 -18.95 43.67 32.57
CA LYS A 332 -19.38 43.55 31.18
C LYS A 332 -18.19 43.14 30.29
N SER A 333 -18.47 42.35 29.26
CA SER A 333 -17.48 42.02 28.25
C SER A 333 -18.11 41.97 26.86
N SER A 334 -17.41 42.56 25.90
N SER A 334 -17.40 42.48 25.86
CA SER A 334 -17.86 42.68 24.51
CA SER A 334 -17.96 42.61 24.50
C SER A 334 -16.82 41.99 23.66
C SER A 334 -16.94 42.27 23.43
N ASN A 335 -17.26 41.24 22.65
CA ASN A 335 -16.31 40.59 21.77
C ASN A 335 -16.79 40.48 20.34
N LEU A 336 -15.86 40.70 19.40
CA LEU A 336 -16.10 40.60 17.98
C LEU A 336 -15.23 39.52 17.42
N LEU A 337 -15.82 38.56 16.72
CA LEU A 337 -15.07 37.48 16.11
C LEU A 337 -15.44 37.30 14.63
N ASP A 338 -14.49 36.73 13.88
CA ASP A 338 -14.63 36.47 12.46
C ASP A 338 -14.71 34.94 12.30
N LEU A 339 -15.92 34.42 12.08
CA LEU A 339 -16.12 32.97 12.01
C LEU A 339 -15.43 32.32 10.83
N LYS A 340 -15.16 33.10 9.79
CA LYS A 340 -14.43 32.63 8.61
C LYS A 340 -12.96 32.24 8.86
N ASN A 341 -12.37 32.81 9.92
N ASN A 341 -12.36 32.74 9.94
CA ASN A 341 -10.93 32.60 10.23
CA ASN A 341 -10.94 32.48 10.13
C ASN A 341 -10.74 32.01 11.62
C ASN A 341 -10.66 31.98 11.53
N PRO A 342 -11.13 30.75 11.80
CA PRO A 342 -11.01 30.08 13.07
C PRO A 342 -9.57 29.68 13.32
N PHE A 343 -9.22 29.49 14.58
CA PHE A 343 -7.95 28.88 14.89
C PHE A 343 -8.22 27.42 15.15
N PHE A 344 -7.62 26.55 14.32
N PHE A 344 -7.64 26.55 14.32
CA PHE A 344 -7.74 25.11 14.50
CA PHE A 344 -7.73 25.12 14.55
C PHE A 344 -6.71 24.63 15.52
C PHE A 344 -6.67 24.76 15.56
N ARG A 345 -7.09 24.61 16.79
CA ARG A 345 -6.14 24.38 17.89
C ARG A 345 -5.84 22.90 18.14
N TYR A 346 -6.75 22.05 17.70
CA TYR A 346 -6.73 20.62 18.03
C TYR A 346 -5.49 19.87 17.52
N THR A 347 -4.97 18.97 18.36
CA THR A 347 -4.01 17.94 17.97
C THR A 347 -4.66 16.57 18.09
N SER B 5 -2.54 46.21 -14.57
CA SER B 5 -1.10 46.07 -14.22
C SER B 5 -0.51 44.75 -14.69
N VAL B 6 0.82 44.71 -14.79
CA VAL B 6 1.53 43.43 -15.02
C VAL B 6 1.08 42.35 -14.01
N PHE B 7 0.78 42.76 -12.78
CA PHE B 7 0.36 41.80 -11.75
C PHE B 7 -1.01 41.20 -12.02
N SER B 8 -2.01 42.06 -12.21
CA SER B 8 -3.41 41.61 -12.37
C SER B 8 -3.58 40.74 -13.62
N GLU B 9 -2.81 41.06 -14.67
CA GLU B 9 -2.79 40.27 -15.92
C GLU B 9 -2.36 38.80 -15.72
N ARG B 10 -1.41 38.54 -14.82
CA ARG B 10 -0.99 37.15 -14.57
CA ARG B 10 -0.93 37.17 -14.53
C ARG B 10 -1.65 36.54 -13.34
N THR B 11 -2.45 37.32 -12.64
CA THR B 11 -3.04 36.82 -11.42
C THR B 11 -4.57 36.86 -11.42
N GLU B 12 -5.16 35.69 -11.18
CA GLU B 12 -6.56 35.58 -10.76
C GLU B 12 -6.84 36.43 -9.51
N GLU B 13 -7.86 37.28 -9.57
CA GLU B 13 -8.25 38.09 -8.41
C GLU B 13 -8.51 37.19 -7.19
N SER B 14 -9.19 36.07 -7.43
CA SER B 14 -9.50 35.11 -6.37
C SER B 14 -8.24 34.59 -5.59
N SER B 15 -7.15 34.35 -6.32
CA SER B 15 -5.89 33.94 -5.72
C SER B 15 -5.22 35.11 -5.00
N ALA B 16 -5.16 36.26 -5.67
CA ALA B 16 -4.60 37.48 -5.09
C ALA B 16 -5.24 37.85 -3.75
N VAL B 17 -6.55 37.74 -3.69
CA VAL B 17 -7.30 38.20 -2.52
C VAL B 17 -6.88 37.37 -1.32
N GLN B 18 -6.91 36.06 -1.49
CA GLN B 18 -6.48 35.11 -0.48
C GLN B 18 -4.99 35.25 -0.10
N TYR B 19 -4.14 35.51 -1.09
CA TYR B 19 -2.70 35.67 -0.90
C TYR B 19 -2.41 36.80 0.08
N PHE B 20 -2.91 37.99 -0.24
CA PHE B 20 -2.61 39.18 0.56
C PHE B 20 -3.38 39.21 1.87
N GLN B 21 -4.51 38.54 1.91
CA GLN B 21 -5.17 38.31 3.18
C GLN B 21 -4.26 37.55 4.14
N PHE B 22 -3.74 36.42 3.69
CA PHE B 22 -2.88 35.55 4.52
C PHE B 22 -1.70 36.35 5.10
N TYR B 23 -1.11 37.21 4.28
CA TYR B 23 0.03 37.99 4.74
C TYR B 23 -0.34 39.25 5.55
N GLY B 24 -1.61 39.59 5.53
CA GLY B 24 -2.11 40.67 6.36
C GLY B 24 -2.16 40.36 7.85
N TYR B 25 -2.03 39.08 8.20
CA TYR B 25 -2.09 38.60 9.58
C TYR B 25 -0.75 38.70 10.29
N LEU B 26 -0.75 39.38 11.45
CA LEU B 26 0.46 39.46 12.27
C LEU B 26 0.99 38.10 12.62
N SER B 27 0.13 37.12 12.78
CA SER B 27 0.60 35.75 13.06
C SER B 27 1.48 35.18 11.95
N GLN B 28 1.16 35.50 10.70
CA GLN B 28 1.98 34.99 9.59
C GLN B 28 3.31 35.72 9.41
N GLN B 29 3.33 37.01 9.71
CA GLN B 29 4.59 37.78 9.73
C GLN B 29 5.48 37.25 10.83
N GLN B 30 4.88 36.98 11.98
CA GLN B 30 5.56 36.45 13.12
C GLN B 30 6.18 35.08 12.78
N ASN B 31 5.41 34.22 12.13
CA ASN B 31 5.95 32.95 11.65
C ASN B 31 7.27 33.08 10.87
N MET B 32 7.33 34.00 9.91
CA MET B 32 8.55 34.20 9.15
C MET B 32 9.60 34.87 10.02
N MET B 33 9.22 35.91 10.76
CA MET B 33 10.18 36.66 11.56
C MET B 33 10.95 35.75 12.53
N GLN B 34 10.21 34.87 13.19
CA GLN B 34 10.74 33.86 14.13
C GLN B 34 11.57 32.75 13.58
N ASP B 35 11.59 32.57 12.25
CA ASP B 35 12.58 31.71 11.60
C ASP B 35 13.94 32.39 11.80
N TYR B 36 14.69 31.97 12.83
CA TYR B 36 15.94 32.67 13.18
C TYR B 36 17.00 32.58 12.07
N VAL B 37 17.11 31.43 11.42
CA VAL B 37 18.07 31.25 10.34
C VAL B 37 17.79 32.24 9.20
N ARG B 38 16.53 32.38 8.85
CA ARG B 38 16.08 33.28 7.80
C ARG B 38 16.36 34.73 8.18
N THR B 39 15.85 35.15 9.32
CA THR B 39 15.86 36.55 9.69
C THR B 39 17.29 36.98 10.08
N GLY B 40 18.02 36.06 10.70
CA GLY B 40 19.38 36.35 11.20
C GLY B 40 20.38 36.41 10.08
N THR B 41 20.15 35.59 9.06
CA THR B 41 20.99 35.57 7.92
C THR B 41 20.73 36.77 7.05
N TYR B 42 19.47 37.15 6.89
CA TYR B 42 19.23 38.43 6.20
C TYR B 42 19.89 39.56 6.96
N GLN B 43 19.86 39.51 8.29
CA GLN B 43 20.48 40.60 9.02
C GLN B 43 22.00 40.66 8.83
N ARG B 44 22.66 39.50 8.87
CA ARG B 44 24.10 39.37 8.69
C ARG B 44 24.53 39.78 7.26
N ALA B 45 23.78 39.29 6.28
CA ALA B 45 24.02 39.68 4.90
C ALA B 45 24.07 41.21 4.73
N ILE B 46 23.10 41.89 5.31
CA ILE B 46 22.93 43.32 5.14
C ILE B 46 23.99 44.08 5.95
N LEU B 47 24.07 43.80 7.25
CA LEU B 47 25.04 44.49 8.12
C LEU B 47 26.50 44.19 7.81
N GLN B 48 26.81 42.97 7.39
CA GLN B 48 28.19 42.66 7.02
C GLN B 48 28.59 43.32 5.68
N ASN B 49 27.58 43.66 4.86
CA ASN B 49 27.78 44.45 3.64
C ASN B 49 27.31 45.91 3.79
N HIS B 50 27.72 46.54 4.87
CA HIS B 50 27.21 47.87 5.18
C HIS B 50 27.45 48.87 4.07
N THR B 51 28.63 48.81 3.45
CA THR B 51 28.92 49.75 2.37
C THR B 51 27.94 49.68 1.17
N ASP B 52 27.18 48.60 1.06
CA ASP B 52 26.10 48.52 0.06
C ASP B 52 24.81 49.20 0.51
N PHE B 53 24.77 49.64 1.76
CA PHE B 53 23.64 50.35 2.27
C PHE B 53 23.97 51.77 2.69
N LYS B 54 25.17 51.96 3.23
CA LYS B 54 25.64 53.23 3.78
C LYS B 54 25.36 54.38 2.80
N ASP B 55 24.51 55.31 3.23
CA ASP B 55 24.09 56.47 2.45
C ASP B 55 23.47 56.17 1.10
N LYS B 56 22.84 55.00 0.98
CA LYS B 56 22.20 54.59 -0.26
C LYS B 56 20.69 54.68 -0.20
N ILE B 57 20.10 54.48 -1.38
CA ILE B 57 18.66 54.41 -1.55
C ILE B 57 18.33 52.95 -1.76
N VAL B 58 17.30 52.44 -1.04
CA VAL B 58 16.96 51.03 -1.04
C VAL B 58 15.50 50.87 -1.33
N LEU B 59 15.15 49.78 -2.01
CA LEU B 59 13.77 49.34 -2.17
C LEU B 59 13.63 47.96 -1.50
N ASP B 60 12.67 47.88 -0.59
CA ASP B 60 12.27 46.64 0.04
C ASP B 60 10.99 46.15 -0.64
N VAL B 61 11.08 45.05 -1.36
CA VAL B 61 9.94 44.53 -2.09
C VAL B 61 9.14 43.57 -1.22
N GLY B 62 7.96 43.99 -0.81
CA GLY B 62 7.10 43.19 0.04
C GLY B 62 7.61 43.25 1.46
N CYS B 63 7.58 44.43 2.08
CA CYS B 63 8.30 44.67 3.36
C CYS B 63 7.70 43.96 4.59
N GLY B 64 6.48 43.48 4.47
CA GLY B 64 5.78 42.91 5.60
C GLY B 64 5.83 43.81 6.83
N SER B 65 6.37 43.28 7.92
CA SER B 65 6.53 44.04 9.15
C SER B 65 7.40 45.26 9.03
N GLY B 66 8.25 45.27 8.01
CA GLY B 66 9.28 46.29 7.90
C GLY B 66 10.65 45.75 8.21
N ILE B 67 10.73 44.49 8.64
CA ILE B 67 11.96 43.96 9.28
C ILE B 67 13.28 44.17 8.47
N LEU B 68 13.24 43.89 7.18
CA LEU B 68 14.43 44.05 6.37
C LEU B 68 14.77 45.52 6.13
N SER B 69 13.74 46.36 6.06
CA SER B 69 13.98 47.78 5.94
C SER B 69 14.67 48.30 7.21
N PHE B 70 14.32 47.77 8.38
CA PHE B 70 15.07 48.16 9.59
C PHE B 70 16.55 47.77 9.51
N PHE B 71 16.85 46.59 8.97
CA PHE B 71 18.24 46.18 8.87
C PHE B 71 19.00 47.11 7.92
N ALA B 72 18.36 47.42 6.79
CA ALA B 72 18.94 48.36 5.84
C ALA B 72 19.20 49.71 6.54
N ALA B 73 18.28 50.15 7.38
CA ALA B 73 18.50 51.37 8.14
C ALA B 73 19.67 51.22 9.14
N GLN B 74 19.75 50.09 9.83
CA GLN B 74 20.83 49.86 10.80
C GLN B 74 22.20 49.94 10.14
N ALA B 75 22.25 49.52 8.87
CA ALA B 75 23.44 49.60 8.04
C ALA B 75 23.70 50.97 7.38
N GLY B 76 22.88 51.97 7.69
CA GLY B 76 23.16 53.34 7.32
C GLY B 76 22.50 53.87 6.05
N ALA B 77 21.49 53.19 5.54
CA ALA B 77 20.83 53.65 4.33
C ALA B 77 20.27 55.05 4.53
N ARG B 78 20.29 55.84 3.47
CA ARG B 78 19.77 57.21 3.52
C ARG B 78 18.27 57.18 3.39
N LYS B 79 17.76 56.30 2.54
CA LYS B 79 16.36 56.26 2.25
C LYS B 79 15.93 54.88 1.82
N ILE B 80 14.80 54.42 2.36
CA ILE B 80 14.30 53.09 2.04
C ILE B 80 12.82 53.14 1.74
N TYR B 81 12.43 52.67 0.56
CA TYR B 81 11.02 52.62 0.17
C TYR B 81 10.55 51.21 0.43
N ALA B 82 9.55 51.08 1.27
CA ALA B 82 9.15 49.81 1.80
C ALA B 82 7.77 49.51 1.24
N VAL B 83 7.74 48.73 0.16
CA VAL B 83 6.52 48.43 -0.54
C VAL B 83 5.84 47.16 -0.04
N GLU B 84 4.54 47.25 0.21
CA GLU B 84 3.79 46.13 0.75
C GLU B 84 2.34 46.25 0.34
N ALA B 85 1.78 45.16 -0.16
CA ALA B 85 0.44 45.14 -0.76
C ALA B 85 -0.66 44.67 0.18
N SER B 86 -0.31 43.97 1.24
CA SER B 86 -1.28 43.58 2.26
C SER B 86 -1.57 44.73 3.23
N THR B 87 -2.57 44.53 4.08
CA THR B 87 -2.85 45.50 5.15
C THR B 87 -1.69 45.58 6.18
N MET B 88 -0.73 44.66 6.11
CA MET B 88 0.50 44.75 6.93
C MET B 88 1.26 46.07 6.76
N ALA B 89 1.01 46.76 5.65
CA ALA B 89 1.58 48.07 5.42
C ALA B 89 1.28 49.06 6.55
N GLN B 90 0.06 49.01 7.09
CA GLN B 90 -0.35 49.93 8.15
C GLN B 90 0.43 49.63 9.46
N HIS B 91 0.69 48.35 9.71
CA HIS B 91 1.47 47.94 10.87
C HIS B 91 2.95 48.31 10.67
N ALA B 92 3.46 48.12 9.47
CA ALA B 92 4.82 48.57 9.21
C ALA B 92 4.96 50.06 9.57
N GLU B 93 4.03 50.89 9.10
CA GLU B 93 4.06 52.33 9.38
CA GLU B 93 4.12 52.33 9.39
C GLU B 93 4.12 52.61 10.88
N VAL B 94 3.31 51.88 11.64
CA VAL B 94 3.32 52.02 13.09
C VAL B 94 4.74 51.73 13.64
N LEU B 95 5.35 50.66 13.19
CA LEU B 95 6.67 50.34 13.66
C LEU B 95 7.70 51.39 13.25
N VAL B 96 7.56 51.95 12.05
CA VAL B 96 8.48 52.97 11.59
C VAL B 96 8.41 54.22 12.51
N LYS B 97 7.20 54.64 12.87
N LYS B 97 7.21 54.60 12.92
CA LYS B 97 7.01 55.72 13.84
CA LYS B 97 7.01 55.72 13.84
C LYS B 97 7.62 55.31 15.19
C LYS B 97 7.39 55.43 15.29
N SER B 98 7.12 54.21 15.76
CA SER B 98 7.53 53.81 17.12
C SER B 98 9.03 53.64 17.23
N ASN B 99 9.72 53.38 16.11
CA ASN B 99 11.20 53.28 16.09
C ASN B 99 11.94 54.54 15.62
N ASN B 100 11.23 55.65 15.47
CA ASN B 100 11.83 56.95 15.15
C ASN B 100 12.69 56.88 13.91
N LEU B 101 12.15 56.22 12.89
CA LEU B 101 12.81 56.09 11.59
C LEU B 101 11.93 56.66 10.47
N THR B 102 11.02 57.57 10.82
CA THR B 102 10.19 58.27 9.83
C THR B 102 11.01 59.04 8.76
N ASP B 103 12.16 59.53 9.17
CA ASP B 103 13.09 60.18 8.25
C ASP B 103 13.83 59.25 7.27
N ARG B 104 13.78 57.94 7.48
CA ARG B 104 14.54 57.01 6.64
C ARG B 104 13.76 55.90 5.97
N ILE B 105 12.69 55.42 6.60
CA ILE B 105 11.88 54.37 6.02
C ILE B 105 10.55 54.94 5.61
N VAL B 106 10.17 54.69 4.36
CA VAL B 106 8.95 55.24 3.79
C VAL B 106 8.12 54.10 3.27
N VAL B 107 7.08 53.75 4.01
CA VAL B 107 6.18 52.72 3.59
C VAL B 107 5.35 53.24 2.43
N ILE B 108 5.20 52.39 1.41
CA ILE B 108 4.37 52.67 0.25
C ILE B 108 3.42 51.50 0.07
N PRO B 109 2.14 51.68 0.43
CA PRO B 109 1.17 50.61 0.30
C PRO B 109 0.79 50.37 -1.16
N GLY B 110 0.67 49.11 -1.54
CA GLY B 110 0.40 48.72 -2.90
C GLY B 110 1.31 47.59 -3.38
N LYS B 111 0.99 47.07 -4.57
CA LYS B 111 1.82 46.07 -5.23
C LYS B 111 2.97 46.81 -5.92
N VAL B 112 4.17 46.25 -5.88
CA VAL B 112 5.33 46.87 -6.52
C VAL B 112 5.14 47.06 -8.04
N GLU B 113 4.24 46.28 -8.64
CA GLU B 113 3.91 46.42 -10.07
C GLU B 113 3.04 47.64 -10.33
N GLU B 114 2.38 48.16 -9.27
CA GLU B 114 1.35 49.21 -9.38
C GLU B 114 1.67 50.54 -8.72
N VAL B 115 2.60 50.56 -7.78
CA VAL B 115 3.02 51.81 -7.14
C VAL B 115 3.99 52.67 -7.97
N SER B 116 4.21 53.89 -7.48
CA SER B 116 5.16 54.85 -8.02
C SER B 116 6.20 55.23 -6.98
N LEU B 117 7.47 55.20 -7.34
CA LEU B 117 8.53 55.62 -6.44
C LEU B 117 9.18 56.87 -6.93
N PRO B 118 9.58 57.78 -6.04
CA PRO B 118 10.09 59.11 -6.46
C PRO B 118 11.48 59.12 -7.07
N GLU B 119 12.12 57.97 -7.14
CA GLU B 119 13.47 57.92 -7.63
C GLU B 119 13.96 56.46 -7.77
N GLN B 120 15.09 56.33 -8.44
CA GLN B 120 15.69 55.06 -8.71
C GLN B 120 16.51 54.67 -7.50
N VAL B 121 16.79 53.37 -7.35
CA VAL B 121 17.44 52.88 -6.15
C VAL B 121 18.77 52.21 -6.45
N ASP B 122 19.65 52.21 -5.45
CA ASP B 122 20.94 51.55 -5.51
C ASP B 122 20.88 50.04 -5.31
N ILE B 123 19.93 49.61 -4.50
CA ILE B 123 19.81 48.21 -4.18
C ILE B 123 18.37 47.84 -3.83
N ILE B 124 17.98 46.65 -4.30
CA ILE B 124 16.72 46.03 -3.98
C ILE B 124 16.95 44.84 -3.05
N ILE B 125 16.23 44.85 -1.93
CA ILE B 125 16.21 43.75 -0.97
C ILE B 125 14.81 43.21 -0.99
N SER B 126 14.69 41.90 -0.91
CA SER B 126 13.39 41.29 -0.74
C SER B 126 13.54 39.92 -0.14
N GLU B 127 12.47 39.42 0.43
CA GLU B 127 12.40 38.02 0.73
C GLU B 127 11.22 37.48 -0.03
N PRO B 128 11.46 37.06 -1.29
CA PRO B 128 10.41 36.62 -2.18
C PRO B 128 10.34 35.14 -2.43
N MET B 129 11.11 34.36 -1.68
CA MET B 129 11.21 32.94 -1.95
C MET B 129 10.02 32.16 -1.37
N GLY B 130 9.39 31.33 -2.19
CA GLY B 130 8.38 30.40 -1.71
C GLY B 130 9.03 29.05 -1.51
N TYR B 131 8.25 28.06 -1.11
CA TYR B 131 8.81 26.72 -1.09
C TYR B 131 9.09 26.22 -2.49
N MET B 132 10.07 25.34 -2.59
CA MET B 132 10.67 24.95 -3.87
C MET B 132 11.10 26.18 -4.64
N LEU B 133 11.46 27.22 -3.87
CA LEU B 133 11.88 28.53 -4.34
C LEU B 133 10.78 29.35 -5.05
N PHE B 134 10.17 28.77 -6.08
CA PHE B 134 9.31 29.51 -7.00
C PHE B 134 7.86 29.69 -6.57
N ASN B 135 7.37 28.93 -5.60
CA ASN B 135 6.00 29.14 -5.24
C ASN B 135 5.71 30.59 -4.86
N GLU B 136 4.48 31.01 -5.21
CA GLU B 136 3.90 32.34 -4.98
C GLU B 136 4.16 33.32 -6.13
N ARG B 137 5.13 32.99 -6.99
CA ARG B 137 5.55 33.81 -8.13
C ARG B 137 6.04 35.18 -7.72
N MET B 138 6.50 35.30 -6.47
CA MET B 138 6.89 36.61 -5.99
C MET B 138 8.28 36.95 -6.51
N LEU B 139 9.07 35.96 -6.94
CA LEU B 139 10.34 36.26 -7.67
C LEU B 139 10.08 37.14 -8.89
N GLU B 140 8.93 36.96 -9.52
CA GLU B 140 8.58 37.78 -10.67
C GLU B 140 8.36 39.23 -10.26
N SER B 141 7.70 39.48 -9.14
CA SER B 141 7.56 40.83 -8.61
C SER B 141 8.93 41.43 -8.29
N TYR B 142 9.83 40.62 -7.74
CA TYR B 142 11.18 41.09 -7.37
C TYR B 142 11.98 41.50 -8.60
N LEU B 143 11.90 40.70 -9.67
CA LEU B 143 12.55 41.06 -10.95
C LEU B 143 11.88 42.27 -11.61
N HIS B 144 10.55 42.30 -11.60
CA HIS B 144 9.77 43.47 -12.05
C HIS B 144 10.33 44.76 -11.44
N ALA B 145 10.66 44.73 -10.15
CA ALA B 145 11.15 45.91 -9.42
C ALA B 145 12.48 46.44 -9.92
N LYS B 146 13.16 45.71 -10.77
CA LYS B 146 14.41 46.22 -11.37
C LYS B 146 14.19 47.46 -12.26
N LYS B 147 12.97 47.71 -12.70
CA LYS B 147 12.69 48.97 -13.39
C LYS B 147 13.10 50.15 -12.55
N TYR B 148 13.11 50.01 -11.23
CA TYR B 148 13.56 51.08 -10.32
C TYR B 148 15.04 51.03 -10.00
N LEU B 149 15.76 50.07 -10.55
CA LEU B 149 17.16 49.85 -10.19
C LEU B 149 18.15 50.70 -11.00
N LYS B 150 18.98 51.50 -10.33
CA LYS B 150 20.00 52.26 -11.04
C LYS B 150 20.95 51.32 -11.81
N PRO B 151 21.52 51.78 -12.95
CA PRO B 151 22.48 50.92 -13.65
C PRO B 151 23.59 50.53 -12.68
N SER B 152 24.06 49.29 -12.76
CA SER B 152 25.03 48.75 -11.79
C SER B 152 24.51 48.70 -10.32
N GLY B 153 23.20 48.81 -10.13
CA GLY B 153 22.61 48.58 -8.80
C GLY B 153 22.65 47.10 -8.42
N ASN B 154 22.50 46.81 -7.13
CA ASN B 154 22.60 45.44 -6.63
C ASN B 154 21.22 44.86 -6.21
N MET B 155 21.22 43.57 -5.99
CA MET B 155 20.04 42.81 -5.58
CA MET B 155 20.05 42.87 -5.54
C MET B 155 20.44 41.91 -4.42
N PHE B 156 19.58 41.85 -3.40
CA PHE B 156 19.85 41.08 -2.18
C PHE B 156 18.57 40.36 -1.84
N PRO B 157 18.45 39.07 -2.13
CA PRO B 157 19.50 38.22 -2.67
C PRO B 157 19.85 38.47 -4.13
N THR B 158 21.04 38.03 -4.51
CA THR B 158 21.59 38.20 -5.85
C THR B 158 21.32 37.02 -6.74
N ILE B 159 21.51 35.82 -6.21
CA ILE B 159 21.22 34.60 -6.98
C ILE B 159 20.41 33.59 -6.17
N GLY B 160 19.82 32.65 -6.89
CA GLY B 160 19.08 31.55 -6.27
C GLY B 160 19.47 30.24 -6.93
N ASP B 161 19.85 29.26 -6.12
CA ASP B 161 20.08 27.89 -6.57
C ASP B 161 18.95 26.99 -6.11
N VAL B 162 18.30 26.32 -7.05
CA VAL B 162 17.42 25.22 -6.71
C VAL B 162 18.20 23.93 -6.87
N HIS B 163 18.19 23.10 -5.82
CA HIS B 163 18.76 21.76 -5.84
C HIS B 163 17.69 20.69 -5.91
N LEU B 164 17.97 19.66 -6.70
CA LEU B 164 17.14 18.46 -6.72
C LEU B 164 17.97 17.18 -6.66
N ALA B 165 17.43 16.17 -6.00
CA ALA B 165 18.06 14.86 -5.85
C ALA B 165 17.00 13.82 -5.71
N PRO B 166 17.24 12.62 -6.28
CA PRO B 166 16.30 11.52 -6.13
C PRO B 166 16.35 10.96 -4.73
N PHE B 167 15.19 10.52 -4.20
CA PHE B 167 15.13 9.94 -2.86
C PHE B 167 14.43 8.58 -2.82
N THR B 168 14.66 7.85 -1.73
CA THR B 168 13.91 6.65 -1.43
C THR B 168 13.23 6.85 -0.06
N ASP B 169 11.92 6.66 0.02
CA ASP B 169 11.20 6.75 1.28
C ASP B 169 9.89 5.99 1.17
N GLU B 170 9.97 4.70 1.45
CA GLU B 170 8.85 3.83 1.18
C GLU B 170 7.72 4.10 2.18
N GLN B 171 8.07 4.55 3.38
CA GLN B 171 7.06 4.93 4.38
C GLN B 171 6.20 6.10 3.87
N LEU B 172 6.83 7.12 3.27
CA LEU B 172 6.11 8.24 2.69
C LEU B 172 5.18 7.76 1.57
N TYR B 173 5.74 6.98 0.66
CA TYR B 173 4.99 6.47 -0.47
C TYR B 173 3.74 5.75 -0.01
N MET B 174 3.87 4.87 0.96
CA MET B 174 2.74 4.10 1.45
C MET B 174 1.73 4.94 2.20
N GLU B 175 2.21 5.93 2.92
CA GLU B 175 1.32 6.83 3.64
C GLU B 175 0.39 7.50 2.63
N GLN B 176 0.96 8.10 1.59
CA GLN B 176 0.16 8.72 0.54
C GLN B 176 -0.69 7.72 -0.21
N PHE B 177 -0.12 6.55 -0.48
CA PHE B 177 -0.80 5.52 -1.25
C PHE B 177 -2.02 5.01 -0.48
N THR B 178 -1.85 4.80 0.81
CA THR B 178 -2.93 4.32 1.66
C THR B 178 -4.14 5.27 1.69
N LYS B 179 -3.89 6.57 1.75
CA LYS B 179 -4.96 7.55 1.71
C LYS B 179 -5.75 7.50 0.41
N ALA B 180 -5.02 7.50 -0.71
CA ALA B 180 -5.63 7.30 -2.02
C ALA B 180 -6.50 6.05 -2.07
N ASN B 181 -6.04 4.98 -1.43
CA ASN B 181 -6.71 3.68 -1.55
C ASN B 181 -8.00 3.58 -0.76
N PHE B 182 -8.36 4.64 -0.04
CA PHE B 182 -9.73 4.80 0.47
C PHE B 182 -10.73 4.63 -0.67
N TRP B 183 -10.34 5.14 -1.84
CA TRP B 183 -11.16 5.13 -3.04
C TRP B 183 -11.03 3.84 -3.88
N TYR B 184 -10.48 2.80 -3.27
CA TYR B 184 -10.42 1.48 -3.86
C TYR B 184 -11.51 0.57 -3.25
N GLN B 185 -12.16 1.05 -2.18
CA GLN B 185 -13.20 0.28 -1.50
C GLN B 185 -14.40 -0.01 -2.41
N PRO B 186 -14.72 -1.30 -2.66
CA PRO B 186 -15.89 -1.65 -3.45
C PRO B 186 -17.22 -1.57 -2.67
N SER B 187 -17.17 -1.41 -1.35
CA SER B 187 -18.40 -1.38 -0.58
C SER B 187 -18.29 -0.45 0.65
N PHE B 188 -17.95 0.82 0.40
CA PHE B 188 -17.99 1.86 1.44
C PHE B 188 -19.44 2.17 1.81
N HIS B 189 -19.85 1.78 3.01
CA HIS B 189 -21.27 1.81 3.41
C HIS B 189 -22.17 1.28 2.26
N GLY B 190 -21.77 0.14 1.68
CA GLY B 190 -22.50 -0.44 0.54
C GLY B 190 -22.27 0.15 -0.85
N VAL B 191 -21.37 1.12 -0.98
CA VAL B 191 -21.17 1.87 -2.23
C VAL B 191 -19.82 1.52 -2.83
N ASP B 192 -19.78 1.31 -4.13
CA ASP B 192 -18.52 0.97 -4.78
C ASP B 192 -17.76 2.23 -5.22
N LEU B 193 -16.68 2.55 -4.51
CA LEU B 193 -15.89 3.73 -4.80
C LEU B 193 -14.82 3.48 -5.85
N SER B 194 -14.58 2.21 -6.16
CA SER B 194 -13.37 1.74 -6.83
C SER B 194 -13.09 2.35 -8.19
N ALA B 195 -14.12 2.82 -8.87
CA ALA B 195 -13.92 3.48 -10.17
C ALA B 195 -13.16 4.84 -10.05
N LEU B 196 -13.13 5.44 -8.86
CA LEU B 196 -12.32 6.67 -8.66
C LEU B 196 -10.90 6.43 -8.12
N ARG B 197 -10.52 5.15 -8.03
N ARG B 197 -10.45 5.18 -8.01
CA ARG B 197 -9.19 4.73 -7.61
CA ARG B 197 -9.12 4.94 -7.43
C ARG B 197 -8.07 5.57 -8.21
C ARG B 197 -8.00 5.62 -8.21
N GLY B 198 -8.07 5.64 -9.54
CA GLY B 198 -7.03 6.28 -10.33
C GLY B 198 -7.04 7.79 -10.22
N ALA B 199 -8.24 8.37 -10.13
CA ALA B 199 -8.39 9.80 -9.94
C ALA B 199 -7.84 10.19 -8.58
N ALA B 200 -8.14 9.37 -7.58
CA ALA B 200 -7.67 9.61 -6.24
C ALA B 200 -6.14 9.57 -6.14
N VAL B 201 -5.52 8.51 -6.67
CA VAL B 201 -4.07 8.43 -6.72
C VAL B 201 -3.51 9.67 -7.38
N ASP B 202 -4.05 10.02 -8.53
CA ASP B 202 -3.61 11.21 -9.27
C ASP B 202 -3.61 12.47 -8.40
N GLU B 203 -4.68 12.65 -7.64
CA GLU B 203 -4.84 13.84 -6.83
C GLU B 203 -3.87 13.84 -5.66
N TYR B 204 -3.68 12.71 -5.01
CA TYR B 204 -2.78 12.66 -3.87
C TYR B 204 -1.32 12.85 -4.31
N PHE B 205 -0.92 12.17 -5.38
CA PHE B 205 0.46 12.27 -5.87
C PHE B 205 0.75 13.58 -6.60
N ARG B 206 -0.28 14.35 -6.91
CA ARG B 206 -0.12 15.72 -7.37
C ARG B 206 0.36 16.69 -6.28
N GLN B 207 0.18 16.31 -5.03
CA GLN B 207 0.53 17.13 -3.87
C GLN B 207 2.02 17.04 -3.49
N PRO B 208 2.77 18.14 -3.61
CA PRO B 208 4.14 18.07 -3.13
C PRO B 208 4.15 17.99 -1.62
N VAL B 209 5.13 17.26 -1.11
CA VAL B 209 5.24 16.95 0.30
C VAL B 209 6.27 17.88 0.94
N VAL B 210 5.80 18.72 1.84
CA VAL B 210 6.61 19.67 2.54
C VAL B 210 6.86 19.15 3.94
N ASP B 211 8.11 18.79 4.17
CA ASP B 211 8.66 18.48 5.49
C ASP B 211 10.17 18.25 5.34
N THR B 212 10.81 17.79 6.40
CA THR B 212 12.22 17.51 6.32
C THR B 212 12.41 16.01 6.37
N PHE B 213 13.66 15.57 6.34
CA PHE B 213 14.02 14.15 6.25
C PHE B 213 15.54 14.04 6.38
N ASP B 214 16.03 12.83 6.66
CA ASP B 214 17.45 12.54 6.75
C ASP B 214 18.08 12.47 5.37
N ILE B 215 19.28 13.01 5.25
CA ILE B 215 20.02 12.99 3.98
C ILE B 215 20.38 11.58 3.49
N ARG B 216 20.31 10.62 4.40
CA ARG B 216 20.51 9.21 4.05
C ARG B 216 19.49 8.69 3.06
N ILE B 217 18.40 9.42 2.83
CA ILE B 217 17.39 8.97 1.88
C ILE B 217 17.72 9.37 0.45
N LEU B 218 18.72 10.22 0.26
CA LEU B 218 19.08 10.72 -1.05
C LEU B 218 19.96 9.72 -1.75
N MET B 219 19.72 9.53 -3.04
CA MET B 219 20.33 8.44 -3.80
CA MET B 219 20.34 8.43 -3.79
C MET B 219 21.41 8.89 -4.78
N ALA B 220 21.63 10.20 -4.88
CA ALA B 220 22.65 10.74 -5.76
C ALA B 220 22.90 12.17 -5.39
N LYS B 221 24.08 12.64 -5.78
CA LYS B 221 24.46 14.02 -5.66
C LYS B 221 23.46 14.93 -6.39
N SER B 222 23.16 16.07 -5.80
CA SER B 222 22.08 16.90 -6.28
C SER B 222 22.43 17.65 -7.53
N VAL B 223 21.42 17.88 -8.37
CA VAL B 223 21.55 18.72 -9.56
C VAL B 223 21.10 20.13 -9.17
N LYS B 224 21.74 21.12 -9.76
CA LYS B 224 21.57 22.51 -9.40
C LYS B 224 21.11 23.33 -10.61
N TYR B 225 20.03 24.10 -10.41
CA TYR B 225 19.57 25.07 -11.40
C TYR B 225 19.64 26.45 -10.74
N THR B 226 20.28 27.39 -11.43
CA THR B 226 20.59 28.69 -10.88
C THR B 226 19.78 29.76 -11.58
N VAL B 227 19.34 30.75 -10.81
CA VAL B 227 18.70 31.92 -11.38
C VAL B 227 19.48 33.09 -10.83
N ASN B 228 20.00 33.91 -11.74
CA ASN B 228 20.73 35.11 -11.39
C ASN B 228 19.78 36.29 -11.44
N PHE B 229 19.54 36.91 -10.28
CA PHE B 229 18.48 37.91 -10.17
C PHE B 229 18.92 39.22 -10.75
N LEU B 230 20.22 39.44 -10.75
CA LEU B 230 20.79 40.64 -11.32
C LEU B 230 20.50 40.70 -12.86
N GLU B 231 20.35 39.53 -13.48
CA GLU B 231 20.21 39.38 -14.95
C GLU B 231 18.87 38.82 -15.44
N ALA B 232 18.15 38.04 -14.65
CA ALA B 232 16.91 37.47 -15.15
C ALA B 232 15.82 38.54 -15.39
N LYS B 233 15.04 38.33 -16.43
CA LYS B 233 13.83 39.11 -16.67
C LYS B 233 12.61 38.33 -16.14
N GLU B 234 11.54 39.04 -15.81
CA GLU B 234 10.34 38.40 -15.28
C GLU B 234 9.90 37.19 -16.07
N GLY B 235 9.86 37.37 -17.38
CA GLY B 235 9.33 36.35 -18.30
C GLY B 235 10.15 35.09 -18.38
N ASP B 236 11.39 35.14 -17.89
CA ASP B 236 12.21 33.92 -17.78
C ASP B 236 11.54 32.91 -16.86
N LEU B 237 10.79 33.41 -15.89
CA LEU B 237 10.14 32.54 -14.92
C LEU B 237 8.80 31.97 -15.31
N HIS B 238 8.29 32.30 -16.49
CA HIS B 238 7.00 31.77 -16.92
C HIS B 238 7.07 30.28 -17.20
N ARG B 239 8.18 29.87 -17.80
CA ARG B 239 8.43 28.47 -18.15
C ARG B 239 9.83 28.11 -17.69
N ILE B 240 9.91 27.32 -16.62
CA ILE B 240 11.21 26.98 -16.06
C ILE B 240 11.54 25.54 -16.41
N GLU B 241 12.66 25.34 -17.10
CA GLU B 241 13.04 24.00 -17.55
C GLU B 241 14.36 23.55 -16.93
N ILE B 242 14.25 22.52 -16.08
CA ILE B 242 15.39 21.95 -15.37
C ILE B 242 15.64 20.48 -15.77
N PRO B 243 16.63 20.27 -16.66
CA PRO B 243 16.99 18.94 -17.07
C PRO B 243 17.97 18.42 -16.04
N PHE B 244 18.08 17.10 -15.97
CA PHE B 244 18.91 16.45 -14.97
C PHE B 244 19.43 15.10 -15.44
N LYS B 245 20.56 14.73 -14.87
CA LYS B 245 21.22 13.45 -15.10
C LYS B 245 21.85 13.09 -13.77
N PHE B 246 21.23 12.15 -13.06
CA PHE B 246 21.75 11.70 -11.79
C PHE B 246 22.58 10.44 -11.99
N HIS B 247 23.74 10.43 -11.37
N HIS B 247 23.77 10.45 -11.41
CA HIS B 247 24.60 9.27 -11.34
CA HIS B 247 24.62 9.25 -11.35
C HIS B 247 24.32 8.58 -10.03
C HIS B 247 24.30 8.59 -10.04
N MET B 248 23.57 7.47 -10.09
CA MET B 248 22.99 6.86 -8.89
C MET B 248 24.06 6.27 -8.01
N LEU B 249 24.07 6.65 -6.75
CA LEU B 249 25.08 6.21 -5.81
C LEU B 249 24.65 4.98 -5.04
N HIS B 250 23.37 4.66 -5.09
CA HIS B 250 22.87 3.52 -4.35
C HIS B 250 21.84 2.82 -5.19
N SER B 251 21.71 1.53 -4.96
CA SER B 251 20.66 0.76 -5.56
C SER B 251 19.41 0.88 -4.70
N GLY B 252 18.25 0.82 -5.36
CA GLY B 252 16.99 0.78 -4.67
C GLY B 252 15.92 1.53 -5.42
N LEU B 253 14.77 1.65 -4.78
CA LEU B 253 13.62 2.29 -5.37
C LEU B 253 13.71 3.81 -5.26
N VAL B 254 13.53 4.49 -6.39
CA VAL B 254 13.40 5.94 -6.41
C VAL B 254 11.93 6.33 -6.28
N HIS B 255 11.60 6.95 -5.15
CA HIS B 255 10.23 7.32 -4.88
C HIS B 255 9.83 8.69 -5.38
N GLY B 256 10.83 9.52 -5.68
CA GLY B 256 10.57 10.81 -6.30
C GLY B 256 11.78 11.70 -6.24
N LEU B 257 11.56 12.99 -6.43
CA LEU B 257 12.64 13.96 -6.33
C LEU B 257 12.39 14.87 -5.16
N ALA B 258 13.47 15.11 -4.40
CA ALA B 258 13.51 16.11 -3.37
C ALA B 258 14.11 17.41 -3.88
N PHE B 259 13.55 18.54 -3.39
CA PHE B 259 13.99 19.87 -3.78
C PHE B 259 14.29 20.75 -2.58
N TRP B 260 15.33 21.54 -2.67
CA TRP B 260 15.57 22.63 -1.74
C TRP B 260 16.26 23.74 -2.49
N PHE B 261 16.53 24.85 -1.81
CA PHE B 261 17.12 25.99 -2.47
C PHE B 261 18.01 26.80 -1.54
N ASP B 262 19.01 27.43 -2.13
CA ASP B 262 19.91 28.36 -1.46
C ASP B 262 19.77 29.70 -2.14
N VAL B 263 20.01 30.76 -1.39
CA VAL B 263 20.24 32.07 -2.00
C VAL B 263 21.51 32.70 -1.48
N ALA B 264 22.18 33.43 -2.37
CA ALA B 264 23.41 34.15 -2.05
C ALA B 264 23.18 35.63 -2.15
N PHE B 265 23.66 36.35 -1.14
CA PHE B 265 23.72 37.81 -1.13
C PHE B 265 25.17 38.19 -1.48
N ILE B 266 25.38 38.58 -2.73
CA ILE B 266 26.74 38.83 -3.22
C ILE B 266 27.06 40.30 -2.99
N GLY B 267 27.61 40.56 -1.82
CA GLY B 267 27.94 41.89 -1.43
C GLY B 267 29.30 42.33 -1.92
N SER B 268 29.57 43.62 -1.72
CA SER B 268 30.85 44.20 -2.07
CA SER B 268 30.84 44.23 -2.06
C SER B 268 31.91 43.83 -1.03
N ILE B 269 31.46 43.49 0.18
CA ILE B 269 32.38 43.04 1.23
C ILE B 269 32.50 41.51 1.25
N MET B 270 31.38 40.80 1.22
CA MET B 270 31.41 39.34 1.28
C MET B 270 30.12 38.74 0.78
N THR B 271 30.18 37.45 0.45
CA THR B 271 29.01 36.76 0.03
C THR B 271 28.48 36.02 1.27
N VAL B 272 27.17 36.07 1.46
CA VAL B 272 26.49 35.37 2.57
C VAL B 272 25.42 34.48 1.97
N TRP B 273 25.46 33.21 2.34
CA TRP B 273 24.52 32.24 1.80
C TRP B 273 23.40 32.00 2.81
N LEU B 274 22.19 31.88 2.30
CA LEU B 274 21.06 31.35 3.09
C LEU B 274 20.62 30.07 2.43
N SER B 275 20.87 28.95 3.11
CA SER B 275 20.53 27.63 2.60
C SER B 275 19.34 26.97 3.34
N THR B 276 18.48 26.31 2.56
CA THR B 276 17.36 25.52 3.11
C THR B 276 17.62 24.01 2.88
N ALA B 277 18.89 23.65 2.74
CA ALA B 277 19.26 22.27 2.46
C ALA B 277 18.98 21.39 3.66
N PRO B 278 18.84 20.09 3.42
CA PRO B 278 18.52 19.17 4.52
C PRO B 278 19.74 18.85 5.40
N THR B 279 20.93 19.25 4.93
CA THR B 279 22.18 19.18 5.69
C THR B 279 22.31 20.37 6.61
N GLU B 280 21.47 21.39 6.44
CA GLU B 280 21.48 22.56 7.29
C GLU B 280 20.36 22.59 8.32
N PRO B 281 20.47 23.46 9.34
CA PRO B 281 19.40 23.66 10.30
C PRO B 281 18.10 24.04 9.60
N LEU B 282 16.99 23.59 10.18
CA LEU B 282 15.71 23.67 9.54
C LEU B 282 15.20 25.11 9.51
N THR B 283 14.53 25.44 8.40
CA THR B 283 13.86 26.71 8.21
C THR B 283 12.37 26.46 7.99
N HIS B 284 11.59 27.53 7.92
CA HIS B 284 10.13 27.43 7.75
C HIS B 284 9.77 26.99 6.34
N TRP B 285 10.75 27.02 5.44
CA TRP B 285 10.60 26.45 4.09
C TRP B 285 10.78 24.95 4.02
N TYR B 286 11.32 24.35 5.09
CA TYR B 286 11.56 22.91 5.13
C TYR B 286 12.25 22.44 3.84
N GLN B 287 11.77 21.34 3.29
CA GLN B 287 12.16 20.88 1.95
C GLN B 287 10.91 20.37 1.25
N VAL B 288 11.01 20.14 -0.06
CA VAL B 288 9.88 19.67 -0.86
C VAL B 288 10.16 18.42 -1.67
N ARG B 289 9.27 17.45 -1.55
CA ARG B 289 9.41 16.20 -2.28
C ARG B 289 8.23 15.96 -3.22
N CYS B 290 8.54 15.70 -4.48
CA CYS B 290 7.55 15.27 -5.48
C CYS B 290 7.64 13.77 -5.67
N LEU B 291 6.60 13.09 -5.22
CA LEU B 291 6.50 11.65 -5.29
C LEU B 291 6.06 11.19 -6.68
N PHE B 292 6.54 10.02 -7.07
CA PHE B 292 6.11 9.35 -8.29
C PHE B 292 5.04 8.38 -7.91
N GLN B 293 3.94 8.28 -8.66
CA GLN B 293 2.89 7.32 -8.26
C GLN B 293 3.35 5.89 -8.44
N SER B 294 4.38 5.69 -9.27
CA SER B 294 5.10 4.40 -9.21
C SER B 294 6.61 4.58 -9.19
N PRO B 295 7.28 4.07 -8.14
CA PRO B 295 8.71 4.26 -8.02
C PRO B 295 9.51 3.55 -9.09
N LEU B 296 10.71 4.06 -9.33
CA LEU B 296 11.58 3.57 -10.38
C LEU B 296 12.66 2.76 -9.72
N PHE B 297 12.93 1.58 -10.24
CA PHE B 297 14.03 0.79 -9.69
C PHE B 297 15.37 1.17 -10.31
N ALA B 298 16.37 1.44 -9.48
CA ALA B 298 17.70 1.73 -10.01
C ALA B 298 18.81 1.01 -9.27
N LYS B 299 19.93 0.85 -9.97
CA LYS B 299 21.15 0.26 -9.43
C LYS B 299 22.22 1.30 -9.32
N ALA B 300 23.04 1.20 -8.28
CA ALA B 300 24.18 2.07 -8.13
C ALA B 300 24.87 2.05 -9.48
N GLY B 301 25.25 3.22 -9.97
CA GLY B 301 25.97 3.34 -11.23
C GLY B 301 25.04 3.64 -12.40
N ASP B 302 23.75 3.36 -12.27
CA ASP B 302 22.81 3.76 -13.32
C ASP B 302 22.74 5.28 -13.37
N THR B 303 22.15 5.77 -14.44
CA THR B 303 21.83 7.18 -14.59
C THR B 303 20.31 7.34 -14.66
N LEU B 304 19.82 8.33 -13.92
CA LEU B 304 18.42 8.73 -13.92
C LEU B 304 18.39 10.09 -14.58
N SER B 305 17.73 10.18 -15.72
CA SER B 305 17.75 11.39 -16.48
C SER B 305 16.34 11.78 -16.86
N GLY B 306 16.13 13.07 -17.09
CA GLY B 306 14.87 13.58 -17.55
C GLY B 306 14.77 15.07 -17.37
N THR B 307 13.54 15.54 -17.18
CA THR B 307 13.28 16.95 -17.07
C THR B 307 12.25 17.26 -15.99
N CYS B 308 12.51 18.30 -15.22
CA CYS B 308 11.50 18.92 -14.40
C CYS B 308 11.09 20.26 -15.04
N LEU B 309 9.80 20.41 -15.31
CA LEU B 309 9.29 21.58 -16.06
C LEU B 309 8.24 22.33 -15.23
N LEU B 310 8.47 23.62 -15.05
CA LEU B 310 7.62 24.45 -14.21
C LEU B 310 6.92 25.47 -15.09
N ILE B 311 5.61 25.34 -15.17
CA ILE B 311 4.80 26.23 -15.98
C ILE B 311 4.00 27.17 -15.09
N ALA B 312 4.34 28.46 -15.13
CA ALA B 312 3.65 29.45 -14.32
C ALA B 312 2.15 29.49 -14.63
N ASN B 313 1.32 29.46 -13.58
CA ASN B 313 -0.14 29.65 -13.74
C ASN B 313 -0.62 30.93 -13.04
N LYS B 314 -1.90 31.19 -13.17
CA LYS B 314 -2.51 32.44 -12.68
C LYS B 314 -2.97 32.37 -11.21
N ARG B 315 -2.72 31.24 -10.56
CA ARG B 315 -2.94 31.07 -9.14
C ARG B 315 -1.63 31.27 -8.37
N GLN B 316 -0.76 32.12 -8.91
CA GLN B 316 0.48 32.51 -8.24
C GLN B 316 1.33 31.29 -7.93
N SER B 317 1.31 30.33 -8.85
CA SER B 317 2.12 29.15 -8.67
C SER B 317 2.49 28.48 -9.99
N TYR B 318 2.75 27.17 -9.92
CA TYR B 318 3.28 26.43 -11.05
C TYR B 318 2.67 25.07 -11.21
N ASP B 319 2.40 24.76 -12.47
CA ASP B 319 2.20 23.39 -12.92
C ASP B 319 3.55 22.78 -13.19
N ILE B 320 3.81 21.66 -12.52
CA ILE B 320 5.10 21.02 -12.52
C ILE B 320 4.98 19.67 -13.21
N SER B 321 5.88 19.38 -14.14
CA SER B 321 5.95 18.02 -14.66
C SER B 321 7.33 17.49 -14.45
N ILE B 322 7.40 16.26 -13.96
CA ILE B 322 8.68 15.60 -13.80
C ILE B 322 8.60 14.30 -14.59
N VAL B 323 9.40 14.25 -15.65
CA VAL B 323 9.59 13.01 -16.40
C VAL B 323 10.98 12.56 -16.04
N ALA B 324 11.07 11.31 -15.59
CA ALA B 324 12.33 10.72 -15.19
C ALA B 324 12.42 9.34 -15.79
N GLN B 325 13.59 9.00 -16.34
CA GLN B 325 13.84 7.63 -16.78
C GLN B 325 15.17 7.05 -16.30
N VAL B 326 15.18 5.75 -16.06
CA VAL B 326 16.40 5.04 -15.71
C VAL B 326 16.93 4.60 -17.06
N ASP B 327 18.01 5.21 -17.49
CA ASP B 327 18.48 4.99 -18.86
C ASP B 327 18.73 3.50 -19.16
N GLN B 328 19.26 2.77 -18.17
CA GLN B 328 19.72 1.40 -18.39
C GLN B 328 18.59 0.40 -18.60
N THR B 329 17.37 0.76 -18.26
CA THR B 329 16.23 -0.14 -18.47
C THR B 329 15.10 0.45 -19.30
N GLY B 330 15.16 1.75 -19.57
CA GLY B 330 14.05 2.45 -20.24
C GLY B 330 12.81 2.58 -19.38
N SER B 331 12.97 2.38 -18.08
CA SER B 331 11.87 2.54 -17.15
C SER B 331 11.59 4.03 -16.89
N LYS B 332 10.37 4.47 -17.15
CA LYS B 332 10.02 5.88 -16.95
C LYS B 332 8.82 6.18 -16.05
N SER B 333 8.83 7.40 -15.52
CA SER B 333 7.79 7.92 -14.68
C SER B 333 7.53 9.35 -15.11
N SER B 334 6.28 9.63 -15.44
CA SER B 334 5.84 10.98 -15.75
C SER B 334 4.89 11.41 -14.66
N ASN B 335 5.05 12.63 -14.19
CA ASN B 335 4.25 13.12 -13.10
C ASN B 335 3.89 14.59 -13.28
N LEU B 336 2.70 14.94 -12.79
CA LEU B 336 2.20 16.31 -12.80
C LEU B 336 1.98 16.71 -11.37
N LEU B 337 2.47 17.88 -10.98
CA LEU B 337 2.32 18.33 -9.59
C LEU B 337 1.79 19.74 -9.49
N ASP B 338 0.87 19.89 -8.56
CA ASP B 338 0.09 21.10 -8.39
C ASP B 338 0.70 21.81 -7.16
N LEU B 339 1.71 22.64 -7.45
CA LEU B 339 2.53 23.27 -6.41
C LEU B 339 1.73 24.13 -5.44
N LYS B 340 0.54 24.59 -5.85
CA LYS B 340 -0.43 25.26 -4.98
C LYS B 340 -1.18 24.41 -3.96
N ASN B 341 -1.04 23.10 -4.00
CA ASN B 341 -1.82 22.26 -3.09
C ASN B 341 -0.94 21.27 -2.35
N PRO B 342 -0.01 21.79 -1.54
CA PRO B 342 0.96 20.89 -0.93
C PRO B 342 0.39 20.17 0.26
N PHE B 343 1.07 19.10 0.67
CA PHE B 343 0.74 18.35 1.87
C PHE B 343 1.85 18.69 2.89
N PHE B 344 1.45 19.41 3.95
CA PHE B 344 2.34 19.83 5.02
C PHE B 344 2.34 18.70 6.02
N ARG B 345 3.38 17.87 5.95
CA ARG B 345 3.46 16.64 6.72
C ARG B 345 4.18 16.76 8.07
N TYR B 346 4.99 17.80 8.22
N TYR B 346 4.99 17.80 8.23
CA TYR B 346 5.85 17.96 9.38
CA TYR B 346 5.87 17.93 9.39
C TYR B 346 5.11 17.96 10.72
C TYR B 346 5.11 17.96 10.71
N THR B 347 5.51 17.05 11.60
CA THR B 347 4.88 16.82 12.91
C THR B 347 4.26 18.07 13.56
N ARG C 4 -13.41 -46.32 -11.73
CA ARG C 4 -14.03 -47.41 -10.92
C ARG C 4 -14.40 -46.90 -9.51
N SER C 5 -13.40 -46.81 -8.63
CA SER C 5 -13.64 -46.62 -7.21
C SER C 5 -14.09 -45.20 -6.86
N VAL C 6 -14.77 -45.10 -5.73
CA VAL C 6 -15.15 -43.82 -5.16
C VAL C 6 -13.96 -42.85 -5.14
N PHE C 7 -12.74 -43.35 -4.91
CA PHE C 7 -11.57 -42.48 -4.90
C PHE C 7 -11.23 -41.87 -6.26
N SER C 8 -11.07 -42.73 -7.26
N SER C 8 -11.06 -42.73 -7.26
CA SER C 8 -10.69 -42.28 -8.60
CA SER C 8 -10.69 -42.31 -8.62
C SER C 8 -11.78 -41.42 -9.23
C SER C 8 -11.78 -41.43 -9.24
N GLU C 9 -13.02 -41.70 -8.87
CA GLU C 9 -14.17 -40.90 -9.29
C GLU C 9 -14.02 -39.39 -8.89
N ARG C 10 -13.65 -39.13 -7.63
CA ARG C 10 -13.59 -37.75 -7.10
CA ARG C 10 -13.58 -37.76 -7.09
C ARG C 10 -12.22 -37.10 -7.29
N THR C 11 -11.26 -37.82 -7.87
CA THR C 11 -9.87 -37.34 -7.91
C THR C 11 -9.22 -37.36 -9.30
N GLU C 12 -8.68 -36.23 -9.71
CA GLU C 12 -7.77 -36.16 -10.83
C GLU C 12 -6.57 -37.08 -10.60
N GLU C 13 -6.26 -37.95 -11.57
CA GLU C 13 -5.02 -38.74 -11.60
C GLU C 13 -3.79 -37.88 -11.33
N SER C 14 -3.67 -36.78 -12.06
CA SER C 14 -2.56 -35.87 -11.88
C SER C 14 -2.35 -35.51 -10.38
N SER C 15 -3.46 -35.30 -9.67
CA SER C 15 -3.42 -34.96 -8.23
C SER C 15 -3.04 -36.15 -7.35
N ALA C 16 -3.68 -37.30 -7.59
CA ALA C 16 -3.42 -38.52 -6.81
C ALA C 16 -1.96 -38.96 -6.85
N VAL C 17 -1.34 -38.83 -8.03
CA VAL C 17 0.05 -39.21 -8.24
C VAL C 17 0.98 -38.33 -7.41
N GLN C 18 0.86 -37.02 -7.56
CA GLN C 18 1.60 -36.07 -6.72
C GLN C 18 1.35 -36.21 -5.22
N TYR C 19 0.11 -36.49 -4.84
CA TYR C 19 -0.27 -36.59 -3.43
C TYR C 19 0.43 -37.79 -2.77
N PHE C 20 0.31 -38.96 -3.37
CA PHE C 20 0.91 -40.17 -2.83
C PHE C 20 2.45 -40.23 -2.99
N GLN C 21 2.98 -39.57 -4.02
CA GLN C 21 4.44 -39.40 -4.14
C GLN C 21 5.03 -38.67 -2.94
N PHE C 22 4.41 -37.53 -2.62
CA PHE C 22 4.78 -36.69 -1.47
C PHE C 22 4.85 -37.48 -0.15
N TYR C 23 3.81 -38.24 0.13
CA TYR C 23 3.78 -39.08 1.33
C TYR C 23 4.71 -40.29 1.27
N GLY C 24 5.18 -40.62 0.07
CA GLY C 24 6.11 -41.74 -0.07
C GLY C 24 7.50 -41.42 0.46
N TYR C 25 7.76 -40.14 0.69
CA TYR C 25 9.08 -39.69 1.18
C TYR C 25 9.18 -39.80 2.67
N LEU C 26 10.22 -40.45 3.12
CA LEU C 26 10.51 -40.56 4.53
C LEU C 26 10.59 -39.20 5.23
N SER C 27 11.18 -38.22 4.57
CA SER C 27 11.26 -36.86 5.12
C SER C 27 9.90 -36.27 5.43
N GLN C 28 8.93 -36.53 4.57
CA GLN C 28 7.58 -36.01 4.77
C GLN C 28 6.90 -36.72 5.94
N GLN C 29 7.12 -38.03 6.09
CA GLN C 29 6.61 -38.75 7.25
C GLN C 29 7.30 -38.26 8.51
N GLN C 30 8.61 -38.10 8.42
CA GLN C 30 9.35 -37.59 9.55
C GLN C 30 8.79 -36.24 10.00
N ASN C 31 8.62 -35.33 9.04
CA ASN C 31 8.06 -34.01 9.33
C ASN C 31 6.82 -34.08 10.23
N MET C 32 5.88 -34.96 9.86
CA MET C 32 4.67 -35.20 10.67
C MET C 32 4.97 -35.89 11.99
N MET C 33 5.78 -36.94 11.95
CA MET C 33 6.15 -37.65 13.16
C MET C 33 6.77 -36.73 14.23
N GLN C 34 7.61 -35.80 13.81
CA GLN C 34 8.31 -34.89 14.76
C GLN C 34 7.45 -33.80 15.37
N ASP C 35 6.24 -33.61 14.86
CA ASP C 35 5.26 -32.74 15.49
C ASP C 35 4.88 -33.43 16.78
N TYR C 36 5.50 -33.03 17.90
CA TYR C 36 5.32 -33.76 19.18
C TYR C 36 3.93 -33.61 19.74
N VAL C 37 3.31 -32.47 19.47
CA VAL C 37 1.96 -32.19 19.89
C VAL C 37 1.01 -33.21 19.23
N ARG C 38 1.08 -33.27 17.91
CA ARG C 38 0.31 -34.23 17.11
C ARG C 38 0.57 -35.68 17.54
N THR C 39 1.81 -36.12 17.44
CA THR C 39 2.11 -37.54 17.64
C THR C 39 1.91 -37.94 19.09
N GLY C 40 2.34 -37.07 20.00
CA GLY C 40 2.24 -37.34 21.44
C GLY C 40 0.79 -37.35 21.89
N THR C 41 -0.02 -36.47 21.30
CA THR C 41 -1.43 -36.44 21.65
C THR C 41 -2.15 -37.66 21.10
N TYR C 42 -1.86 -38.07 19.88
CA TYR C 42 -2.39 -39.36 19.41
C TYR C 42 -2.03 -40.48 20.37
N GLN C 43 -0.76 -40.58 20.76
CA GLN C 43 -0.35 -41.67 21.65
C GLN C 43 -1.09 -41.65 22.98
N ARG C 44 -1.24 -40.47 23.55
CA ARG C 44 -2.00 -40.31 24.79
C ARG C 44 -3.49 -40.69 24.61
N ALA C 45 -4.10 -40.26 23.51
CA ALA C 45 -5.51 -40.57 23.25
C ALA C 45 -5.74 -42.07 23.26
N ILE C 46 -4.90 -42.77 22.52
CA ILE C 46 -5.01 -44.21 22.39
C ILE C 46 -4.65 -44.96 23.68
N LEU C 47 -3.50 -44.67 24.27
CA LEU C 47 -3.07 -45.39 25.47
C LEU C 47 -3.94 -45.14 26.72
N GLN C 48 -4.45 -43.92 26.89
CA GLN C 48 -5.28 -43.59 28.05
C GLN C 48 -6.64 -44.25 27.94
N ASN C 49 -7.09 -44.42 26.69
CA ASN C 49 -8.30 -45.16 26.38
C ASN C 49 -7.97 -46.57 25.93
N HIS C 50 -7.20 -47.28 26.74
CA HIS C 50 -6.69 -48.59 26.36
C HIS C 50 -7.80 -49.63 26.29
N THR C 51 -8.89 -49.38 27.04
CA THR C 51 -10.09 -50.23 26.98
C THR C 51 -10.69 -50.29 25.56
N ASP C 52 -10.62 -49.19 24.82
CA ASP C 52 -11.10 -49.20 23.44
C ASP C 52 -10.18 -49.94 22.46
N PHE C 53 -9.04 -50.44 22.94
CA PHE C 53 -8.16 -51.23 22.08
C PHE C 53 -7.90 -52.66 22.55
N LYS C 54 -7.96 -52.91 23.85
CA LYS C 54 -7.66 -54.24 24.41
C LYS C 54 -8.44 -55.33 23.68
N ASP C 55 -7.69 -56.25 23.04
CA ASP C 55 -8.27 -57.36 22.24
C ASP C 55 -9.19 -56.95 21.11
N LYS C 56 -9.12 -55.70 20.65
CA LYS C 56 -9.96 -55.24 19.54
C LYS C 56 -9.33 -55.44 18.17
N ILE C 57 -10.18 -55.34 17.16
CA ILE C 57 -9.76 -55.30 15.77
C ILE C 57 -9.78 -53.83 15.40
N VAL C 58 -8.69 -53.40 14.75
CA VAL C 58 -8.44 -51.98 14.48
C VAL C 58 -8.13 -51.79 13.02
N LEU C 59 -8.59 -50.67 12.47
CA LEU C 59 -8.21 -50.23 11.16
C LEU C 59 -7.55 -48.86 11.30
N ASP C 60 -6.37 -48.69 10.69
CA ASP C 60 -5.64 -47.41 10.66
C ASP C 60 -5.63 -46.94 9.22
N VAL C 61 -6.38 -45.88 8.94
CA VAL C 61 -6.52 -45.40 7.58
C VAL C 61 -5.42 -44.43 7.21
N GLY C 62 -4.58 -44.85 6.26
CA GLY C 62 -3.41 -44.09 5.86
C GLY C 62 -2.36 -44.13 6.94
N CYS C 63 -1.73 -45.29 7.10
CA CYS C 63 -0.88 -45.55 8.26
C CYS C 63 0.50 -44.87 8.18
N GLY C 64 0.90 -44.44 6.97
CA GLY C 64 2.20 -43.86 6.75
C GLY C 64 3.26 -44.81 7.27
N SER C 65 4.05 -44.34 8.22
CA SER C 65 5.13 -45.12 8.80
C SER C 65 4.68 -46.31 9.63
N GLY C 66 3.40 -46.29 10.01
CA GLY C 66 2.80 -47.29 10.90
C GLY C 66 2.61 -46.75 12.29
N ILE C 67 3.14 -45.55 12.53
CA ILE C 67 3.26 -45.03 13.89
C ILE C 67 1.98 -45.23 14.74
N LEU C 68 0.82 -44.91 14.20
CA LEU C 68 -0.44 -45.04 15.00
C LEU C 68 -0.85 -46.50 15.25
N SER C 69 -0.58 -47.37 14.29
CA SER C 69 -0.83 -48.79 14.48
C SER C 69 0.02 -49.34 15.60
N PHE C 70 1.27 -48.89 15.72
CA PHE C 70 2.07 -49.25 16.87
C PHE C 70 1.48 -48.82 18.21
N PHE C 71 0.86 -47.65 18.28
CA PHE C 71 0.19 -47.22 19.53
C PHE C 71 -1.03 -48.10 19.87
N ALA C 72 -1.79 -48.43 18.83
CA ALA C 72 -2.90 -49.38 19.01
C ALA C 72 -2.37 -50.72 19.56
N ALA C 73 -1.24 -51.19 19.03
CA ALA C 73 -0.64 -52.41 19.55
C ALA C 73 -0.17 -52.27 20.99
N GLN C 74 0.50 -51.15 21.29
CA GLN C 74 0.92 -50.87 22.67
C GLN C 74 -0.25 -50.90 23.65
N ALA C 75 -1.43 -50.45 23.19
CA ALA C 75 -2.64 -50.44 24.04
C ALA C 75 -3.42 -51.74 24.03
N GLY C 76 -2.95 -52.75 23.31
CA GLY C 76 -3.48 -54.11 23.46
C GLY C 76 -4.30 -54.70 22.34
N ALA C 77 -4.47 -53.99 21.23
CA ALA C 77 -5.19 -54.51 20.07
C ALA C 77 -4.73 -55.92 19.67
N ARG C 78 -5.71 -56.73 19.30
CA ARG C 78 -5.47 -58.11 18.81
C ARG C 78 -4.93 -58.08 17.38
N LYS C 79 -5.57 -57.30 16.52
CA LYS C 79 -5.12 -57.17 15.17
C LYS C 79 -5.43 -55.80 14.59
N ILE C 80 -4.51 -55.29 13.78
CA ILE C 80 -4.58 -53.95 13.23
C ILE C 80 -4.34 -53.98 11.73
N TYR C 81 -5.34 -53.60 10.94
CA TYR C 81 -5.12 -53.50 9.51
C TYR C 81 -4.66 -52.07 9.26
N ALA C 82 -3.45 -51.97 8.70
CA ALA C 82 -2.80 -50.71 8.47
C ALA C 82 -2.77 -50.42 6.98
N VAL C 83 -3.72 -49.62 6.51
CA VAL C 83 -3.86 -49.38 5.08
C VAL C 83 -3.06 -48.15 4.67
N GLU C 84 -2.34 -48.25 3.57
CA GLU C 84 -1.55 -47.10 3.10
C GLU C 84 -1.37 -47.19 1.61
N ALA C 85 -1.68 -46.07 0.93
CA ALA C 85 -1.72 -46.03 -0.51
C ALA C 85 -0.39 -45.59 -1.12
N SER C 86 0.48 -44.94 -0.34
CA SER C 86 1.81 -44.52 -0.87
C SER C 86 2.82 -45.68 -0.80
N THR C 87 3.97 -45.50 -1.42
CA THR C 87 5.06 -46.49 -1.26
C THR C 87 5.59 -46.57 0.16
N MET C 88 5.13 -45.67 1.04
CA MET C 88 5.45 -45.76 2.46
C MET C 88 5.02 -47.10 3.05
N ALA C 89 4.04 -47.76 2.45
CA ALA C 89 3.53 -49.05 2.97
C ALA C 89 4.64 -50.09 3.16
N GLN C 90 5.64 -50.03 2.31
CA GLN C 90 6.77 -50.94 2.34
C GLN C 90 7.68 -50.71 3.56
N HIS C 91 7.90 -49.44 3.86
CA HIS C 91 8.70 -49.05 5.02
C HIS C 91 7.99 -49.37 6.32
N ALA C 92 6.68 -49.18 6.31
CA ALA C 92 5.86 -49.61 7.43
C ALA C 92 6.03 -51.12 7.68
N GLU C 93 5.91 -51.94 6.64
CA GLU C 93 6.14 -53.37 6.80
C GLU C 93 7.54 -53.69 7.37
N VAL C 94 8.56 -53.02 6.89
CA VAL C 94 9.89 -53.16 7.47
C VAL C 94 9.87 -52.91 9.00
N LEU C 95 9.17 -51.86 9.44
CA LEU C 95 9.07 -51.56 10.89
C LEU C 95 8.31 -52.56 11.70
N VAL C 96 7.23 -53.07 11.13
CA VAL C 96 6.42 -54.09 11.79
C VAL C 96 7.25 -55.35 12.07
N LYS C 97 8.02 -55.76 11.08
CA LYS C 97 8.96 -56.89 11.24
C LYS C 97 10.04 -56.56 12.28
N SER C 98 10.71 -55.42 12.08
CA SER C 98 11.85 -55.04 12.96
C SER C 98 11.38 -54.84 14.38
N ASN C 99 10.10 -54.53 14.57
CA ASN C 99 9.57 -54.41 15.92
C ASN C 99 8.85 -55.65 16.44
N ASN C 100 8.93 -56.76 15.70
CA ASN C 100 8.34 -58.05 16.10
C ASN C 100 6.85 -57.98 16.43
N LEU C 101 6.10 -57.33 15.54
CA LEU C 101 4.66 -57.13 15.72
C LEU C 101 3.88 -57.62 14.50
N THR C 102 4.49 -58.58 13.78
CA THR C 102 3.90 -59.23 12.60
C THR C 102 2.61 -59.96 12.93
N ASP C 103 2.53 -60.47 14.16
CA ASP C 103 1.35 -61.17 14.68
C ASP C 103 0.15 -60.24 15.00
N ARG C 104 0.38 -58.93 15.02
CA ARG C 104 -0.61 -57.97 15.49
C ARG C 104 -0.90 -56.83 14.53
N ILE C 105 0.08 -56.43 13.72
CA ILE C 105 -0.10 -55.34 12.77
C ILE C 105 0.06 -55.89 11.37
N VAL C 106 -0.95 -55.64 10.55
CA VAL C 106 -1.00 -56.16 9.18
C VAL C 106 -1.12 -55.02 8.19
N VAL C 107 -0.04 -54.77 7.45
CA VAL C 107 -0.04 -53.72 6.46
C VAL C 107 -0.83 -54.22 5.25
N ILE C 108 -1.68 -53.36 4.72
CA ILE C 108 -2.45 -53.62 3.51
C ILE C 108 -2.14 -52.48 2.55
N PRO C 109 -1.29 -52.70 1.56
CA PRO C 109 -1.07 -51.62 0.62
C PRO C 109 -2.27 -51.37 -0.24
N GLY C 110 -2.53 -50.09 -0.54
CA GLY C 110 -3.69 -49.68 -1.33
C GLY C 110 -4.51 -48.53 -0.75
N LYS C 111 -5.48 -48.05 -1.54
CA LYS C 111 -6.40 -47.02 -1.10
C LYS C 111 -7.49 -47.66 -0.26
N VAL C 112 -7.87 -46.99 0.82
CA VAL C 112 -8.88 -47.58 1.68
C VAL C 112 -10.21 -47.78 0.94
N GLU C 113 -10.42 -47.02 -0.13
CA GLU C 113 -11.61 -47.16 -0.96
C GLU C 113 -11.57 -48.37 -1.92
N GLU C 114 -10.42 -49.02 -2.01
CA GLU C 114 -10.22 -50.05 -3.04
C GLU C 114 -9.79 -51.40 -2.51
N VAL C 115 -9.16 -51.42 -1.34
CA VAL C 115 -8.66 -52.67 -0.79
C VAL C 115 -9.78 -53.54 -0.26
N SER C 116 -9.46 -54.78 0.06
CA SER C 116 -10.37 -55.72 0.68
C SER C 116 -9.85 -56.03 2.06
N LEU C 117 -10.73 -56.03 3.06
CA LEU C 117 -10.32 -56.45 4.40
C LEU C 117 -11.01 -57.75 4.80
N PRO C 118 -10.29 -58.61 5.53
CA PRO C 118 -10.93 -59.88 5.81
C PRO C 118 -12.06 -59.79 6.83
N GLU C 119 -12.08 -58.76 7.67
CA GLU C 119 -13.13 -58.63 8.69
C GLU C 119 -13.54 -57.17 9.00
N GLN C 120 -14.65 -57.03 9.72
CA GLN C 120 -15.09 -55.76 10.26
C GLN C 120 -14.34 -55.43 11.55
N VAL C 121 -14.23 -54.15 11.87
CA VAL C 121 -13.36 -53.73 12.98
C VAL C 121 -14.13 -53.00 14.04
N ASP C 122 -13.60 -53.02 15.26
CA ASP C 122 -14.19 -52.40 16.42
C ASP C 122 -13.95 -50.90 16.50
N ILE C 123 -12.81 -50.46 15.96
CA ILE C 123 -12.39 -49.07 16.04
C ILE C 123 -11.61 -48.69 14.80
N ILE C 124 -11.82 -47.45 14.33
CA ILE C 124 -11.00 -46.89 13.25
C ILE C 124 -10.15 -45.76 13.82
N ILE C 125 -8.85 -45.79 13.54
CA ILE C 125 -7.98 -44.69 13.87
C ILE C 125 -7.44 -44.10 12.56
N SER C 126 -7.13 -42.81 12.59
CA SER C 126 -6.53 -42.16 11.43
C SER C 126 -6.12 -40.75 11.82
N GLU C 127 -5.13 -40.22 11.11
CA GLU C 127 -4.81 -38.82 11.14
C GLU C 127 -4.91 -38.28 9.71
N PRO C 128 -6.11 -37.87 9.31
CA PRO C 128 -6.40 -37.40 7.96
C PRO C 128 -6.65 -35.89 7.84
N MET C 129 -6.21 -35.13 8.84
CA MET C 129 -6.54 -33.71 8.90
C MET C 129 -5.57 -32.94 8.03
N GLY C 130 -6.09 -32.08 7.16
CA GLY C 130 -5.23 -31.16 6.40
C GLY C 130 -5.30 -29.76 6.98
N TYR C 131 -4.69 -28.80 6.29
CA TYR C 131 -4.88 -27.38 6.62
C TYR C 131 -6.35 -27.04 6.62
N MET C 132 -6.77 -26.22 7.57
CA MET C 132 -8.18 -25.83 7.66
C MET C 132 -9.06 -27.06 7.88
N LEU C 133 -8.43 -28.12 8.41
CA LEU C 133 -9.07 -29.44 8.65
C LEU C 133 -9.34 -30.24 7.36
N PHE C 134 -9.96 -29.59 6.38
CA PHE C 134 -10.51 -30.24 5.21
C PHE C 134 -9.57 -30.45 4.04
N ASN C 135 -8.48 -29.70 3.95
CA ASN C 135 -7.56 -29.87 2.81
C ASN C 135 -7.09 -31.32 2.67
N GLU C 136 -6.77 -31.71 1.42
CA GLU C 136 -6.41 -33.09 1.01
C GLU C 136 -7.60 -34.01 0.75
N ARG C 137 -8.75 -33.68 1.33
CA ARG C 137 -9.97 -34.48 1.25
C ARG C 137 -9.86 -35.86 1.85
N MET C 138 -8.89 -36.04 2.74
CA MET C 138 -8.64 -37.35 3.31
C MET C 138 -9.72 -37.68 4.31
N LEU C 139 -10.41 -36.68 4.83
CA LEU C 139 -11.50 -36.97 5.78
C LEU C 139 -12.60 -37.80 5.15
N GLU C 140 -12.79 -37.64 3.84
CA GLU C 140 -13.77 -38.46 3.13
C GLU C 140 -13.34 -39.94 3.10
N SER C 141 -12.04 -40.18 2.96
CA SER C 141 -11.51 -41.55 3.01
C SER C 141 -11.73 -42.13 4.39
N TYR C 142 -11.54 -41.30 5.41
CA TYR C 142 -11.79 -41.72 6.80
C TYR C 142 -13.25 -42.14 7.00
N LEU C 143 -14.18 -41.35 6.47
CA LEU C 143 -15.61 -41.63 6.59
C LEU C 143 -16.02 -42.84 5.74
N HIS C 144 -15.50 -42.89 4.52
CA HIS C 144 -15.66 -44.05 3.63
C HIS C 144 -15.35 -45.36 4.34
N ALA C 145 -14.26 -45.37 5.13
CA ALA C 145 -13.87 -46.60 5.85
C ALA C 145 -14.87 -47.07 6.93
N LYS C 146 -15.90 -46.28 7.20
CA LYS C 146 -16.96 -46.75 8.11
C LYS C 146 -17.74 -47.97 7.58
N LYS C 147 -17.68 -48.21 6.28
CA LYS C 147 -18.12 -49.49 5.71
C LYS C 147 -17.46 -50.72 6.34
N TYR C 148 -16.28 -50.58 6.93
CA TYR C 148 -15.69 -51.68 7.71
C TYR C 148 -16.04 -51.65 9.21
N LEU C 149 -16.73 -50.60 9.63
CA LEU C 149 -16.93 -50.40 11.05
C LEU C 149 -18.14 -51.22 11.51
N LYS C 150 -17.95 -52.00 12.57
CA LYS C 150 -19.06 -52.71 13.16
C LYS C 150 -20.04 -51.70 13.77
N PRO C 151 -21.32 -52.10 13.86
CA PRO C 151 -22.30 -51.32 14.60
C PRO C 151 -21.80 -50.91 16.00
N SER C 152 -21.99 -49.64 16.31
CA SER C 152 -21.48 -49.03 17.53
C SER C 152 -19.96 -49.08 17.63
N GLY C 153 -19.29 -49.17 16.49
CA GLY C 153 -17.83 -49.08 16.47
C GLY C 153 -17.38 -47.65 16.72
N ASN C 154 -16.16 -47.49 17.22
CA ASN C 154 -15.70 -46.16 17.54
C ASN C 154 -14.74 -45.60 16.50
N MET C 155 -14.52 -44.29 16.50
N MET C 155 -14.54 -44.28 16.52
CA MET C 155 -13.57 -43.65 15.60
CA MET C 155 -13.69 -43.53 15.59
C MET C 155 -12.73 -42.65 16.35
C MET C 155 -12.73 -42.64 16.39
N PHE C 156 -11.44 -42.69 16.07
CA PHE C 156 -10.40 -41.92 16.79
C PHE C 156 -9.57 -41.22 15.72
N PRO C 157 -9.78 -39.92 15.48
CA PRO C 157 -10.64 -39.03 16.27
C PRO C 157 -12.14 -39.22 16.02
N THR C 158 -12.95 -38.75 16.96
CA THR C 158 -14.42 -38.95 16.93
C THR C 158 -15.17 -37.76 16.31
N ILE C 159 -14.71 -36.55 16.61
CA ILE C 159 -15.34 -35.32 16.12
C ILE C 159 -14.26 -34.30 15.77
N GLY C 160 -14.61 -33.41 14.85
CA GLY C 160 -13.73 -32.32 14.44
C GLY C 160 -14.47 -30.98 14.47
N ASP C 161 -13.82 -30.00 15.07
CA ASP C 161 -14.33 -28.62 15.19
C ASP C 161 -13.45 -27.68 14.38
N VAL C 162 -14.04 -27.01 13.41
CA VAL C 162 -13.42 -25.89 12.73
C VAL C 162 -13.89 -24.57 13.34
N HIS C 163 -12.94 -23.76 13.79
CA HIS C 163 -13.19 -22.41 14.30
C HIS C 163 -12.76 -21.37 13.28
N LEU C 164 -13.61 -20.37 13.07
CA LEU C 164 -13.27 -19.17 12.34
C LEU C 164 -13.58 -17.91 13.16
N ALA C 165 -12.74 -16.90 12.97
CA ALA C 165 -12.87 -15.61 13.62
C ALA C 165 -12.28 -14.51 12.75
N PRO C 166 -12.84 -13.30 12.84
CA PRO C 166 -12.34 -12.16 12.06
C PRO C 166 -11.06 -11.63 12.68
N PHE C 167 -10.10 -11.21 11.86
CA PHE C 167 -8.83 -10.67 12.35
C PHE C 167 -8.43 -9.36 11.68
N THR C 168 -7.54 -8.64 12.36
CA THR C 168 -6.94 -7.43 11.81
C THR C 168 -5.43 -7.66 11.75
N ASP C 169 -4.83 -7.38 10.61
CA ASP C 169 -3.39 -7.48 10.43
C ASP C 169 -2.98 -6.72 9.19
N GLU C 170 -2.76 -5.43 9.38
CA GLU C 170 -2.48 -4.52 8.27
C GLU C 170 -1.13 -4.81 7.62
N GLN C 171 -0.18 -5.29 8.42
CA GLN C 171 1.12 -5.67 7.87
C GLN C 171 0.98 -6.84 6.90
N LEU C 172 0.21 -7.87 7.28
CA LEU C 172 0.02 -9.01 6.39
C LEU C 172 -0.65 -8.53 5.09
N TYR C 173 -1.65 -7.69 5.25
CA TYR C 173 -2.43 -7.19 4.11
C TYR C 173 -1.54 -6.44 3.13
N MET C 174 -0.68 -5.58 3.65
CA MET C 174 0.17 -4.75 2.79
C MET C 174 1.30 -5.54 2.11
N GLU C 175 1.81 -6.54 2.81
CA GLU C 175 2.74 -7.51 2.25
C GLU C 175 2.18 -8.20 0.98
N GLN C 176 0.98 -8.73 1.08
CA GLN C 176 0.34 -9.34 -0.07
C GLN C 176 -0.03 -8.31 -1.14
N PHE C 177 -0.47 -7.15 -0.68
CA PHE C 177 -0.88 -6.07 -1.57
C PHE C 177 0.30 -5.55 -2.37
N THR C 178 1.43 -5.36 -1.69
CA THR C 178 2.65 -4.89 -2.32
C THR C 178 3.17 -5.89 -3.37
N LYS C 179 3.12 -7.20 -3.10
CA LYS C 179 3.49 -8.19 -4.12
C LYS C 179 2.64 -8.01 -5.36
N ALA C 180 1.33 -7.97 -5.17
CA ALA C 180 0.42 -7.83 -6.30
C ALA C 180 0.65 -6.52 -7.03
N ASN C 181 1.02 -5.47 -6.29
CA ASN C 181 1.24 -4.16 -6.90
CA ASN C 181 1.25 -4.15 -6.88
C ASN C 181 2.47 -4.10 -7.81
N PHE C 182 3.27 -5.16 -7.83
CA PHE C 182 4.30 -5.31 -8.87
C PHE C 182 3.69 -5.14 -10.28
N TRP C 183 2.46 -5.62 -10.44
CA TRP C 183 1.75 -5.53 -11.69
C TRP C 183 0.95 -4.21 -11.87
N TYR C 184 1.18 -3.23 -10.99
CA TYR C 184 0.63 -1.89 -11.16
C TYR C 184 1.65 -1.03 -11.92
N GLN C 185 2.90 -1.46 -11.95
CA GLN C 185 3.99 -0.76 -12.68
C GLN C 185 3.68 -0.38 -14.12
N PRO C 186 3.72 0.94 -14.43
CA PRO C 186 3.47 1.33 -15.80
C PRO C 186 4.71 1.28 -16.70
N SER C 187 5.91 1.14 -16.15
CA SER C 187 7.12 1.10 -16.97
C SER C 187 8.23 0.16 -16.45
N PHE C 188 7.86 -1.11 -16.28
CA PHE C 188 8.80 -2.15 -15.86
C PHE C 188 9.65 -2.49 -17.06
N HIS C 189 10.93 -2.11 -17.00
CA HIS C 189 11.80 -2.19 -18.14
C HIS C 189 11.11 -1.63 -19.38
N GLY C 190 10.48 -0.47 -19.23
CA GLY C 190 9.71 0.16 -20.32
C GLY C 190 8.39 -0.51 -20.66
N VAL C 191 7.87 -1.41 -19.81
CA VAL C 191 6.62 -2.12 -20.15
C VAL C 191 5.49 -1.81 -19.14
N ASP C 192 4.32 -1.47 -19.67
CA ASP C 192 3.13 -1.20 -18.84
C ASP C 192 2.43 -2.52 -18.46
N LEU C 193 2.59 -2.89 -17.19
CA LEU C 193 1.95 -4.09 -16.64
C LEU C 193 0.55 -3.84 -16.08
N SER C 194 0.18 -2.56 -15.97
CA SER C 194 -0.94 -2.11 -15.12
C SER C 194 -2.28 -2.72 -15.47
N ALA C 195 -2.46 -3.12 -16.72
CA ALA C 195 -3.70 -3.79 -17.13
C ALA C 195 -3.93 -5.08 -16.35
N LEU C 196 -2.86 -5.71 -15.88
CA LEU C 196 -2.97 -6.96 -15.11
C LEU C 196 -3.02 -6.83 -13.59
N ARG C 197 -3.13 -5.61 -13.07
N ARG C 197 -3.13 -5.59 -13.11
CA ARG C 197 -3.10 -5.42 -11.60
CA ARG C 197 -3.18 -5.27 -11.69
C ARG C 197 -4.30 -6.06 -10.92
C ARG C 197 -4.28 -6.07 -10.98
N GLY C 198 -5.48 -5.96 -11.52
CA GLY C 198 -6.66 -6.64 -10.99
C GLY C 198 -6.43 -8.13 -10.93
N ALA C 199 -5.98 -8.68 -12.05
CA ALA C 199 -5.78 -10.13 -12.13
C ALA C 199 -4.76 -10.57 -11.08
N ALA C 200 -3.71 -9.78 -10.90
CA ALA C 200 -2.69 -10.06 -9.90
C ALA C 200 -3.23 -10.05 -8.48
N VAL C 201 -4.01 -9.03 -8.16
CA VAL C 201 -4.65 -8.96 -6.84
C VAL C 201 -5.51 -10.19 -6.59
N ASP C 202 -6.33 -10.54 -7.56
CA ASP C 202 -7.15 -11.75 -7.45
C ASP C 202 -6.27 -12.96 -7.13
N GLU C 203 -5.23 -13.18 -7.92
CA GLU C 203 -4.41 -14.37 -7.74
C GLU C 203 -3.86 -14.38 -6.33
N TYR C 204 -3.15 -13.33 -5.98
CA TYR C 204 -2.46 -13.27 -4.70
C TYR C 204 -3.43 -13.44 -3.54
N PHE C 205 -4.61 -12.82 -3.64
CA PHE C 205 -5.59 -12.89 -2.55
C PHE C 205 -6.37 -14.19 -2.49
N ARG C 206 -6.30 -14.97 -3.56
CA ARG C 206 -6.82 -16.34 -3.57
C ARG C 206 -6.01 -17.28 -2.67
N GLN C 207 -4.82 -16.85 -2.26
CA GLN C 207 -3.91 -17.75 -1.52
C GLN C 207 -4.14 -17.64 -0.05
N PRO C 208 -4.65 -18.73 0.58
CA PRO C 208 -4.74 -18.62 2.02
C PRO C 208 -3.36 -18.58 2.62
N VAL C 209 -3.20 -17.84 3.71
CA VAL C 209 -1.92 -17.67 4.38
C VAL C 209 -1.78 -18.65 5.55
N VAL C 210 -0.77 -19.50 5.47
CA VAL C 210 -0.49 -20.48 6.52
C VAL C 210 0.67 -19.96 7.36
N ASP C 211 0.36 -19.66 8.62
CA ASP C 211 1.35 -19.29 9.63
C ASP C 211 0.63 -19.07 10.94
N THR C 212 1.37 -18.66 11.97
CA THR C 212 0.75 -18.37 13.25
C THR C 212 0.74 -16.87 13.52
N PHE C 213 0.14 -16.48 14.64
CA PHE C 213 -0.10 -15.08 14.91
C PHE C 213 -0.53 -14.97 16.35
N ASP C 214 -0.36 -13.79 16.93
CA ASP C 214 -0.82 -13.58 18.29
C ASP C 214 -2.32 -13.42 18.26
N ILE C 215 -2.97 -13.90 19.30
CA ILE C 215 -4.43 -13.91 19.38
C ILE C 215 -5.06 -12.52 19.52
N ARG C 216 -4.24 -11.52 19.84
CA ARG C 216 -4.71 -10.14 19.96
C ARG C 216 -5.10 -9.52 18.62
N ILE C 217 -4.84 -10.20 17.52
CA ILE C 217 -5.34 -9.77 16.22
C ILE C 217 -6.80 -10.18 15.97
N LEU C 218 -7.35 -11.04 16.81
CA LEU C 218 -8.74 -11.49 16.61
C LEU C 218 -9.76 -10.47 17.11
N MET C 219 -10.74 -10.20 16.27
CA MET C 219 -11.68 -9.11 16.50
CA MET C 219 -11.67 -9.10 16.50
C MET C 219 -13.01 -9.54 17.13
N ALA C 220 -13.22 -10.84 17.22
CA ALA C 220 -14.45 -11.40 17.77
C ALA C 220 -14.23 -12.81 18.28
N LYS C 221 -15.24 -13.32 18.97
CA LYS C 221 -15.20 -14.67 19.48
C LYS C 221 -15.38 -15.57 18.28
N SER C 222 -14.67 -16.69 18.27
CA SER C 222 -14.76 -17.62 17.15
C SER C 222 -16.13 -18.30 17.05
N VAL C 223 -16.51 -18.64 15.82
CA VAL C 223 -17.70 -19.46 15.54
C VAL C 223 -17.20 -20.86 15.19
N LYS C 224 -17.99 -21.86 15.57
CA LYS C 224 -17.56 -23.25 15.51
C LYS C 224 -18.44 -24.05 14.57
N TYR C 225 -17.82 -24.83 13.72
CA TYR C 225 -18.54 -25.78 12.86
C TYR C 225 -18.05 -27.17 13.26
N THR C 226 -18.98 -28.07 13.52
CA THR C 226 -18.62 -29.37 14.02
C THR C 226 -18.98 -30.47 13.05
N VAL C 227 -18.01 -31.35 12.80
CA VAL C 227 -18.25 -32.59 12.08
C VAL C 227 -18.15 -33.78 13.05
N ASN C 228 -19.24 -34.52 13.20
CA ASN C 228 -19.26 -35.74 13.99
C ASN C 228 -18.93 -36.92 13.07
N PHE C 229 -17.75 -37.49 13.23
CA PHE C 229 -17.29 -38.53 12.30
C PHE C 229 -18.07 -39.83 12.47
N LEU C 230 -18.61 -40.06 13.65
CA LEU C 230 -19.48 -41.22 13.85
C LEU C 230 -20.73 -41.16 12.99
N GLU C 231 -21.25 -39.97 12.74
CA GLU C 231 -22.53 -39.83 12.05
C GLU C 231 -22.39 -39.33 10.63
N ALA C 232 -21.31 -38.61 10.32
CA ALA C 232 -21.19 -38.00 9.00
C ALA C 232 -20.98 -39.01 7.86
N LYS C 233 -21.48 -38.65 6.69
CA LYS C 233 -21.31 -39.42 5.46
C LYS C 233 -20.37 -38.66 4.56
N GLU C 234 -19.64 -39.36 3.70
CA GLU C 234 -18.58 -38.71 2.95
C GLU C 234 -19.11 -37.62 2.00
N GLY C 235 -20.32 -37.83 1.48
CA GLY C 235 -21.02 -36.79 0.71
C GLY C 235 -21.24 -35.47 1.43
N ASP C 236 -21.35 -35.50 2.75
CA ASP C 236 -21.50 -34.27 3.55
C ASP C 236 -20.33 -33.29 3.44
N LEU C 237 -19.17 -33.76 2.97
CA LEU C 237 -17.99 -32.89 2.84
C LEU C 237 -17.81 -32.38 1.46
N HIS C 238 -18.76 -32.67 0.58
CA HIS C 238 -18.68 -32.19 -0.80
C HIS C 238 -18.88 -30.69 -0.83
N ARG C 239 -19.83 -30.23 -0.02
CA ARG C 239 -20.28 -28.87 -0.06
C ARG C 239 -20.59 -28.42 1.36
N ILE C 240 -19.62 -27.74 1.98
CA ILE C 240 -19.69 -27.42 3.39
C ILE C 240 -20.07 -25.95 3.56
N GLU C 241 -21.23 -25.72 4.16
CA GLU C 241 -21.78 -24.39 4.37
C GLU C 241 -21.65 -24.01 5.82
N ILE C 242 -20.92 -22.93 6.07
CA ILE C 242 -20.72 -22.44 7.42
C ILE C 242 -21.27 -21.00 7.54
N PRO C 243 -22.48 -20.86 8.11
CA PRO C 243 -22.98 -19.52 8.41
C PRO C 243 -22.20 -18.93 9.59
N PHE C 244 -22.08 -17.61 9.62
CA PHE C 244 -21.43 -16.94 10.75
C PHE C 244 -22.00 -15.56 11.01
N LYS C 245 -22.09 -15.25 12.29
CA LYS C 245 -22.51 -13.98 12.76
C LYS C 245 -21.57 -13.63 13.90
N PHE C 246 -20.62 -12.74 13.66
CA PHE C 246 -19.70 -12.35 14.71
C PHE C 246 -20.19 -11.08 15.42
N HIS C 247 -20.06 -11.08 16.74
CA HIS C 247 -20.26 -9.87 17.49
C HIS C 247 -18.90 -9.24 17.78
N MET C 248 -18.65 -8.11 17.14
CA MET C 248 -17.30 -7.53 17.14
C MET C 248 -16.99 -7.01 18.54
N LEU C 249 -15.80 -7.36 19.03
CA LEU C 249 -15.32 -6.92 20.35
C LEU C 249 -14.41 -5.68 20.27
N HIS C 250 -13.90 -5.38 19.09
CA HIS C 250 -13.01 -4.25 18.89
C HIS C 250 -13.40 -3.55 17.60
N SER C 251 -13.28 -2.22 17.60
CA SER C 251 -13.42 -1.42 16.37
C SER C 251 -12.14 -1.49 15.53
N GLY C 252 -12.28 -1.52 14.22
CA GLY C 252 -11.11 -1.47 13.32
C GLY C 252 -11.35 -2.15 11.98
N LEU C 253 -10.27 -2.30 11.22
CA LEU C 253 -10.32 -2.95 9.92
C LEU C 253 -10.25 -4.47 10.06
N VAL C 254 -11.25 -5.15 9.49
CA VAL C 254 -11.26 -6.61 9.42
C VAL C 254 -10.57 -6.99 8.12
N HIS C 255 -9.41 -7.62 8.21
CA HIS C 255 -8.66 -7.96 6.98
C HIS C 255 -9.00 -9.33 6.42
N GLY C 256 -9.73 -10.12 7.20
CA GLY C 256 -10.04 -11.48 6.80
C GLY C 256 -10.58 -12.32 7.92
N LEU C 257 -10.66 -13.62 7.65
CA LEU C 257 -11.06 -14.63 8.65
C LEU C 257 -9.92 -15.58 8.87
N ALA C 258 -9.71 -15.90 10.14
CA ALA C 258 -8.70 -16.83 10.56
C ALA C 258 -9.40 -18.14 10.86
N PHE C 259 -8.72 -19.23 10.48
CA PHE C 259 -9.23 -20.59 10.69
C PHE C 259 -8.29 -21.49 11.48
N TRP C 260 -8.85 -22.30 12.36
CA TRP C 260 -8.14 -23.40 12.97
C TRP C 260 -9.10 -24.53 13.28
N PHE C 261 -8.56 -25.62 13.85
CA PHE C 261 -9.35 -26.79 14.13
C PHE C 261 -8.85 -27.57 15.35
N ASP C 262 -9.81 -28.21 16.00
CA ASP C 262 -9.52 -29.14 17.08
C ASP C 262 -10.16 -30.48 16.70
N VAL C 263 -9.59 -31.59 17.16
CA VAL C 263 -10.30 -32.88 17.12
C VAL C 263 -10.34 -33.48 18.50
N ALA C 264 -11.42 -34.21 18.78
CA ALA C 264 -11.56 -34.94 20.06
C ALA C 264 -11.60 -36.42 19.84
N PHE C 265 -10.92 -37.15 20.72
CA PHE C 265 -10.95 -38.59 20.74
C PHE C 265 -11.83 -38.95 21.91
N ILE C 266 -13.08 -39.29 21.64
CA ILE C 266 -14.05 -39.56 22.70
C ILE C 266 -14.01 -41.04 23.04
N GLY C 267 -13.13 -41.37 23.98
CA GLY C 267 -12.92 -42.76 24.36
C GLY C 267 -13.73 -43.13 25.59
N SER C 268 -13.73 -44.43 25.91
CA SER C 268 -14.49 -44.98 27.05
C SER C 268 -13.95 -44.57 28.43
N ILE C 269 -12.67 -44.20 28.50
CA ILE C 269 -12.07 -43.73 29.74
C ILE C 269 -12.05 -42.21 29.85
N MET C 270 -11.76 -41.53 28.75
CA MET C 270 -11.67 -40.08 28.74
C MET C 270 -11.62 -39.54 27.33
N THR C 271 -11.98 -38.28 27.22
CA THR C 271 -11.92 -37.55 25.98
C THR C 271 -10.62 -36.80 25.97
N VAL C 272 -9.91 -36.89 24.85
CA VAL C 272 -8.65 -36.21 24.66
C VAL C 272 -8.77 -35.31 23.43
N TRP C 273 -8.29 -34.09 23.58
CA TRP C 273 -8.36 -33.08 22.54
C TRP C 273 -7.00 -32.84 21.90
N LEU C 274 -6.99 -32.73 20.58
CA LEU C 274 -5.86 -32.23 19.84
C LEU C 274 -6.30 -30.91 19.24
N SER C 275 -5.66 -29.82 19.67
CA SER C 275 -6.02 -28.46 19.22
C SER C 275 -4.93 -27.81 18.36
N THR C 276 -5.33 -27.15 17.28
CA THR C 276 -4.40 -26.31 16.48
C THR C 276 -4.68 -24.78 16.67
N ALA C 277 -5.36 -24.45 17.76
CA ALA C 277 -5.72 -23.08 18.11
C ALA C 277 -4.48 -22.20 18.33
N PRO C 278 -4.57 -20.90 18.01
CA PRO C 278 -3.45 -19.97 18.24
C PRO C 278 -3.10 -19.72 19.72
N THR C 279 -4.01 -20.08 20.59
CA THR C 279 -3.79 -20.10 22.04
C THR C 279 -3.01 -21.33 22.53
N GLU C 280 -2.78 -22.29 21.64
CA GLU C 280 -2.11 -23.53 22.00
C GLU C 280 -0.74 -23.62 21.38
N PRO C 281 0.10 -24.52 21.92
CA PRO C 281 1.42 -24.65 21.31
C PRO C 281 1.31 -24.93 19.81
N LEU C 282 2.34 -24.55 19.07
CA LEU C 282 2.28 -24.63 17.62
C LEU C 282 2.35 -26.09 17.12
N THR C 283 1.63 -26.35 16.03
CA THR C 283 1.68 -27.62 15.34
C THR C 283 2.08 -27.40 13.88
N HIS C 284 2.37 -28.49 13.19
CA HIS C 284 2.73 -28.41 11.79
C HIS C 284 1.55 -27.91 10.91
N TRP C 285 0.34 -27.90 11.47
CA TRP C 285 -0.80 -27.28 10.77
C TRP C 285 -0.85 -25.75 10.81
N TYR C 286 -0.12 -25.16 11.75
CA TYR C 286 -0.20 -23.71 12.05
C TYR C 286 -1.68 -23.29 12.18
N GLN C 287 -2.03 -22.20 11.51
CA GLN C 287 -3.39 -21.71 11.40
C GLN C 287 -3.51 -21.16 10.00
N VAL C 288 -4.74 -20.92 9.52
CA VAL C 288 -4.92 -20.45 8.15
C VAL C 288 -5.68 -19.15 8.12
N ARG C 289 -5.23 -18.20 7.33
CA ARG C 289 -5.94 -16.93 7.22
C ARG C 289 -6.35 -16.65 5.78
N CYS C 290 -7.63 -16.32 5.59
CA CYS C 290 -8.17 -15.95 4.29
C CYS C 290 -8.36 -14.44 4.28
N LEU C 291 -7.53 -13.75 3.50
CA LEU C 291 -7.58 -12.30 3.37
C LEU C 291 -8.67 -11.82 2.42
N PHE C 292 -9.28 -10.70 2.79
CA PHE C 292 -10.13 -9.94 1.89
C PHE C 292 -9.27 -9.00 1.04
N GLN C 293 -9.67 -8.79 -0.20
CA GLN C 293 -8.97 -7.86 -1.11
C GLN C 293 -9.02 -6.40 -0.65
N SER C 294 -10.10 -6.08 0.06
CA SER C 294 -10.32 -4.80 0.70
C SER C 294 -10.95 -5.06 2.07
N PRO C 295 -10.30 -4.58 3.14
CA PRO C 295 -10.83 -4.83 4.48
C PRO C 295 -12.18 -4.17 4.75
N LEU C 296 -12.93 -4.71 5.69
CA LEU C 296 -14.20 -4.09 6.12
C LEU C 296 -13.95 -3.31 7.41
N PHE C 297 -14.47 -2.10 7.51
CA PHE C 297 -14.39 -1.33 8.74
C PHE C 297 -15.52 -1.74 9.67
N ALA C 298 -15.18 -1.98 10.91
CA ALA C 298 -16.18 -2.33 11.89
C ALA C 298 -15.96 -1.58 13.19
N LYS C 299 -17.08 -1.33 13.87
CA LYS C 299 -17.07 -0.82 15.25
C LYS C 299 -17.38 -1.93 16.23
N ALA C 300 -16.75 -1.88 17.40
CA ALA C 300 -17.10 -2.74 18.50
C ALA C 300 -18.62 -2.72 18.69
N GLY C 301 -19.22 -3.89 18.76
CA GLY C 301 -20.68 -3.99 18.92
C GLY C 301 -21.39 -4.24 17.60
N ASP C 302 -20.71 -4.04 16.48
CA ASP C 302 -21.28 -4.45 15.19
C ASP C 302 -21.41 -5.98 15.08
N THR C 303 -22.25 -6.41 14.16
CA THR C 303 -22.27 -7.80 13.79
C THR C 303 -21.78 -7.95 12.38
N LEU C 304 -20.82 -8.84 12.23
CA LEU C 304 -20.26 -9.18 10.94
C LEU C 304 -20.80 -10.54 10.60
N SER C 305 -21.63 -10.59 9.57
CA SER C 305 -22.36 -11.78 9.25
C SER C 305 -22.04 -12.18 7.83
N GLY C 306 -22.22 -13.46 7.54
CA GLY C 306 -21.90 -13.98 6.21
C GLY C 306 -21.82 -15.47 6.19
N THR C 307 -21.29 -15.99 5.10
CA THR C 307 -21.23 -17.41 4.85
C THR C 307 -19.87 -17.80 4.25
N CYS C 308 -19.28 -18.84 4.85
CA CYS C 308 -18.11 -19.50 4.33
CA CYS C 308 -18.10 -19.52 4.33
C CYS C 308 -18.53 -20.80 3.62
N LEU C 309 -18.37 -20.85 2.31
CA LEU C 309 -18.71 -22.03 1.51
C LEU C 309 -17.46 -22.76 0.99
N LEU C 310 -17.32 -24.01 1.43
CA LEU C 310 -16.23 -24.89 1.02
C LEU C 310 -16.75 -25.90 0.01
N ILE C 311 -16.34 -25.74 -1.25
CA ILE C 311 -16.78 -26.63 -2.29
C ILE C 311 -15.59 -27.48 -2.79
N ALA C 312 -15.73 -28.79 -2.61
CA ALA C 312 -14.64 -29.72 -2.88
C ALA C 312 -14.38 -29.82 -4.36
N ASN C 313 -13.11 -29.92 -4.73
CA ASN C 313 -12.73 -30.04 -6.14
C ASN C 313 -11.99 -31.36 -6.35
N LYS C 314 -11.62 -31.63 -7.60
CA LYS C 314 -10.99 -32.91 -7.92
C LYS C 314 -9.44 -32.90 -7.77
N ARG C 315 -8.90 -31.81 -7.27
CA ARG C 315 -7.47 -31.73 -6.94
C ARG C 315 -7.26 -31.94 -5.44
N GLN C 316 -8.12 -32.77 -4.87
CA GLN C 316 -8.12 -33.09 -3.46
C GLN C 316 -8.07 -31.84 -2.61
N SER C 317 -8.86 -30.84 -3.00
CA SER C 317 -8.89 -29.63 -2.22
C SER C 317 -10.26 -28.96 -2.33
N TYR C 318 -10.32 -27.69 -1.93
CA TYR C 318 -11.57 -26.97 -1.87
C TYR C 318 -11.43 -25.61 -2.48
N ASP C 319 -12.53 -25.18 -3.09
CA ASP C 319 -12.74 -23.83 -3.54
C ASP C 319 -13.57 -23.16 -2.48
N ILE C 320 -12.99 -22.14 -1.87
CA ILE C 320 -13.63 -21.47 -0.74
C ILE C 320 -14.27 -20.18 -1.22
N SER C 321 -15.51 -19.95 -0.84
CA SER C 321 -16.06 -18.62 -0.96
C SER C 321 -16.37 -18.11 0.43
N ILE C 322 -16.00 -16.86 0.67
CA ILE C 322 -16.35 -16.19 1.88
C ILE C 322 -17.12 -14.94 1.50
N VAL C 323 -18.39 -14.89 1.87
CA VAL C 323 -19.15 -13.63 1.76
C VAL C 323 -19.39 -13.08 3.17
N ALA C 324 -19.05 -11.82 3.38
CA ALA C 324 -19.20 -11.21 4.70
C ALA C 324 -19.68 -9.76 4.58
N GLN C 325 -20.40 -9.30 5.59
CA GLN C 325 -20.89 -7.95 5.59
C GLN C 325 -20.99 -7.37 6.99
N VAL C 326 -20.80 -6.06 7.08
CA VAL C 326 -21.01 -5.37 8.34
C VAL C 326 -22.47 -4.95 8.30
N ASP C 327 -23.27 -5.58 9.16
CA ASP C 327 -24.71 -5.41 9.11
C ASP C 327 -25.10 -3.93 9.27
N GLN C 328 -24.38 -3.23 10.15
CA GLN C 328 -24.76 -1.87 10.58
C GLN C 328 -24.65 -0.83 9.48
N THR C 329 -23.85 -1.11 8.45
CA THR C 329 -23.62 -0.18 7.36
C THR C 329 -23.83 -0.77 5.98
N GLY C 330 -24.08 -2.07 5.92
CA GLY C 330 -24.18 -2.74 4.62
C GLY C 330 -22.88 -2.86 3.83
N SER C 331 -21.75 -2.74 4.51
CA SER C 331 -20.48 -2.93 3.85
C SER C 331 -20.22 -4.43 3.59
N LYS C 332 -19.90 -4.76 2.35
CA LYS C 332 -19.83 -6.14 1.84
C LYS C 332 -18.49 -6.55 1.24
N SER C 333 -18.14 -7.82 1.42
CA SER C 333 -16.91 -8.37 0.83
C SER C 333 -17.13 -9.81 0.34
N SER C 334 -16.85 -10.05 -0.94
CA SER C 334 -16.95 -11.38 -1.53
C SER C 334 -15.58 -11.86 -1.92
N ASN C 335 -15.25 -13.09 -1.55
CA ASN C 335 -13.90 -13.62 -1.76
C ASN C 335 -13.97 -15.08 -2.20
N LEU C 336 -13.10 -15.47 -3.12
CA LEU C 336 -12.99 -16.85 -3.60
C LEU C 336 -11.54 -17.28 -3.41
N LEU C 337 -11.30 -18.34 -2.64
CA LEU C 337 -9.92 -18.77 -2.38
C LEU C 337 -9.62 -20.20 -2.83
N ASP C 338 -8.34 -20.39 -3.10
CA ASP C 338 -7.79 -21.60 -3.65
C ASP C 338 -6.99 -22.31 -2.54
N LEU C 339 -7.65 -23.22 -1.82
CA LEU C 339 -7.02 -23.87 -0.67
C LEU C 339 -5.79 -24.72 -1.06
N LYS C 340 -5.69 -25.05 -2.35
CA LYS C 340 -4.59 -25.84 -2.88
C LYS C 340 -3.30 -25.06 -3.03
N ASN C 341 -3.39 -23.78 -3.33
CA ASN C 341 -2.21 -22.93 -3.55
C ASN C 341 -1.93 -21.94 -2.40
N PRO C 342 -1.55 -22.42 -1.21
CA PRO C 342 -1.41 -21.50 -0.08
C PRO C 342 -0.10 -20.74 -0.09
N PHE C 343 0.01 -19.73 0.76
CA PHE C 343 1.27 -19.02 0.97
C PHE C 343 1.80 -19.41 2.35
N PHE C 344 2.91 -20.14 2.36
CA PHE C 344 3.56 -20.58 3.58
C PHE C 344 4.43 -19.45 4.06
N ARG C 345 3.83 -18.56 4.82
CA ARG C 345 4.52 -17.34 5.30
C ARG C 345 5.50 -17.65 6.44
N TYR C 346 5.26 -18.72 7.18
CA TYR C 346 6.12 -19.08 8.30
C TYR C 346 7.51 -19.52 7.85
N SER D 5 2.14 -35.12 -30.87
CA SER D 5 3.31 -34.24 -31.21
C SER D 5 4.61 -34.72 -30.56
N VAL D 6 5.70 -34.04 -30.91
CA VAL D 6 6.98 -34.28 -30.27
C VAL D 6 6.86 -34.09 -28.75
N PHE D 7 6.23 -33.00 -28.31
CA PHE D 7 6.15 -32.69 -26.89
C PHE D 7 5.46 -33.81 -26.14
N SER D 8 4.24 -34.12 -26.58
CA SER D 8 3.39 -35.11 -25.92
C SER D 8 4.10 -36.45 -25.79
N GLU D 9 4.74 -36.87 -26.87
CA GLU D 9 5.39 -38.18 -26.95
C GLU D 9 6.54 -38.32 -25.97
N ARG D 10 7.25 -37.23 -25.72
CA ARG D 10 8.39 -37.23 -24.80
C ARG D 10 8.04 -36.85 -23.35
N THR D 11 6.76 -36.54 -23.07
CA THR D 11 6.35 -35.96 -21.79
C THR D 11 5.12 -36.62 -21.18
N GLU D 12 5.24 -37.12 -19.96
CA GLU D 12 4.06 -37.61 -19.24
C GLU D 12 3.07 -36.46 -19.05
N GLU D 13 1.79 -36.73 -19.36
CA GLU D 13 0.79 -35.66 -19.38
C GLU D 13 0.67 -35.00 -18.02
N SER D 14 0.82 -35.77 -16.95
CA SER D 14 0.68 -35.22 -15.61
C SER D 14 1.83 -34.28 -15.23
N SER D 15 3.06 -34.61 -15.64
CA SER D 15 4.19 -33.69 -15.48
C SER D 15 3.90 -32.39 -16.21
N ALA D 16 3.34 -32.51 -17.40
CA ALA D 16 3.01 -31.35 -18.23
C ALA D 16 1.91 -30.50 -17.59
N VAL D 17 0.84 -31.14 -17.15
CA VAL D 17 -0.23 -30.42 -16.45
C VAL D 17 0.37 -29.56 -15.33
N GLN D 18 1.05 -30.22 -14.37
CA GLN D 18 1.65 -29.52 -13.22
C GLN D 18 2.56 -28.38 -13.67
N TYR D 19 3.34 -28.63 -14.72
CA TYR D 19 4.37 -27.69 -15.18
C TYR D 19 3.74 -26.43 -15.70
N PHE D 20 2.76 -26.56 -16.57
CA PHE D 20 2.10 -25.38 -17.11
C PHE D 20 1.15 -24.71 -16.13
N GLN D 21 0.66 -25.44 -15.13
CA GLN D 21 -0.09 -24.80 -14.05
C GLN D 21 0.81 -23.84 -13.29
N PHE D 22 2.05 -24.27 -13.05
CA PHE D 22 3.08 -23.46 -12.38
C PHE D 22 3.33 -22.14 -13.10
N TYR D 23 3.55 -22.19 -14.41
CA TYR D 23 3.87 -20.97 -15.18
C TYR D 23 2.65 -20.08 -15.45
N GLY D 24 1.48 -20.59 -15.11
CA GLY D 24 0.22 -19.87 -15.24
C GLY D 24 -0.02 -18.85 -14.15
N TYR D 25 0.71 -18.98 -13.04
CA TYR D 25 0.64 -18.01 -11.96
C TYR D 25 1.45 -16.77 -12.29
N LEU D 26 0.81 -15.60 -12.14
CA LEU D 26 1.48 -14.32 -12.32
C LEU D 26 2.63 -14.18 -11.34
N SER D 27 2.46 -14.70 -10.15
CA SER D 27 3.53 -14.69 -9.17
C SER D 27 4.81 -15.42 -9.63
N GLN D 28 4.68 -16.47 -10.46
CA GLN D 28 5.87 -17.19 -10.93
C GLN D 28 6.53 -16.49 -12.10
N GLN D 29 5.75 -15.82 -12.93
CA GLN D 29 6.35 -15.02 -13.98
C GLN D 29 7.09 -13.85 -13.30
N GLN D 30 6.41 -13.26 -12.32
CA GLN D 30 6.97 -12.16 -11.54
C GLN D 30 8.29 -12.56 -10.92
N ASN D 31 8.35 -13.77 -10.39
CA ASN D 31 9.59 -14.29 -9.80
C ASN D 31 10.80 -14.22 -10.76
N MET D 32 10.57 -14.64 -12.00
CA MET D 32 11.60 -14.61 -13.04
C MET D 32 11.86 -13.17 -13.48
N MET D 33 10.80 -12.38 -13.67
CA MET D 33 10.90 -10.98 -14.11
C MET D 33 11.72 -10.14 -13.13
N GLN D 34 11.48 -10.32 -11.84
CA GLN D 34 12.13 -9.53 -10.78
CA GLN D 34 12.17 -9.45 -10.86
C GLN D 34 13.59 -9.92 -10.59
N ASP D 35 14.07 -10.91 -11.34
CA ASP D 35 15.47 -11.33 -11.31
C ASP D 35 16.16 -10.35 -12.25
N TYR D 36 16.79 -9.32 -11.66
CA TYR D 36 17.25 -8.20 -12.45
C TYR D 36 18.38 -8.59 -13.40
N VAL D 37 19.36 -9.31 -12.88
CA VAL D 37 20.43 -9.88 -13.71
C VAL D 37 19.84 -10.60 -14.94
N ARG D 38 18.84 -11.45 -14.72
CA ARG D 38 18.21 -12.22 -15.80
C ARG D 38 17.48 -11.28 -16.79
N THR D 39 16.51 -10.54 -16.27
CA THR D 39 15.67 -9.70 -17.11
C THR D 39 16.46 -8.55 -17.76
N GLY D 40 17.37 -7.96 -16.99
CA GLY D 40 18.21 -6.84 -17.44
C GLY D 40 19.21 -7.25 -18.49
N THR D 41 19.87 -8.37 -18.27
CA THR D 41 20.76 -8.92 -19.28
C THR D 41 20.01 -9.23 -20.58
N TYR D 42 18.86 -9.88 -20.51
CA TYR D 42 18.09 -10.15 -21.73
C TYR D 42 17.75 -8.86 -22.48
N GLN D 43 17.36 -7.82 -21.73
CA GLN D 43 16.98 -6.54 -22.34
C GLN D 43 18.18 -5.85 -23.01
N ARG D 44 19.28 -5.81 -22.28
CA ARG D 44 20.54 -5.22 -22.77
C ARG D 44 21.05 -5.92 -24.03
N ALA D 45 21.00 -7.25 -24.03
CA ALA D 45 21.43 -8.06 -25.17
C ALA D 45 20.59 -7.77 -26.40
N ILE D 46 19.29 -7.67 -26.22
CA ILE D 46 18.37 -7.41 -27.34
C ILE D 46 18.54 -5.99 -27.89
N LEU D 47 18.56 -4.98 -27.00
CA LEU D 47 18.71 -3.57 -27.40
C LEU D 47 20.07 -3.24 -28.04
N GLN D 48 21.18 -3.57 -27.36
CA GLN D 48 22.51 -3.28 -27.92
C GLN D 48 22.76 -3.95 -29.29
N ASN D 49 22.07 -5.06 -29.57
CA ASN D 49 22.10 -5.70 -30.88
C ASN D 49 20.85 -5.39 -31.72
N HIS D 50 20.51 -4.10 -31.78
CA HIS D 50 19.31 -3.58 -32.46
C HIS D 50 19.26 -3.96 -33.94
N THR D 51 20.41 -4.10 -34.57
CA THR D 51 20.45 -4.54 -35.97
C THR D 51 19.82 -5.90 -36.18
N ASP D 52 19.89 -6.77 -35.18
CA ASP D 52 19.32 -8.12 -35.27
C ASP D 52 17.80 -8.13 -35.09
N PHE D 53 17.24 -7.02 -34.64
CA PHE D 53 15.79 -6.95 -34.45
C PHE D 53 15.07 -5.94 -35.34
N LYS D 54 15.77 -4.91 -35.76
CA LYS D 54 15.16 -3.83 -36.55
C LYS D 54 14.42 -4.37 -37.78
N ASP D 55 13.11 -4.14 -37.80
CA ASP D 55 12.22 -4.61 -38.87
C ASP D 55 12.35 -6.09 -39.21
N LYS D 56 12.63 -6.92 -38.20
CA LYS D 56 12.77 -8.36 -38.37
C LYS D 56 11.55 -9.12 -37.92
N ILE D 57 11.51 -10.38 -38.30
CA ILE D 57 10.51 -11.31 -37.79
C ILE D 57 11.13 -12.10 -36.62
N VAL D 58 10.39 -12.18 -35.51
CA VAL D 58 10.91 -12.75 -34.27
C VAL D 58 9.96 -13.80 -33.74
N LEU D 59 10.54 -14.84 -33.17
CA LEU D 59 9.78 -15.86 -32.44
C LEU D 59 10.22 -15.86 -30.97
N ASP D 60 9.24 -15.80 -30.07
CA ASP D 60 9.46 -15.89 -28.62
C ASP D 60 8.90 -17.20 -28.13
N VAL D 61 9.80 -18.13 -27.83
CA VAL D 61 9.45 -19.48 -27.42
C VAL D 61 9.17 -19.45 -25.93
N GLY D 62 7.89 -19.61 -25.57
CA GLY D 62 7.47 -19.54 -24.16
C GLY D 62 7.49 -18.12 -23.63
N CYS D 63 6.63 -17.26 -24.20
CA CYS D 63 6.68 -15.81 -23.95
C CYS D 63 6.34 -15.40 -22.50
N GLY D 64 5.65 -16.26 -21.77
CA GLY D 64 5.25 -15.97 -20.41
C GLY D 64 4.38 -14.72 -20.37
N SER D 65 4.84 -13.72 -19.65
CA SER D 65 4.15 -12.44 -19.53
C SER D 65 4.18 -11.66 -20.85
N GLY D 66 5.21 -11.92 -21.63
CA GLY D 66 5.41 -11.22 -22.89
C GLY D 66 6.70 -10.45 -22.86
N ILE D 67 7.32 -10.37 -21.69
CA ILE D 67 8.41 -9.43 -21.40
C ILE D 67 9.46 -9.36 -22.51
N LEU D 68 9.93 -10.53 -22.95
CA LEU D 68 11.01 -10.60 -23.93
C LEU D 68 10.56 -10.10 -25.33
N SER D 69 9.31 -10.36 -25.67
CA SER D 69 8.75 -9.86 -26.92
C SER D 69 8.65 -8.32 -26.92
N PHE D 70 8.31 -7.73 -25.77
CA PHE D 70 8.36 -6.26 -25.63
C PHE D 70 9.77 -5.67 -25.79
N PHE D 71 10.78 -6.35 -25.29
CA PHE D 71 12.15 -5.91 -25.52
C PHE D 71 12.49 -5.97 -27.02
N ALA D 72 11.93 -6.95 -27.72
CA ALA D 72 12.19 -7.10 -29.14
C ALA D 72 11.45 -6.01 -29.89
N ALA D 73 10.25 -5.68 -29.39
CA ALA D 73 9.47 -4.56 -29.92
C ALA D 73 10.20 -3.24 -29.68
N GLN D 74 10.78 -3.07 -28.49
CA GLN D 74 11.60 -1.89 -28.16
C GLN D 74 12.76 -1.73 -29.12
N ALA D 75 13.24 -2.86 -29.66
CA ALA D 75 14.44 -2.90 -30.51
C ALA D 75 14.17 -2.72 -32.01
N GLY D 76 12.91 -2.73 -32.39
CA GLY D 76 12.51 -2.45 -33.77
C GLY D 76 11.83 -3.57 -34.56
N ALA D 77 11.68 -4.74 -33.96
CA ALA D 77 11.06 -5.90 -34.64
C ALA D 77 9.75 -5.52 -35.34
N ARG D 78 9.62 -5.91 -36.61
CA ARG D 78 8.37 -5.69 -37.35
C ARG D 78 7.30 -6.62 -36.84
N LYS D 79 7.63 -7.91 -36.77
CA LYS D 79 6.70 -8.94 -36.38
C LYS D 79 7.32 -9.83 -35.29
N ILE D 80 6.54 -10.10 -34.24
CA ILE D 80 6.97 -10.94 -33.11
C ILE D 80 5.88 -11.95 -32.76
N TYR D 81 6.18 -13.22 -33.00
CA TYR D 81 5.29 -14.29 -32.58
C TYR D 81 5.70 -14.72 -31.17
N ALA D 82 4.72 -14.73 -30.29
CA ALA D 82 4.92 -14.99 -28.89
C ALA D 82 4.10 -16.23 -28.57
N VAL D 83 4.79 -17.36 -28.35
CA VAL D 83 4.13 -18.64 -28.07
C VAL D 83 4.22 -18.97 -26.59
N GLU D 84 3.09 -19.39 -26.03
CA GLU D 84 3.02 -19.69 -24.60
C GLU D 84 1.97 -20.75 -24.34
N ALA D 85 2.40 -21.87 -23.76
CA ALA D 85 1.54 -23.03 -23.59
C ALA D 85 0.68 -22.94 -22.35
N SER D 86 1.11 -22.14 -21.36
CA SER D 86 0.28 -21.96 -20.16
C SER D 86 -0.81 -20.93 -20.41
N THR D 87 -1.70 -20.81 -19.43
CA THR D 87 -2.77 -19.80 -19.45
C THR D 87 -2.24 -18.39 -19.28
N MET D 88 -0.91 -18.26 -19.10
CA MET D 88 -0.28 -16.97 -19.07
C MET D 88 -0.47 -16.24 -20.39
N ALA D 89 -0.67 -16.99 -21.46
CA ALA D 89 -0.84 -16.41 -22.81
C ALA D 89 -2.02 -15.44 -22.90
N GLN D 90 -3.07 -15.70 -22.12
CA GLN D 90 -4.19 -14.77 -22.03
C GLN D 90 -3.78 -13.45 -21.36
N HIS D 91 -2.94 -13.53 -20.34
CA HIS D 91 -2.41 -12.32 -19.70
C HIS D 91 -1.48 -11.55 -20.61
N ALA D 92 -0.69 -12.25 -21.42
CA ALA D 92 0.26 -11.57 -22.33
C ALA D 92 -0.50 -10.87 -23.45
N GLU D 93 -1.61 -11.48 -23.85
CA GLU D 93 -2.52 -10.89 -24.84
C GLU D 93 -3.06 -9.56 -24.32
N VAL D 94 -3.52 -9.56 -23.07
CA VAL D 94 -4.00 -8.36 -22.42
C VAL D 94 -2.95 -7.27 -22.38
N LEU D 95 -1.70 -7.62 -22.12
CA LEU D 95 -0.59 -6.66 -22.17
C LEU D 95 -0.35 -6.14 -23.56
N VAL D 96 -0.51 -6.98 -24.57
CA VAL D 96 -0.18 -6.59 -25.93
C VAL D 96 -1.10 -5.46 -26.38
N LYS D 97 -2.39 -5.64 -26.11
CA LYS D 97 -3.40 -4.62 -26.35
C LYS D 97 -3.11 -3.38 -25.52
N SER D 98 -2.97 -3.56 -24.20
CA SER D 98 -2.75 -2.43 -23.29
C SER D 98 -1.52 -1.60 -23.61
N ASN D 99 -0.55 -2.21 -24.30
CA ASN D 99 0.67 -1.51 -24.72
C ASN D 99 0.65 -1.12 -26.19
N ASN D 100 -0.55 -1.08 -26.79
CA ASN D 100 -0.77 -0.66 -28.18
C ASN D 100 0.11 -1.38 -29.23
N LEU D 101 0.43 -2.64 -29.02
CA LEU D 101 1.31 -3.36 -29.93
C LEU D 101 0.63 -4.49 -30.72
N THR D 102 -0.70 -4.45 -30.80
CA THR D 102 -1.49 -5.51 -31.44
C THR D 102 -1.09 -5.76 -32.90
N ASP D 103 -0.61 -4.73 -33.58
CA ASP D 103 -0.13 -4.86 -34.97
C ASP D 103 1.24 -5.56 -35.06
N ARG D 104 2.04 -5.47 -34.00
CA ARG D 104 3.43 -6.00 -34.03
C ARG D 104 3.75 -7.25 -33.22
N ILE D 105 2.92 -7.58 -32.23
CA ILE D 105 3.11 -8.80 -31.46
C ILE D 105 1.89 -9.68 -31.63
N VAL D 106 2.12 -10.96 -31.90
CA VAL D 106 1.05 -11.95 -31.96
C VAL D 106 1.25 -12.99 -30.86
N VAL D 107 0.24 -13.14 -30.02
CA VAL D 107 0.27 -14.14 -28.96
C VAL D 107 -0.45 -15.39 -29.44
N ILE D 108 0.30 -16.48 -29.56
CA ILE D 108 -0.23 -17.75 -30.01
C ILE D 108 -0.19 -18.67 -28.81
N PRO D 109 -1.36 -19.00 -28.24
CA PRO D 109 -1.38 -19.95 -27.15
C PRO D 109 -1.15 -21.38 -27.62
N GLY D 110 -0.40 -22.11 -26.82
CA GLY D 110 -0.14 -23.52 -27.07
C GLY D 110 1.33 -23.84 -26.98
N LYS D 111 1.64 -25.11 -27.14
CA LYS D 111 3.00 -25.60 -27.16
C LYS D 111 3.67 -25.26 -28.48
N VAL D 112 4.93 -24.86 -28.43
CA VAL D 112 5.65 -24.46 -29.65
C VAL D 112 5.84 -25.60 -30.68
N GLU D 113 5.64 -26.84 -30.23
CA GLU D 113 5.73 -27.99 -31.13
C GLU D 113 4.36 -28.50 -31.60
N GLU D 114 3.28 -27.87 -31.13
CA GLU D 114 1.91 -28.23 -31.51
C GLU D 114 1.17 -27.12 -32.27
N VAL D 115 1.45 -25.87 -31.98
CA VAL D 115 0.89 -24.76 -32.75
C VAL D 115 1.58 -24.68 -34.10
N SER D 116 1.18 -23.71 -34.92
CA SER D 116 1.88 -23.42 -36.17
C SER D 116 2.03 -21.91 -36.36
N LEU D 117 3.13 -21.50 -36.98
CA LEU D 117 3.35 -20.10 -37.29
C LEU D 117 2.95 -19.87 -38.73
N PRO D 118 2.48 -18.66 -39.05
CA PRO D 118 2.16 -18.35 -40.44
C PRO D 118 3.39 -18.07 -41.29
N GLU D 119 4.54 -17.83 -40.67
CA GLU D 119 5.75 -17.60 -41.44
C GLU D 119 7.00 -17.99 -40.68
N GLN D 120 8.09 -18.05 -41.44
CA GLN D 120 9.42 -18.30 -40.88
C GLN D 120 9.98 -17.01 -40.28
N VAL D 121 10.97 -17.16 -39.41
CA VAL D 121 11.52 -16.04 -38.65
C VAL D 121 13.01 -15.80 -38.90
N ASP D 122 13.41 -14.56 -38.66
CA ASP D 122 14.80 -14.12 -38.72
C ASP D 122 15.59 -14.54 -37.49
N ILE D 123 14.99 -14.37 -36.31
CA ILE D 123 15.67 -14.65 -35.05
C ILE D 123 14.68 -15.19 -34.01
N ILE D 124 15.13 -16.15 -33.22
CA ILE D 124 14.32 -16.77 -32.15
C ILE D 124 14.88 -16.33 -30.80
N ILE D 125 13.99 -15.90 -29.92
CA ILE D 125 14.37 -15.50 -28.56
C ILE D 125 13.65 -16.41 -27.58
N SER D 126 14.35 -16.74 -26.49
CA SER D 126 13.74 -17.53 -25.42
C SER D 126 14.56 -17.42 -24.16
N GLU D 127 13.90 -17.67 -23.04
CA GLU D 127 14.59 -18.00 -21.78
C GLU D 127 14.04 -19.35 -21.35
N PRO D 128 14.74 -20.43 -21.76
CA PRO D 128 14.28 -21.75 -21.49
C PRO D 128 15.25 -22.54 -20.62
N MET D 129 16.16 -21.83 -19.92
CA MET D 129 17.15 -22.47 -19.04
C MET D 129 16.56 -22.84 -17.68
N GLY D 130 16.68 -24.10 -17.28
CA GLY D 130 16.31 -24.54 -15.93
C GLY D 130 17.55 -24.57 -15.07
N TYR D 131 17.41 -25.01 -13.82
CA TYR D 131 18.60 -25.08 -12.94
C TYR D 131 19.44 -26.22 -13.47
N MET D 132 20.75 -26.06 -13.33
CA MET D 132 21.76 -26.92 -13.96
C MET D 132 21.60 -26.87 -15.48
N LEU D 133 21.07 -25.74 -15.97
CA LEU D 133 20.82 -25.48 -17.39
C LEU D 133 19.69 -26.27 -18.03
N PHE D 134 19.71 -27.60 -17.86
CA PHE D 134 18.90 -28.52 -18.68
C PHE D 134 17.54 -28.88 -18.09
N ASN D 135 17.40 -28.74 -16.78
CA ASN D 135 16.13 -29.10 -16.15
C ASN D 135 14.93 -28.43 -16.83
N GLU D 136 13.80 -29.15 -16.85
CA GLU D 136 12.52 -28.77 -17.51
C GLU D 136 12.43 -29.24 -18.95
N ARG D 137 13.58 -29.59 -19.51
CA ARG D 137 13.72 -29.91 -20.93
C ARG D 137 13.10 -28.90 -21.89
N MET D 138 13.05 -27.63 -21.48
CA MET D 138 12.60 -26.58 -22.41
C MET D 138 13.68 -26.23 -23.45
N LEU D 139 14.94 -26.52 -23.18
CA LEU D 139 15.97 -26.36 -24.22
C LEU D 139 15.66 -27.12 -25.52
N GLU D 140 14.98 -28.26 -25.37
CA GLU D 140 14.58 -29.04 -26.54
C GLU D 140 13.46 -28.36 -27.33
N SER D 141 12.56 -27.67 -26.63
CA SER D 141 11.50 -26.91 -27.27
C SER D 141 12.14 -25.77 -28.06
N TYR D 142 13.17 -25.19 -27.48
CA TYR D 142 13.91 -24.11 -28.09
C TYR D 142 14.55 -24.58 -29.38
N LEU D 143 15.16 -25.76 -29.33
CA LEU D 143 15.81 -26.35 -30.53
C LEU D 143 14.77 -26.78 -31.56
N HIS D 144 13.68 -27.37 -31.09
CA HIS D 144 12.57 -27.77 -31.95
C HIS D 144 12.00 -26.61 -32.77
N ALA D 145 12.00 -25.41 -32.17
CA ALA D 145 11.55 -24.18 -32.84
C ALA D 145 12.36 -23.78 -34.10
N LYS D 146 13.59 -24.30 -34.24
CA LYS D 146 14.39 -24.04 -35.44
C LYS D 146 13.69 -24.46 -36.74
N LYS D 147 12.74 -25.39 -36.68
CA LYS D 147 11.91 -25.69 -37.85
C LYS D 147 11.25 -24.42 -38.46
N TYR D 148 11.08 -23.37 -37.66
CA TYR D 148 10.60 -22.06 -38.16
C TYR D 148 11.68 -21.02 -38.46
N LEU D 149 12.95 -21.40 -38.33
CA LEU D 149 14.03 -20.43 -38.42
C LEU D 149 14.57 -20.30 -39.85
N LYS D 150 14.60 -19.09 -40.39
CA LYS D 150 15.17 -18.90 -41.74
C LYS D 150 16.66 -19.30 -41.77
N PRO D 151 17.16 -19.81 -42.92
CA PRO D 151 18.60 -20.14 -43.03
C PRO D 151 19.47 -18.98 -42.59
N SER D 152 20.56 -19.28 -41.89
CA SER D 152 21.41 -18.25 -41.27
C SER D 152 20.71 -17.35 -40.22
N GLY D 153 19.46 -17.68 -39.88
CA GLY D 153 18.78 -17.00 -38.78
C GLY D 153 19.50 -17.22 -37.45
N ASN D 154 19.33 -16.26 -36.54
CA ASN D 154 19.99 -16.33 -35.24
C ASN D 154 19.10 -16.84 -34.07
N MET D 155 19.78 -17.23 -32.99
N MET D 155 19.76 -17.16 -32.97
CA MET D 155 19.18 -17.69 -31.73
CA MET D 155 19.09 -17.55 -31.75
C MET D 155 19.73 -16.84 -30.59
C MET D 155 19.72 -16.82 -30.60
N PHE D 156 18.84 -16.40 -29.70
CA PHE D 156 19.19 -15.51 -28.58
C PHE D 156 18.54 -16.10 -27.32
N PRO D 157 19.31 -16.78 -26.46
CA PRO D 157 20.75 -16.90 -26.57
C PRO D 157 21.21 -17.93 -27.62
N THR D 158 22.47 -17.82 -27.98
N THR D 158 22.48 -17.82 -27.99
CA THR D 158 23.02 -18.59 -29.08
CA THR D 158 23.03 -18.61 -29.08
C THR D 158 23.76 -19.85 -28.61
C THR D 158 23.75 -19.86 -28.60
N ILE D 159 24.40 -19.76 -27.44
CA ILE D 159 25.11 -20.88 -26.86
C ILE D 159 24.92 -20.94 -25.35
N GLY D 160 25.17 -22.12 -24.78
CA GLY D 160 25.12 -22.33 -23.34
C GLY D 160 26.26 -23.19 -22.84
N ASP D 161 26.94 -22.74 -21.79
CA ASP D 161 27.96 -23.48 -21.10
C ASP D 161 27.46 -23.95 -19.74
N VAL D 162 27.43 -25.24 -19.52
CA VAL D 162 27.25 -25.75 -18.14
C VAL D 162 28.63 -25.95 -17.55
N HIS D 163 28.82 -25.54 -16.30
CA HIS D 163 30.10 -25.67 -15.60
C HIS D 163 29.97 -26.64 -14.45
N LEU D 164 30.98 -27.50 -14.28
CA LEU D 164 31.07 -28.43 -13.15
C LEU D 164 32.41 -28.23 -12.48
N ALA D 165 32.43 -28.30 -11.15
CA ALA D 165 33.65 -28.19 -10.37
C ALA D 165 33.49 -29.00 -9.11
N PRO D 166 34.58 -29.59 -8.63
CA PRO D 166 34.48 -30.32 -7.35
C PRO D 166 34.46 -29.35 -6.19
N PHE D 167 33.83 -29.75 -5.09
CA PHE D 167 33.76 -28.91 -3.90
C PHE D 167 33.99 -29.72 -2.63
N THR D 168 34.39 -28.98 -1.59
CA THR D 168 34.44 -29.52 -0.24
C THR D 168 33.48 -28.71 0.64
N ASP D 169 32.74 -29.40 1.49
CA ASP D 169 31.76 -28.78 2.34
C ASP D 169 31.35 -29.82 3.31
N GLU D 170 32.20 -29.97 4.33
CA GLU D 170 32.03 -30.99 5.34
C GLU D 170 30.64 -30.93 5.98
N GLN D 171 30.17 -29.74 6.29
CA GLN D 171 28.91 -29.57 6.99
C GLN D 171 27.69 -29.96 6.11
N LEU D 172 27.75 -29.64 4.82
CA LEU D 172 26.68 -30.08 3.93
C LEU D 172 26.59 -31.61 3.94
N TYR D 173 27.74 -32.26 3.78
CA TYR D 173 27.80 -33.71 3.86
C TYR D 173 27.18 -34.28 5.15
N MET D 174 27.65 -33.81 6.29
CA MET D 174 27.33 -34.41 7.59
C MET D 174 25.84 -34.21 7.96
N GLU D 175 25.31 -33.07 7.54
CA GLU D 175 23.89 -32.75 7.64
C GLU D 175 22.98 -33.86 7.07
N GLN D 176 23.40 -34.51 5.99
CA GLN D 176 22.61 -35.59 5.45
C GLN D 176 22.39 -36.69 6.51
N PHE D 177 23.44 -37.07 7.23
CA PHE D 177 23.36 -38.13 8.23
C PHE D 177 22.67 -37.61 9.48
N THR D 178 22.94 -36.37 9.84
CA THR D 178 22.21 -35.74 10.93
C THR D 178 20.71 -35.82 10.73
N LYS D 179 20.25 -35.51 9.53
CA LYS D 179 18.81 -35.57 9.26
C LYS D 179 18.35 -36.99 9.25
N ALA D 180 19.09 -37.86 8.58
CA ALA D 180 18.73 -39.27 8.50
C ALA D 180 18.70 -39.97 9.85
N ASN D 181 19.51 -39.49 10.80
CA ASN D 181 19.59 -40.10 12.13
C ASN D 181 18.35 -39.87 13.02
N PHE D 182 17.42 -39.06 12.57
CA PHE D 182 16.09 -39.11 13.18
C PHE D 182 15.60 -40.56 13.33
N TRP D 183 15.80 -41.37 12.29
CA TRP D 183 15.35 -42.75 12.28
C TRP D 183 16.21 -43.67 13.14
N TYR D 184 17.38 -43.26 13.59
CA TYR D 184 18.25 -44.15 14.38
C TYR D 184 17.92 -43.99 15.85
N GLN D 185 16.75 -44.43 16.23
CA GLN D 185 16.42 -44.46 17.64
C GLN D 185 15.56 -45.66 17.95
N PRO D 186 15.84 -46.33 19.06
CA PRO D 186 15.23 -47.59 19.40
C PRO D 186 13.86 -47.45 20.07
N SER D 187 13.51 -46.25 20.55
CA SER D 187 12.19 -46.03 21.13
C SER D 187 11.68 -44.62 20.86
N PHE D 188 11.33 -44.36 19.60
CA PHE D 188 10.50 -43.21 19.26
C PHE D 188 9.04 -43.49 19.71
N HIS D 189 8.63 -42.90 20.84
CA HIS D 189 7.32 -43.21 21.43
C HIS D 189 7.09 -44.72 21.48
N GLY D 190 8.13 -45.45 21.87
CA GLY D 190 8.07 -46.90 21.97
C GLY D 190 8.41 -47.69 20.72
N VAL D 191 8.70 -47.02 19.61
CA VAL D 191 8.93 -47.72 18.36
C VAL D 191 10.39 -47.62 17.93
N ASP D 192 10.97 -48.77 17.59
CA ASP D 192 12.35 -48.83 17.10
C ASP D 192 12.27 -48.47 15.64
N LEU D 193 12.78 -47.29 15.29
CA LEU D 193 12.80 -46.80 13.91
C LEU D 193 14.06 -47.12 13.14
N SER D 194 15.06 -47.69 13.81
N SER D 194 15.06 -47.69 13.83
CA SER D 194 16.41 -47.82 13.25
CA SER D 194 16.41 -47.90 13.29
C SER D 194 16.49 -48.52 11.88
C SER D 194 16.47 -48.51 11.89
N ALA D 195 15.58 -49.45 11.62
CA ALA D 195 15.60 -50.19 10.31
C ALA D 195 15.42 -49.33 9.07
N LEU D 196 14.95 -48.09 9.21
CA LEU D 196 14.76 -47.20 8.07
C LEU D 196 15.85 -46.16 7.89
N ARG D 197 16.87 -46.18 8.74
CA ARG D 197 17.90 -45.14 8.66
C ARG D 197 18.60 -45.15 7.30
N GLY D 198 18.97 -46.32 6.82
CA GLY D 198 19.62 -46.50 5.53
C GLY D 198 18.84 -45.93 4.36
N ALA D 199 17.54 -46.23 4.32
CA ALA D 199 16.66 -45.74 3.29
C ALA D 199 16.54 -44.22 3.37
N ALA D 200 16.56 -43.67 4.58
CA ALA D 200 16.51 -42.21 4.77
C ALA D 200 17.73 -41.53 4.19
N VAL D 201 18.90 -42.09 4.48
CA VAL D 201 20.18 -41.59 3.93
C VAL D 201 20.15 -41.56 2.40
N ASP D 202 19.86 -42.70 1.79
CA ASP D 202 19.73 -42.80 0.35
C ASP D 202 18.78 -41.77 -0.23
N GLU D 203 17.69 -41.48 0.45
CA GLU D 203 16.70 -40.53 -0.06
C GLU D 203 17.27 -39.11 -0.16
N TYR D 204 17.98 -38.67 0.87
CA TYR D 204 18.54 -37.34 0.88
C TYR D 204 19.66 -37.17 -0.18
N PHE D 205 20.45 -38.22 -0.34
CA PHE D 205 21.54 -38.20 -1.30
C PHE D 205 21.08 -38.23 -2.76
N ARG D 206 19.87 -38.69 -3.03
CA ARG D 206 19.33 -38.62 -4.39
C ARG D 206 18.89 -37.21 -4.82
N GLN D 207 18.86 -36.28 -3.86
N GLN D 207 18.89 -36.27 -3.88
CA GLN D 207 18.39 -34.91 -4.10
CA GLN D 207 18.38 -34.91 -4.12
C GLN D 207 19.59 -34.00 -4.28
C GLN D 207 19.53 -33.94 -4.27
N PRO D 208 19.72 -33.38 -5.47
CA PRO D 208 20.68 -32.31 -5.62
C PRO D 208 20.27 -31.10 -4.78
N VAL D 209 21.27 -30.37 -4.31
CA VAL D 209 21.08 -29.31 -3.35
C VAL D 209 21.07 -27.93 -4.05
N VAL D 210 19.92 -27.27 -4.04
CA VAL D 210 19.82 -25.92 -4.61
C VAL D 210 20.04 -24.87 -3.52
N ASP D 211 21.18 -24.20 -3.67
CA ASP D 211 21.51 -23.03 -2.90
C ASP D 211 22.79 -22.42 -3.48
N THR D 212 23.33 -21.45 -2.76
CA THR D 212 24.55 -20.79 -3.19
C THR D 212 25.57 -21.05 -2.12
N PHE D 213 26.82 -20.66 -2.37
CA PHE D 213 27.89 -21.00 -1.46
C PHE D 213 29.02 -20.04 -1.72
N ASP D 214 29.93 -19.95 -0.77
CA ASP D 214 31.19 -19.23 -0.97
C ASP D 214 32.07 -19.96 -1.98
N ILE D 215 32.67 -19.21 -2.89
CA ILE D 215 33.57 -19.80 -3.92
C ILE D 215 34.74 -20.60 -3.39
N ARG D 216 35.07 -20.43 -2.11
CA ARG D 216 36.25 -21.10 -1.54
C ARG D 216 36.08 -22.58 -1.26
N ILE D 217 34.86 -23.08 -1.39
CA ILE D 217 34.61 -24.52 -1.31
C ILE D 217 35.11 -25.21 -2.57
N LEU D 218 35.23 -24.46 -3.65
CA LEU D 218 35.59 -25.05 -4.95
C LEU D 218 37.08 -25.41 -4.97
N MET D 219 37.39 -26.59 -5.47
CA MET D 219 38.73 -27.16 -5.35
C MET D 219 39.48 -27.26 -6.68
N ALA D 220 38.83 -26.83 -7.75
CA ALA D 220 39.44 -26.82 -9.06
C ALA D 220 38.65 -25.93 -9.97
N LYS D 221 39.31 -25.57 -11.07
CA LYS D 221 38.68 -24.85 -12.13
C LYS D 221 37.57 -25.70 -12.75
N SER D 222 36.47 -25.06 -13.10
CA SER D 222 35.34 -25.76 -13.66
C SER D 222 35.70 -26.34 -15.01
N VAL D 223 34.96 -27.37 -15.38
CA VAL D 223 35.04 -27.91 -16.71
C VAL D 223 33.71 -27.52 -17.30
N LYS D 224 33.69 -27.17 -18.58
CA LYS D 224 32.41 -26.86 -19.17
C LYS D 224 32.04 -27.76 -20.31
N TYR D 225 30.74 -27.90 -20.47
CA TYR D 225 30.17 -28.58 -21.58
C TYR D 225 29.33 -27.54 -22.31
N THR D 226 29.56 -27.41 -23.62
CA THR D 226 28.95 -26.34 -24.38
C THR D 226 27.91 -26.89 -25.32
N VAL D 227 26.80 -26.18 -25.44
CA VAL D 227 25.79 -26.48 -26.41
C VAL D 227 25.62 -25.25 -27.29
N ASN D 228 25.80 -25.46 -28.59
CA ASN D 228 25.61 -24.41 -29.55
C ASN D 228 24.21 -24.53 -30.07
N PHE D 229 23.37 -23.56 -29.74
CA PHE D 229 21.95 -23.64 -30.11
C PHE D 229 21.73 -23.45 -31.63
N LEU D 230 22.66 -22.85 -32.34
CA LEU D 230 22.52 -22.78 -33.84
C LEU D 230 22.74 -24.12 -34.53
N GLU D 231 23.52 -25.00 -33.89
CA GLU D 231 23.90 -26.31 -34.45
C GLU D 231 23.20 -27.53 -33.85
N ALA D 232 22.92 -27.50 -32.54
CA ALA D 232 22.39 -28.66 -31.84
C ALA D 232 20.99 -29.10 -32.34
N LYS D 233 20.72 -30.40 -32.24
CA LYS D 233 19.40 -30.95 -32.52
C LYS D 233 18.78 -31.35 -31.18
N GLU D 234 17.45 -31.44 -31.13
CA GLU D 234 16.75 -31.94 -29.96
C GLU D 234 17.44 -33.17 -29.41
N GLY D 235 17.63 -34.17 -30.28
CA GLY D 235 18.20 -35.46 -29.88
C GLY D 235 19.50 -35.35 -29.10
N ASP D 236 20.30 -34.34 -29.40
CA ASP D 236 21.56 -34.11 -28.68
C ASP D 236 21.42 -33.91 -27.16
N LEU D 237 20.22 -33.59 -26.70
CA LEU D 237 20.02 -33.36 -25.25
C LEU D 237 19.41 -34.53 -24.49
N HIS D 238 19.12 -35.63 -25.17
CA HIS D 238 18.51 -36.81 -24.54
C HIS D 238 19.48 -37.56 -23.62
N ARG D 239 20.75 -37.54 -23.99
CA ARG D 239 21.79 -38.22 -23.24
C ARG D 239 22.95 -37.30 -23.33
N ILE D 240 23.25 -36.63 -22.23
CA ILE D 240 24.29 -35.64 -22.21
C ILE D 240 25.43 -36.20 -21.41
N GLU D 241 26.54 -36.44 -22.12
CA GLU D 241 27.72 -37.01 -21.48
C GLU D 241 28.74 -35.92 -21.29
N ILE D 242 29.10 -35.67 -20.04
CA ILE D 242 29.99 -34.61 -19.65
C ILE D 242 31.16 -35.29 -18.99
N PRO D 243 32.27 -35.45 -19.74
CA PRO D 243 33.45 -36.00 -19.14
C PRO D 243 34.11 -34.89 -18.39
N PHE D 244 34.88 -35.24 -17.38
CA PHE D 244 35.67 -34.24 -16.69
C PHE D 244 36.98 -34.83 -16.24
N LYS D 245 37.99 -33.97 -16.25
CA LYS D 245 39.26 -34.23 -15.61
C LYS D 245 39.64 -32.92 -14.91
N PHE D 246 39.56 -32.92 -13.59
CA PHE D 246 39.90 -31.72 -12.79
C PHE D 246 41.35 -31.81 -12.34
N HIS D 247 42.09 -30.75 -12.62
CA HIS D 247 43.43 -30.62 -12.08
C HIS D 247 43.22 -29.89 -10.76
N MET D 248 43.50 -30.59 -9.67
CA MET D 248 43.14 -30.13 -8.36
C MET D 248 44.03 -28.98 -7.95
N LEU D 249 43.40 -27.89 -7.50
CA LEU D 249 44.11 -26.71 -7.02
C LEU D 249 44.29 -26.72 -5.50
N HIS D 250 43.44 -27.49 -4.79
CA HIS D 250 43.56 -27.63 -3.33
C HIS D 250 43.43 -29.06 -2.86
N SER D 251 43.97 -29.33 -1.69
CA SER D 251 43.94 -30.66 -1.11
C SER D 251 42.83 -30.71 -0.07
N GLY D 252 42.08 -31.80 -0.05
CA GLY D 252 40.96 -31.93 0.91
C GLY D 252 40.07 -33.07 0.50
N LEU D 253 38.97 -33.29 1.26
CA LEU D 253 37.94 -34.24 0.88
C LEU D 253 36.97 -33.58 -0.09
N VAL D 254 36.75 -34.23 -1.23
CA VAL D 254 35.83 -33.78 -2.25
C VAL D 254 34.48 -34.43 -1.97
N HIS D 255 33.47 -33.62 -1.63
CA HIS D 255 32.16 -34.18 -1.23
C HIS D 255 31.18 -34.30 -2.38
N GLY D 256 31.53 -33.75 -3.53
CA GLY D 256 30.68 -33.83 -4.70
C GLY D 256 31.04 -32.75 -5.70
N LEU D 257 30.12 -32.52 -6.63
CA LEU D 257 30.31 -31.55 -7.71
C LEU D 257 29.29 -30.43 -7.68
N ALA D 258 29.81 -29.21 -7.88
CA ALA D 258 29.00 -28.00 -8.02
C ALA D 258 28.73 -27.66 -9.48
N PHE D 259 27.49 -27.27 -9.78
CA PHE D 259 27.08 -26.93 -11.14
C PHE D 259 26.53 -25.50 -11.23
N TRP D 260 26.88 -24.82 -12.30
CA TRP D 260 26.20 -23.60 -12.71
C TRP D 260 26.26 -23.47 -14.23
N PHE D 261 25.73 -22.37 -14.77
CA PHE D 261 25.69 -22.18 -16.20
C PHE D 261 25.63 -20.73 -16.63
N ASP D 262 26.14 -20.52 -17.86
CA ASP D 262 26.11 -19.24 -18.55
C ASP D 262 25.49 -19.44 -19.91
N VAL D 263 24.97 -18.35 -20.48
CA VAL D 263 24.50 -18.34 -21.86
C VAL D 263 25.04 -17.09 -22.52
N ALA D 264 25.21 -17.15 -23.83
CA ALA D 264 25.71 -16.01 -24.58
C ALA D 264 24.75 -15.67 -25.71
N PHE D 265 24.59 -14.35 -25.88
CA PHE D 265 23.80 -13.76 -26.95
C PHE D 265 24.83 -13.17 -27.90
N ILE D 266 25.10 -13.92 -28.96
CA ILE D 266 26.11 -13.58 -29.95
C ILE D 266 25.41 -12.81 -31.08
N GLY D 267 25.45 -11.48 -30.98
CA GLY D 267 24.73 -10.61 -31.91
C GLY D 267 25.65 -10.02 -32.97
N SER D 268 25.09 -9.32 -33.94
CA SER D 268 25.90 -8.71 -35.01
C SER D 268 26.80 -7.62 -34.46
N ILE D 269 26.35 -6.93 -33.43
CA ILE D 269 27.09 -5.80 -32.84
C ILE D 269 27.95 -6.21 -31.66
N MET D 270 27.43 -7.05 -30.78
CA MET D 270 28.22 -7.51 -29.66
C MET D 270 27.72 -8.80 -29.03
N THR D 271 28.57 -9.35 -28.17
CA THR D 271 28.28 -10.58 -27.46
C THR D 271 28.08 -10.29 -25.97
N VAL D 272 26.86 -10.54 -25.51
CA VAL D 272 26.48 -10.31 -24.12
C VAL D 272 26.35 -11.65 -23.39
N TRP D 273 26.89 -11.71 -22.18
CA TRP D 273 26.83 -12.91 -21.33
C TRP D 273 25.87 -12.78 -20.15
N LEU D 274 25.07 -13.82 -19.94
CA LEU D 274 24.33 -14.02 -18.69
C LEU D 274 24.98 -15.17 -17.92
N SER D 275 25.58 -14.88 -16.76
CA SER D 275 26.17 -15.94 -15.93
C SER D 275 25.39 -16.20 -14.62
N THR D 276 25.35 -17.47 -14.20
CA THR D 276 24.77 -17.88 -12.90
C THR D 276 25.85 -18.45 -11.99
N ALA D 277 27.10 -18.12 -12.32
CA ALA D 277 28.24 -18.57 -11.56
C ALA D 277 28.26 -17.98 -10.16
N PRO D 278 28.90 -18.69 -9.20
CA PRO D 278 28.96 -18.25 -7.81
C PRO D 278 29.93 -17.09 -7.56
N THR D 279 30.71 -16.74 -8.57
CA THR D 279 31.48 -15.49 -8.58
C THR D 279 30.66 -14.27 -8.98
N GLU D 280 29.44 -14.49 -9.43
CA GLU D 280 28.57 -13.41 -9.90
C GLU D 280 27.42 -13.18 -8.92
N PRO D 281 26.74 -12.02 -9.02
CA PRO D 281 25.56 -11.81 -8.21
C PRO D 281 24.50 -12.92 -8.37
N LEU D 282 23.82 -13.22 -7.27
CA LEU D 282 22.86 -14.31 -7.24
C LEU D 282 21.71 -14.13 -8.24
N THR D 283 21.36 -15.21 -8.93
CA THR D 283 20.14 -15.24 -9.73
C THR D 283 19.14 -16.18 -9.08
N HIS D 284 17.94 -16.23 -9.65
CA HIS D 284 16.92 -17.15 -9.16
C HIS D 284 17.26 -18.62 -9.46
N TRP D 285 18.30 -18.87 -10.27
CA TRP D 285 18.80 -20.23 -10.47
C TRP D 285 19.75 -20.72 -9.39
N TYR D 286 20.24 -19.81 -8.53
CA TYR D 286 21.22 -20.14 -7.50
C TYR D 286 22.35 -20.97 -8.12
N GLN D 287 22.79 -22.01 -7.42
CA GLN D 287 23.65 -23.03 -7.99
C GLN D 287 23.16 -24.40 -7.56
N VAL D 288 23.75 -25.43 -8.13
CA VAL D 288 23.35 -26.78 -7.81
C VAL D 288 24.55 -27.59 -7.38
N ARG D 289 24.41 -28.31 -6.27
CA ARG D 289 25.40 -29.30 -5.88
C ARG D 289 24.85 -30.69 -5.74
N CYS D 290 25.54 -31.64 -6.36
CA CYS D 290 25.29 -33.06 -6.23
C CYS D 290 26.37 -33.69 -5.39
N LEU D 291 26.01 -34.24 -4.23
CA LEU D 291 26.95 -34.97 -3.39
C LEU D 291 27.43 -36.31 -3.96
N PHE D 292 28.67 -36.66 -3.63
CA PHE D 292 29.10 -38.07 -3.72
C PHE D 292 28.66 -38.79 -2.46
N GLN D 293 28.35 -40.07 -2.62
CA GLN D 293 27.91 -40.92 -1.53
C GLN D 293 29.00 -41.12 -0.47
N SER D 294 30.23 -41.33 -0.94
CA SER D 294 31.42 -41.27 -0.10
C SER D 294 32.38 -40.24 -0.67
N PRO D 295 32.96 -39.41 0.20
CA PRO D 295 33.88 -38.41 -0.27
C PRO D 295 35.20 -39.03 -0.71
N LEU D 296 35.93 -38.32 -1.57
CA LEU D 296 37.23 -38.74 -2.08
C LEU D 296 38.32 -37.79 -1.59
N PHE D 297 39.40 -38.31 -1.01
CA PHE D 297 40.55 -37.46 -0.68
C PHE D 297 41.36 -37.15 -1.94
N ALA D 298 41.68 -35.87 -2.11
CA ALA D 298 42.51 -35.42 -3.21
C ALA D 298 43.58 -34.43 -2.73
N LYS D 299 44.76 -34.47 -3.38
CA LYS D 299 45.84 -33.53 -3.11
C LYS D 299 45.83 -32.53 -4.26
N ALA D 300 46.23 -31.29 -4.01
CA ALA D 300 46.40 -30.37 -5.13
C ALA D 300 47.43 -31.04 -6.02
N GLY D 301 47.23 -30.92 -7.33
CA GLY D 301 48.11 -31.59 -8.31
C GLY D 301 47.59 -32.94 -8.82
N ASP D 302 46.74 -33.60 -8.03
CA ASP D 302 46.03 -34.80 -8.50
C ASP D 302 45.01 -34.42 -9.55
N THR D 303 44.53 -35.44 -10.25
CA THR D 303 43.47 -35.31 -11.24
C THR D 303 42.27 -36.12 -10.75
N LEU D 304 41.10 -35.51 -10.80
CA LEU D 304 39.85 -36.20 -10.44
C LEU D 304 39.10 -36.32 -11.76
N SER D 305 38.95 -37.54 -12.23
CA SER D 305 38.38 -37.76 -13.55
C SER D 305 37.09 -38.57 -13.45
N GLY D 306 36.24 -38.44 -14.45
CA GLY D 306 35.05 -39.23 -14.52
C GLY D 306 34.07 -38.64 -15.49
N THR D 307 32.80 -38.99 -15.29
CA THR D 307 31.77 -38.48 -16.17
C THR D 307 30.50 -38.11 -15.39
N CYS D 308 29.83 -37.08 -15.86
CA CYS D 308 28.50 -36.75 -15.39
C CYS D 308 27.57 -37.08 -16.53
N LEU D 309 26.67 -38.02 -16.30
CA LEU D 309 25.80 -38.46 -17.35
C LEU D 309 24.34 -38.05 -17.06
N LEU D 310 23.76 -37.25 -17.94
CA LEU D 310 22.39 -36.82 -17.76
C LEU D 310 21.50 -37.51 -18.75
N ILE D 311 20.55 -38.27 -18.22
CA ILE D 311 19.66 -39.07 -19.02
C ILE D 311 18.25 -38.53 -18.88
N ALA D 312 17.67 -38.09 -19.99
CA ALA D 312 16.37 -37.49 -19.98
C ALA D 312 15.29 -38.48 -19.58
N ASN D 313 14.28 -37.99 -18.89
CA ASN D 313 13.13 -38.81 -18.57
C ASN D 313 11.88 -38.09 -19.03
N LYS D 314 10.76 -38.79 -18.95
CA LYS D 314 9.50 -38.27 -19.39
C LYS D 314 8.85 -37.29 -18.40
N ARG D 315 9.58 -36.91 -17.35
CA ARG D 315 9.07 -35.94 -16.37
C ARG D 315 9.77 -34.60 -16.52
N GLN D 316 10.13 -34.28 -17.75
CA GLN D 316 10.71 -32.98 -18.07
C GLN D 316 11.95 -32.71 -17.26
N SER D 317 12.77 -33.74 -17.09
CA SER D 317 13.98 -33.62 -16.29
C SER D 317 14.95 -34.75 -16.64
N TYR D 318 15.93 -34.96 -15.76
CA TYR D 318 17.04 -35.85 -15.97
C TYR D 318 17.33 -36.68 -14.76
N ASP D 319 17.70 -37.92 -15.02
CA ASP D 319 18.43 -38.74 -14.06
C ASP D 319 19.94 -38.47 -14.22
N ILE D 320 20.57 -38.17 -13.11
CA ILE D 320 21.97 -37.77 -13.09
C ILE D 320 22.75 -38.93 -12.56
N SER D 321 23.67 -39.43 -13.36
CA SER D 321 24.64 -40.41 -12.91
C SER D 321 26.01 -39.73 -12.90
N ILE D 322 26.67 -39.83 -11.76
CA ILE D 322 27.98 -39.23 -11.57
C ILE D 322 28.95 -40.29 -11.07
N VAL D 323 30.09 -40.43 -11.74
CA VAL D 323 31.14 -41.34 -11.31
C VAL D 323 32.42 -40.54 -11.32
N ALA D 324 33.19 -40.65 -10.26
CA ALA D 324 34.46 -39.90 -10.19
C ALA D 324 35.53 -40.72 -9.55
N GLN D 325 36.77 -40.43 -9.93
CA GLN D 325 37.92 -41.05 -9.29
C GLN D 325 39.18 -40.22 -9.33
N VAL D 326 39.96 -40.37 -8.26
CA VAL D 326 41.27 -39.75 -8.13
C VAL D 326 42.27 -40.67 -8.82
N ASP D 327 42.74 -40.23 -9.99
CA ASP D 327 43.58 -41.06 -10.85
C ASP D 327 44.79 -41.63 -10.10
N GLN D 328 45.42 -40.81 -9.27
CA GLN D 328 46.67 -41.18 -8.59
C GLN D 328 46.49 -42.23 -7.51
N THR D 329 45.29 -42.33 -6.94
CA THR D 329 45.04 -43.33 -5.89
C THR D 329 44.05 -44.39 -6.29
N GLY D 330 43.29 -44.15 -7.36
CA GLY D 330 42.19 -45.06 -7.72
C GLY D 330 40.91 -44.97 -6.86
N SER D 331 40.92 -44.09 -5.85
N SER D 331 40.91 -44.12 -5.84
CA SER D 331 39.75 -43.91 -4.98
CA SER D 331 39.73 -43.98 -4.99
C SER D 331 38.58 -43.41 -5.83
C SER D 331 38.59 -43.42 -5.82
N LYS D 332 37.41 -44.01 -5.66
CA LYS D 332 36.28 -43.73 -6.52
C LYS D 332 34.92 -43.71 -5.80
N SER D 333 34.06 -42.81 -6.25
N SER D 333 33.99 -42.89 -6.30
CA SER D 333 32.75 -42.67 -5.67
CA SER D 333 32.59 -42.93 -5.84
C SER D 333 31.78 -42.39 -6.79
C SER D 333 31.60 -42.81 -7.01
N SER D 334 30.51 -42.48 -6.46
N SER D 334 30.44 -43.44 -6.84
CA SER D 334 29.47 -42.19 -7.41
CA SER D 334 29.40 -43.45 -7.87
C SER D 334 28.23 -41.74 -6.70
C SER D 334 28.05 -43.12 -7.24
N ASN D 335 27.31 -41.17 -7.47
N ASN D 335 27.29 -42.23 -7.88
CA ASN D 335 25.94 -41.05 -6.99
CA ASN D 335 26.07 -41.70 -7.26
C ASN D 335 25.01 -41.15 -8.17
C ASN D 335 25.01 -41.34 -8.27
N LEU D 336 23.76 -41.42 -7.84
CA LEU D 336 22.63 -41.30 -8.73
C LEU D 336 21.70 -40.28 -8.16
N LEU D 337 21.26 -39.32 -8.97
CA LEU D 337 20.40 -38.27 -8.44
C LEU D 337 19.21 -37.98 -9.35
N ASP D 338 18.11 -37.56 -8.73
CA ASP D 338 16.88 -37.22 -9.44
C ASP D 338 16.76 -35.70 -9.53
N LEU D 339 17.00 -35.15 -10.70
CA LEU D 339 16.99 -33.69 -10.86
C LEU D 339 15.59 -33.07 -10.64
N LYS D 340 14.53 -33.82 -10.94
CA LYS D 340 13.15 -33.37 -10.66
C LYS D 340 12.85 -33.05 -9.18
N ASN D 341 13.57 -33.68 -8.25
CA ASN D 341 13.24 -33.61 -6.82
C ASN D 341 14.39 -32.98 -5.99
N PRO D 342 14.79 -31.74 -6.33
CA PRO D 342 15.94 -31.13 -5.66
C PRO D 342 15.58 -30.65 -4.27
N PHE D 343 16.56 -30.47 -3.41
CA PHE D 343 16.33 -29.93 -2.10
C PHE D 343 16.69 -28.45 -2.14
N PHE D 344 15.68 -27.58 -1.99
N PHE D 344 15.69 -27.57 -1.99
CA PHE D 344 15.89 -26.13 -1.94
CA PHE D 344 15.93 -26.13 -1.91
C PHE D 344 16.33 -25.76 -0.51
C PHE D 344 16.34 -25.77 -0.50
N ARG D 345 17.64 -25.61 -0.31
CA ARG D 345 18.22 -25.42 1.03
C ARG D 345 18.51 -23.96 1.44
N TYR D 346 18.43 -23.03 0.49
CA TYR D 346 18.87 -21.64 0.68
C TYR D 346 18.24 -20.89 1.88
N THR D 347 19.03 -20.01 2.52
CA THR D 347 18.72 -19.36 3.81
C THR D 347 17.71 -20.13 4.65
N ALA E 10 -9.82 26.52 5.27
CA ALA E 10 -10.55 25.21 5.15
C ALA E 10 -11.92 25.28 5.84
N PRO E 11 -13.03 25.26 5.06
CA PRO E 11 -14.38 25.19 5.63
C PRO E 11 -14.58 24.03 6.61
CAA NMM E 12 -21.14 21.92 5.11
NH2 NMM E 12 -20.71 20.67 5.72
CZ NMM E 12 -19.49 20.44 6.29
NH1 NMM E 12 -19.25 19.31 6.78
NE NMM E 12 -18.55 21.42 6.34
CD NMM E 12 -17.23 21.24 6.92
CG NMM E 12 -16.25 20.73 5.85
CB NMM E 12 -14.82 20.49 6.34
CA NMM E 12 -14.22 21.66 7.14
C NMM E 12 -12.88 21.30 7.74
O NMM E 12 -11.90 21.14 7.00
N NMM E 12 -14.11 22.83 6.26
N PRO E 13 -12.79 21.22 9.08
CA PRO E 13 -11.57 20.80 9.78
C PRO E 13 -11.10 19.39 9.40
N PRO E 14 -9.78 19.15 9.40
CA PRO E 14 -9.28 17.78 9.23
C PRO E 14 -9.71 16.88 10.37
N PHE E 15 -9.86 15.59 10.07
CA PHE E 15 -10.33 14.66 11.06
C PHE E 15 -9.76 13.28 10.81
N SER E 16 -9.43 12.57 11.90
CA SER E 16 -9.02 11.16 11.81
C SER E 16 -9.35 10.41 13.10
N ALA F 10 -2.23 28.73 2.47
CA ALA F 10 -0.88 28.87 3.11
C ALA F 10 0.25 28.94 2.06
N PRO F 11 0.58 30.16 1.60
CA PRO F 11 1.84 30.35 0.90
C PRO F 11 3.05 29.82 1.70
CAA NMM F 12 7.64 34.72 -0.07
NH2 NMM F 12 8.38 34.34 1.14
CZ NMM F 12 8.02 33.35 1.97
NH1 NMM F 12 8.71 33.10 2.99
NE NMM F 12 6.93 32.60 1.72
CD NMM F 12 6.50 31.54 2.61
CG NMM F 12 5.48 32.11 3.59
CB NMM F 12 4.90 31.09 4.55
CA NMM F 12 4.32 29.88 3.81
C NMM F 12 3.90 28.87 4.85
O NMM F 12 2.88 29.07 5.55
N NMM F 12 3.22 30.29 2.93
N PRO F 13 4.66 27.76 4.99
CA PRO F 13 4.36 26.76 6.04
C PRO F 13 4.73 27.22 7.46
N PRO F 14 3.85 26.94 8.46
CA PRO F 14 4.13 27.31 9.87
C PRO F 14 5.34 26.60 10.47
N PHE F 15 6.27 27.38 11.03
CA PHE F 15 7.47 26.84 11.66
C PHE F 15 7.27 26.52 13.16
N ALA G 10 8.55 -26.87 -7.69
CA ALA G 10 8.95 -25.56 -8.29
C ALA G 10 10.06 -25.76 -9.31
N PRO G 11 9.74 -25.70 -10.61
CA PRO G 11 10.77 -25.65 -11.65
C PRO G 11 11.77 -24.52 -11.39
CAA NMM G 12 13.10 -22.25 -17.85
NH2 NMM G 12 13.40 -20.98 -17.20
CZ NMM G 12 13.42 -20.79 -15.88
NH1 NMM G 12 13.66 -19.64 -15.43
NE NMM G 12 13.17 -21.81 -15.03
CD NMM G 12 13.15 -21.67 -13.58
CG NMM G 12 11.76 -21.24 -13.12
CB NMM G 12 11.61 -20.98 -11.64
CA NMM G 12 12.08 -22.16 -10.81
C NMM G 12 11.98 -21.87 -9.33
O NMM G 12 10.87 -21.71 -8.79
N NMM G 12 11.26 -23.34 -11.12
N PRO G 13 13.13 -21.82 -8.63
CA PRO G 13 13.11 -21.59 -7.17
C PRO G 13 12.70 -20.17 -6.82
N PRO G 14 12.07 -20.01 -5.65
CA PRO G 14 11.66 -18.67 -5.24
C PRO G 14 12.91 -17.84 -5.00
N PHE G 15 12.84 -16.55 -5.37
CA PHE G 15 13.98 -15.65 -5.32
C PHE G 15 13.58 -14.25 -4.86
N SER G 16 14.44 -13.64 -4.05
CA SER G 16 14.36 -12.21 -3.72
C SER G 16 15.67 -11.49 -4.02
N SFG H . -23.27 15.33 0.49
CA SFG H . -21.85 15.06 0.66
C SFG H . -21.68 14.26 1.94
O SFG H . -20.62 13.65 2.13
OXT SFG H . -22.64 14.18 2.76
CB SFG H . -21.08 16.38 0.62
CG SFG H . -21.61 17.35 1.68
CD SFG H . -20.82 18.63 1.89
NE SFG H . -20.99 18.91 3.30
C5' SFG H . -21.38 19.83 1.12
C4' SFG H . -21.28 19.81 -0.40
O4' SFG H . -22.19 20.78 -0.89
C3' SFG H . -19.93 20.20 -1.01
O3' SFG H . -19.53 19.19 -1.94
C2' SFG H . -20.18 21.52 -1.72
O2' SFG H . -19.40 21.72 -2.92
C1' SFG H . -21.69 21.47 -1.98
N9 SFG H . -22.37 22.78 -2.03
C8 SFG H . -22.25 23.80 -1.17
N7 SFG H . -23.02 24.87 -1.52
C5 SFG H . -23.64 24.50 -2.64
C6 SFG H . -24.57 25.16 -3.53
N6 SFG H . -24.97 26.41 -3.25
N1 SFG H . -25.00 24.49 -4.59
C2 SFG H . -24.60 23.22 -4.87
N3 SFG H . -23.73 22.56 -4.10
C4 SFG H . -23.21 23.16 -2.99
C1 GOL I . -29.21 15.36 21.27
O1 GOL I . -28.61 14.12 20.88
C2 GOL I . -30.70 15.17 21.51
O2 GOL I . -30.93 13.91 22.16
C3 GOL I . -31.25 16.29 22.38
O3 GOL I . -32.64 16.08 22.60
N SFG J . 10.02 41.33 3.93
CA SFG J . 9.28 40.66 5.00
C SFG J . 10.22 39.73 5.74
O SFG J . 11.25 39.27 5.21
OXT SFG J . 9.95 39.42 6.89
CB SFG J . 8.04 39.91 4.47
CG SFG J . 8.33 38.90 3.36
CD SFG J . 7.15 38.07 2.87
NE SFG J . 7.73 36.80 2.53
C5' SFG J . 6.56 38.49 1.52
C4' SFG J . 5.79 39.80 1.61
O4' SFG J . 5.72 40.35 0.30
C3' SFG J . 4.36 39.60 2.09
O3' SFG J . 4.15 40.51 3.16
C2' SFG J . 3.47 39.92 0.90
O2' SFG J . 2.24 40.55 1.29
C1' SFG J . 4.39 40.83 0.10
N9 SFG J . 4.13 40.82 -1.36
C8 SFG J . 3.99 39.74 -2.15
N7 SFG J . 3.80 40.13 -3.42
C5 SFG J . 3.83 41.47 -3.44
C6 SFG J . 3.69 42.51 -4.46
N6 SFG J . 3.46 42.18 -5.76
N1 SFG J . 3.82 43.79 -4.05
C2 SFG J . 4.03 44.14 -2.77
N3 SFG J . 4.16 43.23 -1.79
C4 SFG J . 4.07 41.91 -2.08
C1 GOL K . 27.02 26.97 -1.88
O1 GOL K . 25.87 26.36 -2.48
C2 GOL K . 26.85 27.12 -0.37
O2 GOL K . 27.68 26.18 0.29
C3 GOL K . 25.41 26.85 0.08
O3 GOL K . 25.33 27.00 1.49
N SFG L . -0.88 -42.17 10.06
CA SFG L . 0.43 -41.61 9.81
C SFG L . 0.80 -40.74 10.99
O SFG L . 1.99 -40.41 11.13
OXT SFG L . -0.11 -40.39 11.78
CB SFG L . 0.47 -40.83 8.50
CG SFG L . -0.67 -39.82 8.39
CD SFG L . -0.69 -38.95 7.15
NE SFG L . -1.22 -37.69 7.57
C5' SFG L . -1.69 -39.37 6.08
C4' SFG L . -1.37 -40.69 5.40
O4' SFG L . -2.54 -41.25 4.80
C3' SFG L . -0.35 -40.58 4.29
O3' SFG L . 0.54 -41.68 4.50
C2' SFG L . -1.12 -40.77 3.01
O2' SFG L . -0.42 -41.41 1.96
C1' SFG L . -2.24 -41.69 3.49
N9 SFG L . -3.48 -41.71 2.71
C8 SFG L . -4.17 -40.63 2.32
N7 SFG L . -5.28 -41.01 1.67
C5 SFG L . -5.32 -42.35 1.65
C6 SFG L . -6.23 -43.37 1.10
N6 SFG L . -7.33 -42.95 0.44
N1 SFG L . -5.93 -44.68 1.27
C2 SFG L . -4.81 -45.04 1.93
N3 SFG L . -3.94 -44.15 2.45
C4 SFG L . -4.14 -42.81 2.34
C1 GOL M . -9.76 -27.64 24.20
O1 GOL M . -9.14 -27.48 22.93
C2 GOL M . -11.17 -28.18 23.99
O2 GOL M . -11.84 -28.25 25.26
C3 GOL M . -11.96 -27.29 23.04
O3 GOL M . -13.33 -27.24 23.43
N SFG N . 9.72 -15.45 -21.58
CA SFG N . 9.36 -15.27 -20.19
C SFG N . 10.44 -14.52 -19.47
O SFG N . 11.61 -14.48 -19.97
OXT SFG N . 10.11 -13.92 -18.42
CB SFG N . 9.07 -16.62 -19.52
CG SFG N . 10.23 -17.60 -19.63
CD SFG N . 9.97 -18.89 -18.85
NE SFG N . 11.21 -19.29 -18.30
C5' SFG N . 9.53 -20.07 -19.72
C4' SFG N . 8.11 -19.97 -20.27
O4' SFG N . 8.07 -20.92 -21.33
C3' SFG N . 6.97 -20.35 -19.30
O3' SFG N . 5.90 -19.38 -19.30
C2' SFG N . 6.47 -21.67 -19.84
O2' SFG N . 5.08 -21.79 -19.70
C1' SFG N . 6.84 -21.60 -21.31
N9 SFG N . 7.02 -22.90 -21.99
C8 SFG N . 7.73 -23.95 -21.56
N7 SFG N . 7.66 -24.96 -22.45
C5 SFG N . 6.89 -24.55 -23.46
C6 SFG N . 6.42 -25.13 -24.72
N6 SFG N . 6.77 -26.40 -25.03
N1 SFG N . 5.64 -24.37 -25.52
C2 SFG N . 5.29 -23.10 -25.19
N3 SFG N . 5.70 -22.50 -24.06
C4 SFG N . 6.47 -23.19 -23.16
#